data_1WOI
#
_entry.id   1WOI
#
_cell.length_a   81.764
_cell.length_b   130.759
_cell.length_c   168.746
_cell.angle_alpha   90.00
_cell.angle_beta   90.00
_cell.angle_gamma   90.00
#
_symmetry.space_group_name_H-M   'P 21 21 21'
#
loop_
_entity.id
_entity.type
_entity.pdbx_description
1 polymer agmatinase
2 non-polymer 'MANGANESE (II) ION'
3 water water
#
_entity_poly.entity_id   1
_entity_poly.type   'polypeptide(L)'
_entity_poly.pdbx_seq_one_letter_code
;MSGPAHLPYGGIPTFARAPLVQPDGDWQADVAALGVPFDIALGFRPGARFAPRALREASLRSVPPFTGLDGKTRLQGVTF
ADAGDVILPSLEPQLAHDRITEAARQVRGRCRVPVFLGGDHSVSYPLLRAFADVPDLHVVQLDAHLDFTDTRNDTKWSNS
SPFRRACEALPNLVHITTVGLRGLRFDPEAVAAARARGHTIIPMDDVTADLAGVLAQLPRGQNVYFSVDVDGFDPAVIPG
TSSPEPDGLTYAQGMKILAAAAANNTVVGLDLVELAPNLDPTGRSELLMARLVMETLCEVFDHVL
;
_entity_poly.pdbx_strand_id   A,B,C,D,E,F
#
loop_
_chem_comp.id
_chem_comp.type
_chem_comp.name
_chem_comp.formula
MN non-polymer 'MANGANESE (II) ION' 'Mn 2'
#
# COMPACT_ATOMS: atom_id res chain seq x y z
N GLY A 3 -24.76 3.19 -29.50
CA GLY A 3 -23.98 1.92 -29.49
C GLY A 3 -23.34 1.64 -28.13
N PRO A 4 -22.59 0.53 -28.01
CA PRO A 4 -21.93 0.15 -26.76
C PRO A 4 -20.99 1.24 -26.21
N ALA A 5 -20.98 1.39 -24.89
CA ALA A 5 -20.14 2.39 -24.23
C ALA A 5 -19.15 1.75 -23.27
N HIS A 6 -17.94 2.28 -23.24
CA HIS A 6 -16.89 1.76 -22.37
C HIS A 6 -17.28 1.83 -20.89
N LEU A 7 -16.64 0.96 -20.11
CA LEU A 7 -16.84 0.92 -18.67
C LEU A 7 -15.77 1.89 -18.19
N PRO A 8 -15.81 2.28 -16.91
CA PRO A 8 -14.79 3.20 -16.38
C PRO A 8 -13.34 2.77 -16.62
N TYR A 9 -13.10 1.46 -16.65
CA TYR A 9 -11.75 0.95 -16.85
C TYR A 9 -11.34 0.80 -18.31
N GLY A 10 -12.20 1.24 -19.23
CA GLY A 10 -11.86 1.13 -20.63
C GLY A 10 -11.73 2.46 -21.35
N GLY A 11 -10.92 2.46 -22.41
CA GLY A 11 -10.72 3.66 -23.20
C GLY A 11 -9.61 4.56 -22.68
N ILE A 12 -9.22 5.52 -23.51
CA ILE A 12 -8.18 6.47 -23.14
C ILE A 12 -8.78 7.49 -22.16
N PRO A 13 -8.12 7.70 -21.02
CA PRO A 13 -8.66 8.66 -20.06
C PRO A 13 -8.51 10.15 -20.39
N THR A 14 -9.61 10.75 -20.84
CA THR A 14 -9.66 12.18 -21.13
C THR A 14 -10.75 12.66 -20.20
N PHE A 15 -10.68 13.91 -19.74
CA PHE A 15 -11.68 14.39 -18.80
C PHE A 15 -13.10 14.29 -19.35
N ALA A 16 -13.98 13.61 -18.60
CA ALA A 16 -15.38 13.42 -18.98
C ALA A 16 -15.47 12.69 -20.32
N ARG A 17 -14.41 11.96 -20.65
CA ARG A 17 -14.30 11.21 -21.89
C ARG A 17 -14.50 12.14 -23.10
N ALA A 18 -14.11 13.39 -22.93
CA ALA A 18 -14.25 14.38 -24.00
C ALA A 18 -13.16 14.21 -25.07
N PRO A 19 -13.42 14.73 -26.28
CA PRO A 19 -12.43 14.62 -27.37
C PRO A 19 -11.18 15.41 -27.05
N LEU A 20 -10.03 14.92 -27.50
CA LEU A 20 -8.76 15.59 -27.24
C LEU A 20 -8.52 16.72 -28.24
N VAL A 21 -8.05 17.86 -27.74
CA VAL A 21 -7.78 19.01 -28.58
C VAL A 21 -6.48 19.68 -28.14
N GLN A 22 -5.97 20.58 -28.98
CA GLN A 22 -4.76 21.33 -28.67
C GLN A 22 -5.20 22.70 -28.18
N PRO A 23 -4.53 23.23 -27.14
CA PRO A 23 -4.86 24.54 -26.57
C PRO A 23 -5.09 25.65 -27.60
N ASP A 24 -4.24 25.71 -28.61
CA ASP A 24 -4.36 26.75 -29.63
C ASP A 24 -4.90 26.20 -30.95
N GLY A 25 -5.66 25.11 -30.86
CA GLY A 25 -6.22 24.50 -32.06
C GLY A 25 -7.53 25.13 -32.49
N ASP A 26 -8.06 24.68 -33.62
CA ASP A 26 -9.33 25.20 -34.13
C ASP A 26 -10.50 24.42 -33.55
N TRP A 27 -10.94 24.80 -32.36
CA TRP A 27 -12.07 24.14 -31.70
C TRP A 27 -12.86 25.08 -30.80
N GLN A 28 -14.05 24.65 -30.43
CA GLN A 28 -14.94 25.40 -29.54
C GLN A 28 -15.76 24.41 -28.74
N ALA A 29 -15.94 24.68 -27.45
CA ALA A 29 -16.72 23.81 -26.59
C ALA A 29 -17.21 24.61 -25.40
N ASP A 30 -18.30 24.17 -24.78
CA ASP A 30 -18.84 24.87 -23.63
C ASP A 30 -17.88 24.75 -22.44
N VAL A 31 -17.32 23.56 -22.28
CA VAL A 31 -16.38 23.27 -21.19
C VAL A 31 -15.10 22.68 -21.74
N ALA A 32 -13.95 23.15 -21.25
CA ALA A 32 -12.67 22.64 -21.69
C ALA A 32 -11.76 22.43 -20.49
N ALA A 33 -11.14 21.26 -20.42
CA ALA A 33 -10.23 20.94 -19.32
C ALA A 33 -8.79 21.11 -19.76
N LEU A 34 -7.95 21.57 -18.83
CA LEU A 34 -6.54 21.75 -19.10
C LEU A 34 -5.82 21.33 -17.83
N GLY A 35 -4.81 20.48 -17.97
CA GLY A 35 -4.07 20.02 -16.81
C GLY A 35 -2.76 20.75 -16.58
N VAL A 36 -2.38 20.85 -15.31
CA VAL A 36 -1.14 21.50 -14.93
C VAL A 36 -0.48 20.59 -13.89
N PRO A 37 0.24 19.57 -14.38
CA PRO A 37 0.94 18.58 -13.54
C PRO A 37 2.21 19.13 -12.89
N PHE A 38 2.02 20.18 -12.10
CA PHE A 38 3.12 20.88 -11.43
C PHE A 38 2.97 20.77 -9.91
N ASP A 39 3.93 20.16 -9.22
CA ASP A 39 3.84 20.05 -7.77
C ASP A 39 5.14 20.36 -7.01
N ILE A 40 6.09 21.01 -7.68
CA ILE A 40 7.35 21.31 -7.03
C ILE A 40 7.35 22.53 -6.10
N ALA A 41 6.22 23.20 -5.98
CA ALA A 41 6.16 24.38 -5.11
C ALA A 41 5.60 24.09 -3.72
N LEU A 42 5.07 22.89 -3.50
CA LEU A 42 4.52 22.59 -2.18
C LEU A 42 5.64 22.32 -1.18
N GLY A 43 5.36 22.49 0.10
CA GLY A 43 6.40 22.30 1.09
C GLY A 43 6.42 20.99 1.86
N PHE A 44 5.51 20.06 1.53
CA PHE A 44 5.49 18.81 2.27
C PHE A 44 5.57 17.55 1.40
N ARG A 45 4.42 16.92 1.16
CA ARG A 45 4.38 15.66 0.41
C ARG A 45 3.98 15.81 -1.06
N PRO A 46 4.89 15.47 -1.99
CA PRO A 46 4.67 15.55 -3.44
C PRO A 46 3.63 14.53 -3.90
N GLY A 47 3.13 14.71 -5.11
CA GLY A 47 2.15 13.79 -5.64
C GLY A 47 1.11 14.43 -6.53
N ALA A 48 0.82 15.71 -6.30
CA ALA A 48 -0.19 16.42 -7.09
C ALA A 48 0.15 16.47 -8.59
N ARG A 49 1.38 16.12 -8.97
CA ARG A 49 1.72 16.15 -10.39
C ARG A 49 0.96 15.04 -11.09
N PHE A 50 0.48 14.05 -10.32
CA PHE A 50 -0.26 12.93 -10.88
C PHE A 50 -1.77 13.15 -10.81
N ALA A 51 -2.19 14.24 -10.20
CA ALA A 51 -3.61 14.50 -10.03
C ALA A 51 -4.40 14.69 -11.34
N PRO A 52 -3.87 15.48 -12.28
CA PRO A 52 -4.60 15.66 -13.54
C PRO A 52 -4.97 14.32 -14.17
N ARG A 53 -3.99 13.42 -14.22
CA ARG A 53 -4.20 12.09 -14.80
C ARG A 53 -5.22 11.29 -13.98
N ALA A 54 -5.07 11.31 -12.66
CA ALA A 54 -6.00 10.58 -11.81
C ALA A 54 -7.42 11.11 -11.93
N LEU A 55 -7.57 12.44 -12.02
CA LEU A 55 -8.88 13.04 -12.14
C LEU A 55 -9.55 12.66 -13.46
N ARG A 56 -8.75 12.52 -14.52
CA ARG A 56 -9.28 12.14 -15.82
C ARG A 56 -9.81 10.72 -15.72
N GLU A 57 -9.00 9.83 -15.16
CA GLU A 57 -9.41 8.44 -15.00
C GLU A 57 -10.68 8.38 -14.16
N ALA A 58 -10.68 9.11 -13.05
CA ALA A 58 -11.85 9.12 -12.16
C ALA A 58 -13.10 9.73 -12.81
N SER A 59 -12.91 10.71 -13.69
CA SER A 59 -14.03 11.37 -14.35
C SER A 59 -14.80 10.41 -15.27
N LEU A 60 -14.18 9.30 -15.64
CA LEU A 60 -14.84 8.33 -16.50
C LEU A 60 -16.04 7.71 -15.77
N ARG A 61 -16.08 7.88 -14.46
CA ARG A 61 -17.19 7.39 -13.65
C ARG A 61 -18.28 8.46 -13.66
N SER A 62 -17.94 9.65 -14.15
CA SER A 62 -18.86 10.77 -14.19
C SER A 62 -18.97 11.43 -15.57
N VAL A 63 -19.32 10.63 -16.58
CA VAL A 63 -19.46 11.16 -17.92
C VAL A 63 -20.85 11.77 -18.09
N PRO A 64 -20.92 13.06 -18.50
CA PRO A 64 -22.19 13.78 -18.70
C PRO A 64 -22.90 13.32 -19.98
N PRO A 65 -24.19 13.66 -20.11
CA PRO A 65 -25.03 14.40 -19.15
C PRO A 65 -25.50 13.50 -18.02
N PHE A 66 -26.15 14.08 -17.02
CA PHE A 66 -26.63 13.31 -15.88
C PHE A 66 -28.14 13.44 -15.64
N THR A 67 -28.82 12.31 -15.57
CA THR A 67 -30.25 12.29 -15.31
C THR A 67 -30.41 11.82 -13.85
N GLY A 68 -30.87 12.72 -12.99
CA GLY A 68 -31.01 12.41 -11.59
C GLY A 68 -32.18 11.53 -11.19
N LEU A 69 -32.26 11.23 -9.90
CA LEU A 69 -33.34 10.40 -9.38
C LEU A 69 -34.69 11.03 -9.71
N ASP A 70 -34.76 12.36 -9.68
CA ASP A 70 -36.00 13.05 -9.98
C ASP A 70 -36.41 12.92 -11.45
N GLY A 71 -35.50 12.46 -12.29
CA GLY A 71 -35.83 12.30 -13.69
C GLY A 71 -35.34 13.42 -14.60
N LYS A 72 -34.90 14.52 -13.99
CA LYS A 72 -34.41 15.67 -14.75
C LYS A 72 -32.99 15.41 -15.22
N THR A 73 -32.60 16.03 -16.34
CA THR A 73 -31.26 15.86 -16.90
C THR A 73 -30.47 17.17 -16.88
N ARG A 74 -29.21 17.09 -16.47
CA ARG A 74 -28.36 18.27 -16.43
C ARG A 74 -27.18 18.10 -17.37
N LEU A 75 -26.70 19.22 -17.92
CA LEU A 75 -25.60 19.24 -18.87
C LEU A 75 -26.00 18.64 -20.22
N GLN A 76 -27.29 18.59 -20.48
CA GLN A 76 -27.76 18.05 -21.76
C GLN A 76 -27.33 19.01 -22.87
N GLY A 77 -26.62 18.48 -23.86
CA GLY A 77 -26.17 19.32 -24.95
C GLY A 77 -24.96 20.18 -24.63
N VAL A 78 -24.43 20.05 -23.42
CA VAL A 78 -23.25 20.82 -23.05
C VAL A 78 -22.02 20.08 -23.58
N THR A 79 -21.28 20.72 -24.48
CA THR A 79 -20.10 20.10 -25.08
C THR A 79 -18.84 20.24 -24.24
N PHE A 80 -18.00 19.21 -24.29
CA PHE A 80 -16.74 19.17 -23.55
C PHE A 80 -15.55 18.92 -24.47
N ALA A 81 -14.37 19.29 -23.99
CA ALA A 81 -13.12 19.08 -24.73
C ALA A 81 -12.01 18.96 -23.69
N ASP A 82 -10.99 18.17 -24.00
CA ASP A 82 -9.85 18.01 -23.09
C ASP A 82 -8.67 18.57 -23.86
N ALA A 83 -8.15 19.71 -23.41
CA ALA A 83 -7.02 20.35 -24.08
C ALA A 83 -5.66 19.79 -23.65
N GLY A 84 -5.67 18.65 -22.97
CA GLY A 84 -4.43 18.05 -22.54
C GLY A 84 -3.77 18.81 -21.39
N ASP A 85 -2.45 18.68 -21.26
CA ASP A 85 -1.73 19.35 -20.20
C ASP A 85 -0.78 20.41 -20.72
N VAL A 86 -0.45 21.36 -19.86
CA VAL A 86 0.51 22.39 -20.21
C VAL A 86 1.85 21.63 -20.25
N ILE A 87 2.68 21.92 -21.23
CA ILE A 87 3.98 21.26 -21.34
C ILE A 87 4.92 22.00 -20.40
N LEU A 88 5.24 21.37 -19.27
CA LEU A 88 6.09 22.02 -18.30
C LEU A 88 7.55 21.61 -18.41
N PRO A 89 8.46 22.52 -18.05
CA PRO A 89 9.89 22.23 -18.10
C PRO A 89 10.17 21.57 -16.76
N SER A 90 11.43 21.25 -16.48
CA SER A 90 11.77 20.70 -15.17
C SER A 90 12.24 21.96 -14.45
N LEU A 91 11.93 22.08 -13.17
CA LEU A 91 12.30 23.28 -12.43
C LEU A 91 11.80 24.48 -13.21
N GLU A 92 12.62 25.53 -13.31
CA GLU A 92 12.26 26.72 -14.07
C GLU A 92 10.84 27.19 -13.78
N PRO A 93 10.52 27.50 -12.51
CA PRO A 93 9.17 27.94 -12.17
C PRO A 93 8.62 29.12 -12.98
N GLN A 94 9.45 30.12 -13.26
CA GLN A 94 8.99 31.29 -14.01
C GLN A 94 8.57 30.89 -15.42
N LEU A 95 9.35 30.03 -16.06
CA LEU A 95 9.01 29.56 -17.41
C LEU A 95 7.72 28.73 -17.33
N ALA A 96 7.63 27.89 -16.29
CA ALA A 96 6.43 27.07 -16.12
C ALA A 96 5.22 28.00 -16.03
N HIS A 97 5.35 29.05 -15.24
CA HIS A 97 4.27 30.02 -15.06
C HIS A 97 3.84 30.62 -16.39
N ASP A 98 4.81 31.00 -17.21
CA ASP A 98 4.49 31.60 -18.51
C ASP A 98 3.75 30.63 -19.42
N ARG A 99 4.17 29.38 -19.42
CA ARG A 99 3.49 28.39 -20.26
C ARG A 99 2.08 28.11 -19.77
N ILE A 100 1.89 28.14 -18.46
CA ILE A 100 0.57 27.90 -17.88
C ILE A 100 -0.40 29.02 -18.23
N THR A 101 0.06 30.26 -18.14
CA THR A 101 -0.77 31.41 -18.46
C THR A 101 -1.16 31.42 -19.94
N GLU A 102 -0.19 31.12 -20.81
CA GLU A 102 -0.46 31.12 -22.24
C GLU A 102 -1.48 30.03 -22.61
N ALA A 103 -1.29 28.82 -22.08
CA ALA A 103 -2.21 27.73 -22.36
C ALA A 103 -3.61 28.08 -21.85
N ALA A 104 -3.66 28.65 -20.65
CA ALA A 104 -4.95 29.02 -20.04
C ALA A 104 -5.68 30.04 -20.91
N ARG A 105 -4.94 31.03 -21.42
CA ARG A 105 -5.54 32.05 -22.26
C ARG A 105 -6.16 31.43 -23.50
N GLN A 106 -5.41 30.55 -24.14
CA GLN A 106 -5.86 29.88 -25.35
C GLN A 106 -7.11 29.05 -25.10
N VAL A 107 -7.10 28.28 -24.02
CA VAL A 107 -8.24 27.45 -23.68
C VAL A 107 -9.44 28.31 -23.31
N ARG A 108 -9.20 29.38 -22.56
CA ARG A 108 -10.29 30.27 -22.17
C ARG A 108 -10.98 30.87 -23.41
N GLY A 109 -10.18 31.27 -24.37
CA GLY A 109 -10.73 31.86 -25.59
C GLY A 109 -11.49 30.91 -26.48
N ARG A 110 -11.50 29.63 -26.15
CA ARG A 110 -12.21 28.65 -26.98
C ARG A 110 -13.33 27.90 -26.28
N CYS A 111 -13.61 28.27 -25.03
CA CYS A 111 -14.69 27.62 -24.29
C CYS A 111 -15.42 28.64 -23.42
N ARG A 112 -16.52 28.21 -22.80
CA ARG A 112 -17.27 29.11 -21.92
C ARG A 112 -16.73 28.99 -20.51
N VAL A 113 -16.59 27.76 -20.02
CA VAL A 113 -16.05 27.55 -18.69
C VAL A 113 -14.84 26.63 -18.74
N PRO A 114 -13.66 27.16 -18.44
CA PRO A 114 -12.46 26.32 -18.46
C PRO A 114 -12.28 25.65 -17.09
N VAL A 115 -11.83 24.40 -17.09
CA VAL A 115 -11.60 23.66 -15.87
C VAL A 115 -10.12 23.28 -15.79
N PHE A 116 -9.43 23.80 -14.78
CA PHE A 116 -8.00 23.55 -14.61
C PHE A 116 -7.74 22.53 -13.51
N LEU A 117 -6.99 21.48 -13.87
CA LEU A 117 -6.66 20.41 -12.95
C LEU A 117 -5.20 20.52 -12.48
N GLY A 118 -5.00 20.85 -11.21
CA GLY A 118 -3.66 20.95 -10.66
C GLY A 118 -3.18 19.56 -10.26
N GLY A 119 -1.94 19.42 -9.78
CA GLY A 119 -1.02 20.53 -9.59
C GLY A 119 -1.17 21.11 -8.19
N ASP A 120 -0.08 21.61 -7.61
CA ASP A 120 -0.20 22.19 -6.27
C ASP A 120 -0.89 23.53 -6.41
N HIS A 121 -1.25 24.15 -5.30
CA HIS A 121 -1.98 25.41 -5.36
C HIS A 121 -1.23 26.60 -5.99
N SER A 122 0.08 26.48 -6.16
CA SER A 122 0.82 27.59 -6.76
C SER A 122 0.35 27.84 -8.19
N VAL A 123 -0.22 26.82 -8.85
CA VAL A 123 -0.67 26.98 -10.23
C VAL A 123 -1.82 27.99 -10.41
N SER A 124 -2.54 28.30 -9.34
CA SER A 124 -3.66 29.25 -9.42
C SER A 124 -3.18 30.64 -9.83
N TYR A 125 -1.93 30.97 -9.49
CA TYR A 125 -1.41 32.27 -9.86
C TYR A 125 -1.29 32.42 -11.38
N PRO A 126 -0.50 31.57 -12.06
CA PRO A 126 -0.39 31.71 -13.52
C PRO A 126 -1.71 31.48 -14.26
N LEU A 127 -2.60 30.70 -13.64
CA LEU A 127 -3.90 30.44 -14.23
C LEU A 127 -4.72 31.73 -14.21
N LEU A 128 -4.73 32.41 -13.08
CA LEU A 128 -5.49 33.65 -12.94
C LEU A 128 -5.00 34.77 -13.85
N ARG A 129 -3.70 34.79 -14.14
CA ARG A 129 -3.15 35.82 -15.03
C ARG A 129 -3.87 35.80 -16.38
N ALA A 130 -4.49 34.67 -16.71
CA ALA A 130 -5.20 34.56 -17.98
C ALA A 130 -6.58 35.23 -17.93
N PHE A 131 -6.95 35.75 -16.76
CA PHE A 131 -8.25 36.41 -16.58
C PHE A 131 -8.10 37.91 -16.30
N ALA A 132 -7.05 38.52 -16.85
CA ALA A 132 -6.82 39.94 -16.62
C ALA A 132 -7.91 40.84 -17.20
N ASP A 133 -8.63 40.35 -18.22
CA ASP A 133 -9.67 41.16 -18.84
C ASP A 133 -11.06 40.99 -18.23
N VAL A 134 -11.13 40.33 -17.08
CA VAL A 134 -12.42 40.13 -16.40
C VAL A 134 -12.63 41.23 -15.37
N PRO A 135 -13.64 42.09 -15.60
CA PRO A 135 -13.91 43.19 -14.66
C PRO A 135 -14.30 42.72 -13.24
N ASP A 136 -13.72 43.39 -12.25
CA ASP A 136 -13.98 43.09 -10.85
C ASP A 136 -14.03 41.59 -10.59
N LEU A 137 -12.99 40.90 -11.00
CA LEU A 137 -12.92 39.45 -10.81
C LEU A 137 -12.94 39.09 -9.33
N HIS A 138 -13.81 38.15 -8.98
CA HIS A 138 -13.95 37.66 -7.61
C HIS A 138 -13.52 36.19 -7.56
N VAL A 139 -12.84 35.80 -6.50
CA VAL A 139 -12.45 34.41 -6.36
C VAL A 139 -13.13 33.80 -5.14
N VAL A 140 -13.75 32.63 -5.31
CA VAL A 140 -14.37 31.90 -4.20
C VAL A 140 -13.41 30.75 -4.01
N GLN A 141 -12.75 30.73 -2.86
CA GLN A 141 -11.74 29.73 -2.54
C GLN A 141 -12.15 28.75 -1.43
N LEU A 142 -12.09 27.45 -1.73
CA LEU A 142 -12.38 26.42 -0.73
C LEU A 142 -10.97 25.99 -0.35
N ASP A 143 -10.62 26.10 0.93
CA ASP A 143 -9.24 25.78 1.32
C ASP A 143 -9.13 25.75 2.83
N ALA A 144 -8.20 24.94 3.34
CA ALA A 144 -7.96 24.88 4.76
C ALA A 144 -6.96 25.99 5.06
N HIS A 145 -6.30 26.47 4.01
CA HIS A 145 -5.28 27.52 4.14
C HIS A 145 -5.62 28.79 3.36
N LEU A 146 -5.08 29.92 3.79
CA LEU A 146 -5.34 31.20 3.14
C LEU A 146 -4.55 31.40 1.84
N ASP A 147 -3.31 30.95 1.83
CA ASP A 147 -2.42 31.08 0.67
C ASP A 147 -2.29 32.51 0.14
N PHE A 148 -2.10 33.46 1.04
CA PHE A 148 -1.95 34.87 0.68
C PHE A 148 -0.63 35.39 1.26
N THR A 149 0.35 34.49 1.40
CA THR A 149 1.67 34.81 1.94
C THR A 149 2.57 35.46 0.90
N ASP A 150 3.35 36.46 1.33
CA ASP A 150 4.27 37.15 0.42
C ASP A 150 5.46 36.22 0.13
N THR A 151 6.25 35.93 1.15
CA THR A 151 7.41 35.05 1.01
C THR A 151 7.36 33.92 2.03
N ARG A 152 7.78 32.74 1.60
CA ARG A 152 7.82 31.54 2.45
C ARG A 152 9.00 30.69 1.98
N ASN A 153 9.83 30.25 2.92
CA ASN A 153 11.00 29.44 2.60
C ASN A 153 11.81 30.03 1.45
N ASP A 154 12.09 31.33 1.56
CA ASP A 154 12.89 32.07 0.60
C ASP A 154 12.43 32.11 -0.86
N THR A 155 11.14 31.98 -1.10
CA THR A 155 10.60 32.05 -2.46
C THR A 155 9.26 32.76 -2.50
N LYS A 156 8.93 33.33 -3.66
CA LYS A 156 7.67 34.04 -3.85
C LYS A 156 6.66 33.15 -4.59
N TRP A 157 7.13 32.02 -5.09
CA TRP A 157 6.29 31.12 -5.87
C TRP A 157 5.75 29.86 -5.18
N SER A 158 5.83 29.78 -3.85
CA SER A 158 5.34 28.57 -3.18
C SER A 158 3.83 28.46 -3.28
N ASN A 159 3.37 27.36 -2.93
CA ASN A 159 1.93 27.20 -2.97
C ASN A 159 1.24 28.00 -1.85
N SER A 160 1.89 28.67 -1.04
CA SER A 160 1.31 29.48 0.03
C SER A 160 1.13 30.93 -0.40
N SER A 161 1.55 31.25 -1.63
CA SER A 161 1.48 32.62 -2.15
C SER A 161 0.70 32.87 -3.44
N PRO A 162 0.07 31.84 -4.04
CA PRO A 162 -0.64 32.11 -5.30
C PRO A 162 -1.59 33.30 -5.38
N PHE A 163 -2.41 33.50 -4.36
CA PHE A 163 -3.35 34.61 -4.41
C PHE A 163 -2.70 35.96 -4.11
N ARG A 164 -1.56 35.95 -3.44
CA ARG A 164 -0.85 37.19 -3.14
C ARG A 164 -0.23 37.63 -4.46
N ARG A 165 0.38 36.67 -5.16
CA ARG A 165 1.02 36.92 -6.45
C ARG A 165 -0.04 37.35 -7.46
N ALA A 166 -1.21 36.71 -7.40
CA ALA A 166 -2.31 37.03 -8.32
C ALA A 166 -2.79 38.47 -8.17
N CYS A 167 -3.06 38.88 -6.93
CA CYS A 167 -3.55 40.23 -6.69
C CYS A 167 -2.57 41.32 -7.12
N GLU A 168 -1.28 41.07 -6.96
CA GLU A 168 -0.31 42.07 -7.38
C GLU A 168 -0.16 42.11 -8.90
N ALA A 169 -0.44 40.99 -9.56
CA ALA A 169 -0.32 40.94 -11.02
C ALA A 169 -1.63 41.32 -11.70
N LEU A 170 -2.74 41.26 -10.97
CA LEU A 170 -4.05 41.55 -11.55
C LEU A 170 -4.85 42.59 -10.78
N PRO A 171 -4.75 43.86 -11.17
CA PRO A 171 -5.51 44.89 -10.47
C PRO A 171 -7.02 44.66 -10.54
N ASN A 172 -7.46 43.84 -11.50
CA ASN A 172 -8.89 43.56 -11.65
C ASN A 172 -9.40 42.51 -10.65
N LEU A 173 -8.49 41.80 -9.99
CA LEU A 173 -8.87 40.80 -8.99
C LEU A 173 -9.16 41.62 -7.71
N VAL A 174 -10.41 42.02 -7.57
CA VAL A 174 -10.82 42.87 -6.46
C VAL A 174 -11.24 42.23 -5.16
N HIS A 175 -11.57 40.95 -5.18
CA HIS A 175 -12.01 40.32 -3.94
C HIS A 175 -11.88 38.81 -3.93
N ILE A 176 -11.57 38.27 -2.77
CA ILE A 176 -11.47 36.84 -2.58
C ILE A 176 -12.25 36.46 -1.34
N THR A 177 -13.05 35.40 -1.46
CA THR A 177 -13.81 34.88 -0.35
C THR A 177 -13.21 33.49 -0.11
N THR A 178 -12.62 33.27 1.06
CA THR A 178 -12.01 31.99 1.37
C THR A 178 -12.82 31.28 2.44
N VAL A 179 -13.23 30.05 2.14
CA VAL A 179 -14.05 29.27 3.06
C VAL A 179 -13.41 27.94 3.43
N GLY A 180 -13.39 27.64 4.73
CA GLY A 180 -12.84 26.38 5.21
C GLY A 180 -11.57 26.48 6.05
N LEU A 181 -11.06 27.69 6.25
CA LEU A 181 -9.83 27.87 7.02
C LEU A 181 -9.86 27.28 8.43
N ARG A 182 -8.76 26.62 8.78
CA ARG A 182 -8.59 25.97 10.08
C ARG A 182 -7.13 25.58 10.25
N GLY A 183 -6.73 25.32 11.49
CA GLY A 183 -5.35 24.94 11.73
C GLY A 183 -4.74 25.75 12.86
N LEU A 184 -3.68 25.23 13.45
CA LEU A 184 -3.04 25.92 14.57
C LEU A 184 -2.22 27.12 14.15
N ARG A 185 -1.75 27.13 12.91
CA ARG A 185 -0.89 28.23 12.46
C ARG A 185 -1.34 28.95 11.20
N PHE A 186 -1.25 30.28 11.25
CA PHE A 186 -1.58 31.13 10.11
C PHE A 186 -0.53 32.23 10.06
N ASP A 187 -0.24 32.70 8.85
CA ASP A 187 0.72 33.77 8.63
C ASP A 187 -0.05 35.03 9.00
N PRO A 188 0.27 35.65 10.15
CA PRO A 188 -0.44 36.87 10.58
C PRO A 188 -0.43 38.03 9.59
N GLU A 189 0.67 38.16 8.85
CA GLU A 189 0.80 39.22 7.86
C GLU A 189 -0.14 38.93 6.69
N ALA A 190 -0.24 37.66 6.32
CA ALA A 190 -1.10 37.26 5.21
C ALA A 190 -2.57 37.48 5.55
N VAL A 191 -2.96 37.10 6.76
CA VAL A 191 -4.34 37.27 7.20
C VAL A 191 -4.69 38.74 7.32
N ALA A 192 -3.81 39.53 7.94
CA ALA A 192 -4.05 40.96 8.10
C ALA A 192 -4.10 41.66 6.74
N ALA A 193 -3.19 41.29 5.85
CA ALA A 193 -3.17 41.89 4.52
C ALA A 193 -4.47 41.58 3.78
N ALA A 194 -4.86 40.31 3.80
CA ALA A 194 -6.09 39.91 3.13
C ALA A 194 -7.27 40.73 3.66
N ARG A 195 -7.38 40.82 4.98
CA ARG A 195 -8.47 41.57 5.60
C ARG A 195 -8.41 43.05 5.24
N ALA A 196 -7.21 43.62 5.30
CA ALA A 196 -7.01 45.03 5.00
C ALA A 196 -7.39 45.35 3.55
N ARG A 197 -7.40 44.34 2.69
CA ARG A 197 -7.75 44.50 1.28
C ARG A 197 -9.24 44.27 1.05
N GLY A 198 -9.97 43.93 2.10
CA GLY A 198 -11.40 43.69 1.98
C GLY A 198 -11.78 42.24 1.74
N HIS A 199 -10.79 41.35 1.70
CA HIS A 199 -11.09 39.94 1.47
C HIS A 199 -11.94 39.36 2.60
N THR A 200 -12.74 38.36 2.25
CA THR A 200 -13.61 37.73 3.23
C THR A 200 -13.05 36.37 3.65
N ILE A 201 -12.79 36.24 4.94
CA ILE A 201 -12.26 35.01 5.50
C ILE A 201 -13.33 34.31 6.30
N ILE A 202 -13.70 33.11 5.88
CA ILE A 202 -14.73 32.34 6.56
C ILE A 202 -14.14 31.03 7.09
N PRO A 203 -13.83 30.98 8.39
CA PRO A 203 -13.26 29.81 9.05
C PRO A 203 -14.24 28.65 8.99
N MET A 204 -13.73 27.43 9.00
CA MET A 204 -14.58 26.25 8.96
C MET A 204 -15.55 26.29 10.14
N ASP A 205 -15.10 26.83 11.27
CA ASP A 205 -15.97 26.91 12.44
C ASP A 205 -17.30 27.63 12.13
N ASP A 206 -17.25 28.63 11.25
CA ASP A 206 -18.47 29.37 10.89
C ASP A 206 -19.37 28.53 9.99
N VAL A 207 -18.76 27.70 9.15
CA VAL A 207 -19.52 26.83 8.26
C VAL A 207 -20.32 25.87 9.14
N THR A 208 -19.65 25.33 10.16
CA THR A 208 -20.27 24.40 11.08
C THR A 208 -21.36 25.07 11.90
N ALA A 209 -21.04 26.25 12.45
CA ALA A 209 -21.97 27.00 13.28
C ALA A 209 -23.23 27.50 12.57
N ASP A 210 -23.08 27.95 11.32
CA ASP A 210 -24.22 28.47 10.58
C ASP A 210 -23.95 28.52 9.08
N LEU A 211 -24.26 27.42 8.40
CA LEU A 211 -24.05 27.32 6.97
C LEU A 211 -24.82 28.39 6.20
N ALA A 212 -26.06 28.64 6.60
CA ALA A 212 -26.88 29.65 5.93
C ALA A 212 -26.18 31.00 5.97
N GLY A 213 -25.63 31.33 7.14
CA GLY A 213 -24.94 32.59 7.30
C GLY A 213 -23.76 32.71 6.35
N VAL A 214 -23.09 31.59 6.11
CA VAL A 214 -21.94 31.57 5.23
C VAL A 214 -22.36 31.80 3.77
N LEU A 215 -23.36 31.06 3.31
CA LEU A 215 -23.82 31.23 1.94
C LEU A 215 -24.23 32.68 1.69
N ALA A 216 -24.76 33.32 2.73
CA ALA A 216 -25.18 34.72 2.63
C ALA A 216 -24.00 35.66 2.43
N GLN A 217 -22.80 35.18 2.74
CA GLN A 217 -21.61 36.00 2.58
C GLN A 217 -20.99 35.87 1.19
N LEU A 218 -21.45 34.88 0.44
CA LEU A 218 -20.93 34.65 -0.91
C LEU A 218 -21.31 35.78 -1.86
N PRO A 219 -20.47 36.02 -2.90
CA PRO A 219 -20.73 37.07 -3.88
C PRO A 219 -22.05 36.90 -4.64
N ARG A 220 -22.54 38.01 -5.18
CA ARG A 220 -23.78 38.01 -5.93
C ARG A 220 -23.66 38.88 -7.17
N GLY A 221 -23.98 38.30 -8.32
CA GLY A 221 -23.92 39.03 -9.57
C GLY A 221 -22.52 39.44 -9.98
N GLN A 222 -21.52 38.71 -9.50
CA GLN A 222 -20.12 39.01 -9.81
C GLN A 222 -19.54 38.00 -10.78
N ASN A 223 -18.37 38.32 -11.33
CA ASN A 223 -17.66 37.40 -12.20
C ASN A 223 -16.84 36.61 -11.19
N VAL A 224 -17.08 35.31 -11.14
CA VAL A 224 -16.41 34.46 -10.17
C VAL A 224 -15.57 33.32 -10.75
N TYR A 225 -14.40 33.13 -10.16
CA TYR A 225 -13.47 32.07 -10.53
C TYR A 225 -13.43 31.18 -9.28
N PHE A 226 -13.66 29.88 -9.46
CA PHE A 226 -13.65 28.96 -8.34
C PHE A 226 -12.28 28.30 -8.17
N SER A 227 -11.74 28.35 -6.97
CA SER A 227 -10.47 27.69 -6.71
C SER A 227 -10.76 26.68 -5.61
N VAL A 228 -10.75 25.40 -5.95
CA VAL A 228 -11.01 24.36 -4.98
C VAL A 228 -9.76 23.61 -4.60
N ASP A 229 -9.32 23.79 -3.35
CA ASP A 229 -8.16 23.08 -2.83
C ASP A 229 -8.79 21.90 -2.10
N VAL A 230 -8.47 20.68 -2.51
CA VAL A 230 -9.08 19.52 -1.85
C VAL A 230 -8.85 19.44 -0.35
N ASP A 231 -7.81 20.10 0.18
CA ASP A 231 -7.62 20.00 1.62
C ASP A 231 -8.63 20.83 2.39
N GLY A 232 -9.50 21.52 1.67
CA GLY A 232 -10.56 22.27 2.33
C GLY A 232 -11.55 21.24 2.89
N PHE A 233 -11.60 20.09 2.22
CA PHE A 233 -12.47 19.00 2.66
C PHE A 233 -11.85 18.24 3.80
N ASP A 234 -12.70 17.64 4.62
CA ASP A 234 -12.22 16.87 5.75
C ASP A 234 -11.33 15.71 5.26
N PRO A 235 -10.17 15.51 5.91
CA PRO A 235 -9.22 14.45 5.56
C PRO A 235 -9.82 13.05 5.58
N ALA A 236 -10.88 12.86 6.36
CA ALA A 236 -11.55 11.56 6.44
C ALA A 236 -12.25 11.31 5.11
N VAL A 237 -12.70 12.39 4.47
CA VAL A 237 -13.39 12.30 3.19
C VAL A 237 -12.41 12.27 2.03
N ILE A 238 -11.48 13.22 2.04
CA ILE A 238 -10.46 13.34 1.00
C ILE A 238 -9.07 13.31 1.66
N PRO A 239 -8.57 12.11 1.99
CA PRO A 239 -7.24 12.02 2.62
C PRO A 239 -6.06 12.27 1.69
N GLY A 240 -6.28 12.09 0.39
CA GLY A 240 -5.21 12.28 -0.58
C GLY A 240 -4.79 13.72 -0.88
N THR A 241 -4.06 14.32 0.06
CA THR A 241 -3.58 15.70 -0.12
C THR A 241 -2.33 15.86 0.75
N SER A 242 -1.42 16.75 0.34
CA SER A 242 -0.18 16.94 1.08
C SER A 242 -0.28 17.34 2.56
N SER A 243 -1.09 18.36 2.84
CA SER A 243 -1.19 18.88 4.20
C SER A 243 -2.59 18.93 4.78
N PRO A 244 -3.12 17.76 5.19
CA PRO A 244 -4.47 17.69 5.76
C PRO A 244 -4.63 18.39 7.10
N GLU A 245 -5.83 18.90 7.35
CA GLU A 245 -6.17 19.58 8.59
C GLU A 245 -7.49 18.93 9.02
N PRO A 246 -7.60 18.52 10.30
CA PRO A 246 -8.85 17.88 10.75
C PRO A 246 -10.08 18.78 10.78
N ASP A 247 -11.26 18.17 10.82
CA ASP A 247 -12.53 18.89 10.89
C ASP A 247 -12.77 19.85 9.74
N GLY A 248 -12.86 19.30 8.53
CA GLY A 248 -13.07 20.12 7.36
C GLY A 248 -14.45 19.95 6.76
N LEU A 249 -14.58 20.45 5.54
CA LEU A 249 -15.84 20.39 4.80
C LEU A 249 -16.21 18.97 4.42
N THR A 250 -17.49 18.64 4.51
CA THR A 250 -17.93 17.32 4.05
C THR A 250 -18.09 17.59 2.55
N TYR A 251 -18.28 16.56 1.76
CA TYR A 251 -18.48 16.76 0.33
C TYR A 251 -19.73 17.63 0.13
N ALA A 252 -20.80 17.29 0.85
CA ALA A 252 -22.06 18.02 0.74
C ALA A 252 -21.95 19.51 1.04
N GLN A 253 -21.21 19.86 2.09
CA GLN A 253 -21.05 21.27 2.47
C GLN A 253 -20.31 22.07 1.40
N GLY A 254 -19.18 21.54 0.96
CA GLY A 254 -18.43 22.23 -0.08
C GLY A 254 -19.26 22.39 -1.33
N MET A 255 -20.02 21.35 -1.67
CA MET A 255 -20.86 21.39 -2.87
C MET A 255 -21.98 22.42 -2.71
N LYS A 256 -22.53 22.56 -1.51
CA LYS A 256 -23.59 23.54 -1.28
C LYS A 256 -23.02 24.95 -1.46
N ILE A 257 -21.79 25.14 -1.02
CA ILE A 257 -21.13 26.44 -1.16
C ILE A 257 -20.92 26.77 -2.64
N LEU A 258 -20.40 25.81 -3.40
CA LEU A 258 -20.17 26.04 -4.82
C LEU A 258 -21.49 26.21 -5.59
N ALA A 259 -22.47 25.40 -5.24
CA ALA A 259 -23.79 25.47 -5.90
C ALA A 259 -24.43 26.84 -5.70
N ALA A 260 -24.34 27.33 -4.46
CA ALA A 260 -24.90 28.63 -4.09
C ALA A 260 -24.25 29.75 -4.91
N ALA A 261 -22.93 29.71 -5.02
CA ALA A 261 -22.21 30.73 -5.77
C ALA A 261 -22.51 30.62 -7.27
N ALA A 262 -22.60 29.40 -7.77
CA ALA A 262 -22.88 29.19 -9.20
C ALA A 262 -24.28 29.64 -9.59
N ALA A 263 -25.19 29.67 -8.62
CA ALA A 263 -26.55 30.08 -8.90
C ALA A 263 -26.75 31.58 -9.02
N ASN A 264 -25.89 32.34 -8.34
CA ASN A 264 -26.00 33.80 -8.30
C ASN A 264 -24.87 34.60 -8.96
N ASN A 265 -23.98 33.93 -9.68
CA ASN A 265 -22.86 34.64 -10.29
C ASN A 265 -22.54 34.13 -11.68
N THR A 266 -21.66 34.84 -12.37
CA THR A 266 -21.20 34.46 -13.69
C THR A 266 -19.87 33.75 -13.48
N VAL A 267 -19.88 32.42 -13.54
CA VAL A 267 -18.69 31.63 -13.33
C VAL A 267 -17.79 31.65 -14.57
N VAL A 268 -16.57 32.15 -14.40
CA VAL A 268 -15.62 32.27 -15.49
C VAL A 268 -14.58 31.16 -15.57
N GLY A 269 -14.47 30.36 -14.52
CA GLY A 269 -13.50 29.28 -14.51
C GLY A 269 -13.40 28.59 -13.17
N LEU A 270 -12.71 27.46 -13.13
CA LEU A 270 -12.55 26.70 -11.89
C LEU A 270 -11.27 25.89 -11.91
N ASP A 271 -10.57 25.83 -10.78
CA ASP A 271 -9.40 24.99 -10.72
C ASP A 271 -9.58 24.04 -9.55
N LEU A 272 -9.00 22.86 -9.68
CA LEU A 272 -9.09 21.80 -8.68
C LEU A 272 -7.62 21.49 -8.39
N VAL A 273 -7.15 21.86 -7.20
CA VAL A 273 -5.75 21.68 -6.85
C VAL A 273 -5.45 20.88 -5.58
N GLU A 274 -4.17 20.53 -5.44
CA GLU A 274 -3.63 19.79 -4.28
C GLU A 274 -4.08 18.33 -4.10
N LEU A 275 -4.72 17.74 -5.09
CA LEU A 275 -5.12 16.34 -4.96
C LEU A 275 -3.83 15.53 -5.10
N ALA A 276 -3.60 14.58 -4.20
CA ALA A 276 -2.40 13.73 -4.21
C ALA A 276 -2.90 12.29 -4.21
N PRO A 277 -3.09 11.69 -5.40
CA PRO A 277 -3.56 10.31 -5.60
C PRO A 277 -2.72 9.27 -4.89
N ASN A 278 -1.41 9.50 -4.90
CA ASN A 278 -0.46 8.59 -4.26
C ASN A 278 -0.64 8.50 -2.76
N LEU A 279 -1.34 9.46 -2.17
CA LEU A 279 -1.56 9.48 -0.73
C LEU A 279 -2.90 8.89 -0.28
N ASP A 280 -3.64 8.33 -1.23
CA ASP A 280 -4.93 7.68 -0.93
C ASP A 280 -5.06 6.42 -1.76
N PRO A 281 -4.61 5.28 -1.22
CA PRO A 281 -4.69 4.03 -1.96
C PRO A 281 -6.13 3.49 -2.14
N THR A 282 -7.11 4.09 -1.47
CA THR A 282 -8.49 3.64 -1.64
C THR A 282 -9.07 4.23 -2.90
N GLY A 283 -8.39 5.24 -3.44
CA GLY A 283 -8.84 5.89 -4.64
C GLY A 283 -10.09 6.76 -4.49
N ARG A 284 -10.64 6.86 -3.28
CA ARG A 284 -11.85 7.67 -3.11
C ARG A 284 -11.61 9.17 -3.28
N SER A 285 -10.39 9.64 -3.00
CA SER A 285 -10.11 11.06 -3.15
C SER A 285 -10.30 11.54 -4.60
N GLU A 286 -9.69 10.86 -5.56
CA GLU A 286 -9.85 11.29 -6.94
C GLU A 286 -11.25 11.03 -7.46
N LEU A 287 -11.88 9.94 -7.02
CA LEU A 287 -13.24 9.64 -7.47
C LEU A 287 -14.22 10.73 -7.01
N LEU A 288 -14.14 11.11 -5.74
CA LEU A 288 -15.02 12.15 -5.22
C LEU A 288 -14.72 13.53 -5.79
N MET A 289 -13.44 13.85 -5.98
CA MET A 289 -13.11 15.17 -6.51
C MET A 289 -13.46 15.32 -7.99
N ALA A 290 -13.40 14.23 -8.75
CA ALA A 290 -13.77 14.31 -10.16
C ALA A 290 -15.29 14.55 -10.22
N ARG A 291 -16.03 13.89 -9.32
CA ARG A 291 -17.48 14.08 -9.29
C ARG A 291 -17.81 15.52 -8.88
N LEU A 292 -17.05 16.05 -7.93
CA LEU A 292 -17.28 17.42 -7.47
C LEU A 292 -17.18 18.38 -8.64
N VAL A 293 -16.19 18.19 -9.50
CA VAL A 293 -16.02 19.07 -10.65
C VAL A 293 -17.25 18.94 -11.57
N MET A 294 -17.65 17.71 -11.86
CA MET A 294 -18.78 17.49 -12.73
C MET A 294 -20.09 18.01 -12.14
N GLU A 295 -20.27 17.83 -10.83
CA GLU A 295 -21.50 18.32 -10.22
C GLU A 295 -21.47 19.85 -10.20
N THR A 296 -20.30 20.44 -10.00
CA THR A 296 -20.21 21.89 -9.98
C THR A 296 -20.62 22.43 -11.35
N LEU A 297 -20.15 21.76 -12.41
CA LEU A 297 -20.51 22.20 -13.76
C LEU A 297 -22.01 22.06 -13.98
N CYS A 298 -22.61 21.03 -13.38
CA CYS A 298 -24.06 20.84 -13.51
C CYS A 298 -24.78 22.06 -12.94
N GLU A 299 -24.31 22.53 -11.80
CA GLU A 299 -24.91 23.68 -11.15
C GLU A 299 -24.66 24.94 -11.97
N VAL A 300 -23.43 25.12 -12.44
CA VAL A 300 -23.10 26.30 -13.24
C VAL A 300 -24.03 26.42 -14.45
N PHE A 301 -24.09 25.37 -15.27
CA PHE A 301 -24.92 25.44 -16.45
C PHE A 301 -26.42 25.46 -16.20
N ASP A 302 -26.82 25.20 -14.96
CA ASP A 302 -28.24 25.23 -14.62
C ASP A 302 -28.67 26.66 -14.39
N HIS A 303 -27.74 27.51 -13.96
CA HIS A 303 -28.07 28.90 -13.68
C HIS A 303 -27.30 29.92 -14.50
N VAL A 304 -26.80 29.50 -15.67
CA VAL A 304 -26.05 30.41 -16.52
C VAL A 304 -27.01 31.39 -17.20
N LEU A 305 -26.59 32.64 -17.31
CA LEU A 305 -27.40 33.66 -17.97
C LEU A 305 -26.86 33.97 -19.35
N GLY B 3 -11.72 -23.31 28.08
CA GLY B 3 -10.37 -22.90 28.53
C GLY B 3 -9.89 -21.60 27.88
N PRO B 4 -8.67 -21.58 27.32
CA PRO B 4 -8.15 -20.38 26.67
C PRO B 4 -8.77 -20.16 25.29
N ALA B 5 -8.95 -18.90 24.91
CA ALA B 5 -9.52 -18.57 23.61
C ALA B 5 -8.48 -17.94 22.70
N HIS B 6 -8.64 -18.18 21.40
CA HIS B 6 -7.73 -17.63 20.39
C HIS B 6 -7.85 -16.12 20.33
N LEU B 7 -6.75 -15.46 19.96
CA LEU B 7 -6.77 -14.01 19.79
C LEU B 7 -7.26 -13.85 18.35
N PRO B 8 -7.67 -12.64 17.96
CA PRO B 8 -8.17 -12.39 16.60
C PRO B 8 -7.30 -12.91 15.46
N TYR B 9 -5.98 -12.90 15.63
CA TYR B 9 -5.07 -13.36 14.59
C TYR B 9 -4.82 -14.86 14.60
N GLY B 10 -5.36 -15.55 15.59
CA GLY B 10 -5.14 -16.99 15.66
C GLY B 10 -6.33 -17.83 15.25
N GLY B 11 -6.04 -19.04 14.77
CA GLY B 11 -7.08 -19.96 14.37
C GLY B 11 -7.55 -19.86 12.94
N ILE B 12 -8.29 -20.87 12.50
CA ILE B 12 -8.83 -20.90 11.15
C ILE B 12 -9.97 -19.89 11.10
N PRO B 13 -9.97 -19.00 10.10
CA PRO B 13 -11.04 -18.02 10.01
C PRO B 13 -12.38 -18.51 9.44
N THR B 14 -13.32 -18.76 10.34
CA THR B 14 -14.67 -19.16 9.95
C THR B 14 -15.52 -18.04 10.54
N PHE B 15 -16.63 -17.70 9.89
CA PHE B 15 -17.48 -16.64 10.38
C PHE B 15 -17.91 -16.84 11.83
N ALA B 16 -17.63 -15.85 12.67
CA ALA B 16 -17.97 -15.89 14.08
C ALA B 16 -17.27 -17.06 14.77
N ARG B 17 -16.24 -17.59 14.11
CA ARG B 17 -15.46 -18.70 14.63
C ARG B 17 -16.39 -19.90 14.88
N ALA B 18 -17.43 -20.00 14.06
CA ALA B 18 -18.40 -21.08 14.19
C ALA B 18 -17.86 -22.34 13.52
N PRO B 19 -18.40 -23.51 13.86
CA PRO B 19 -17.91 -24.74 13.24
C PRO B 19 -18.17 -24.77 11.74
N LEU B 20 -17.28 -25.43 11.00
CA LEU B 20 -17.41 -25.53 9.55
C LEU B 20 -18.30 -26.71 9.18
N VAL B 21 -19.14 -26.52 8.17
CA VAL B 21 -20.05 -27.58 7.71
C VAL B 21 -20.28 -27.48 6.21
N GLN B 22 -20.92 -28.50 5.65
CA GLN B 22 -21.22 -28.53 4.22
C GLN B 22 -22.65 -28.07 4.00
N PRO B 23 -22.89 -27.31 2.92
CA PRO B 23 -24.23 -26.83 2.60
C PRO B 23 -25.31 -27.90 2.73
N ASP B 24 -25.08 -29.05 2.12
CA ASP B 24 -26.05 -30.14 2.16
C ASP B 24 -25.67 -31.22 3.18
N GLY B 25 -24.95 -30.81 4.22
CA GLY B 25 -24.54 -31.75 5.24
C GLY B 25 -25.60 -31.98 6.30
N ASP B 26 -25.27 -32.81 7.29
CA ASP B 26 -26.22 -33.09 8.37
C ASP B 26 -25.96 -32.18 9.55
N TRP B 27 -26.68 -31.06 9.61
CA TRP B 27 -26.52 -30.10 10.70
C TRP B 27 -27.68 -29.11 10.82
N GLN B 28 -27.76 -28.46 11.98
CA GLN B 28 -28.78 -27.46 12.27
C GLN B 28 -28.16 -26.35 13.10
N ALA B 29 -28.64 -25.13 12.93
CA ALA B 29 -28.12 -23.99 13.70
C ALA B 29 -29.00 -22.77 13.54
N ASP B 30 -29.01 -21.91 14.56
CA ASP B 30 -29.82 -20.69 14.52
C ASP B 30 -29.35 -19.81 13.36
N VAL B 31 -28.04 -19.57 13.31
CA VAL B 31 -27.46 -18.74 12.25
C VAL B 31 -26.44 -19.52 11.44
N ALA B 32 -26.53 -19.41 10.11
CA ALA B 32 -25.62 -20.10 9.22
C ALA B 32 -25.07 -19.15 8.15
N ALA B 33 -23.75 -19.13 7.99
CA ALA B 33 -23.11 -18.28 7.01
C ALA B 33 -22.74 -19.02 5.74
N LEU B 34 -22.87 -18.34 4.60
CA LEU B 34 -22.53 -18.92 3.32
C LEU B 34 -21.90 -17.83 2.45
N GLY B 35 -20.68 -18.06 1.99
CA GLY B 35 -20.01 -17.07 1.17
C GLY B 35 -20.22 -17.30 -0.31
N VAL B 36 -20.15 -16.21 -1.07
CA VAL B 36 -20.31 -16.27 -2.52
C VAL B 36 -19.25 -15.32 -3.12
N PRO B 37 -18.02 -15.82 -3.28
CA PRO B 37 -16.88 -15.05 -3.83
C PRO B 37 -16.98 -14.82 -5.33
N PHE B 38 -18.02 -14.08 -5.72
CA PHE B 38 -18.31 -13.77 -7.12
C PHE B 38 -18.26 -12.27 -7.36
N ASP B 39 -17.36 -11.80 -8.22
CA ASP B 39 -17.29 -10.37 -8.50
C ASP B 39 -17.07 -9.99 -9.95
N ILE B 40 -17.30 -10.94 -10.86
CA ILE B 40 -17.08 -10.63 -12.26
C ILE B 40 -18.26 -9.91 -12.92
N ALA B 41 -19.26 -9.54 -12.14
CA ALA B 41 -20.43 -8.84 -12.67
C ALA B 41 -20.39 -7.34 -12.45
N LEU B 42 -19.51 -6.86 -11.57
CA LEU B 42 -19.43 -5.43 -11.34
C LEU B 42 -18.77 -4.73 -12.52
N GLY B 43 -19.06 -3.45 -12.68
CA GLY B 43 -18.52 -2.72 -13.80
C GLY B 43 -17.33 -1.82 -13.57
N PHE B 44 -16.69 -1.91 -12.40
CA PHE B 44 -15.55 -1.05 -12.17
C PHE B 44 -14.34 -1.75 -11.54
N ARG B 45 -14.20 -1.63 -10.22
CA ARG B 45 -13.07 -2.23 -9.53
C ARG B 45 -13.32 -3.56 -8.83
N PRO B 46 -12.64 -4.62 -9.28
CA PRO B 46 -12.77 -5.98 -8.73
C PRO B 46 -12.22 -6.05 -7.30
N GLY B 47 -12.56 -7.12 -6.60
CA GLY B 47 -12.07 -7.30 -5.25
C GLY B 47 -13.04 -7.97 -4.31
N ALA B 48 -14.34 -7.81 -4.58
CA ALA B 48 -15.39 -8.40 -3.75
C ALA B 48 -15.31 -9.92 -3.64
N ARG B 49 -14.57 -10.56 -4.55
CA ARG B 49 -14.45 -12.01 -4.49
C ARG B 49 -13.71 -12.40 -3.21
N PHE B 50 -12.94 -11.47 -2.67
CA PHE B 50 -12.16 -11.73 -1.46
C PHE B 50 -12.90 -11.32 -0.20
N ALA B 51 -14.07 -10.72 -0.35
CA ALA B 51 -14.83 -10.25 0.79
C ALA B 51 -15.26 -11.33 1.79
N PRO B 52 -15.78 -12.47 1.29
CA PRO B 52 -16.19 -13.51 2.22
C PRO B 52 -15.07 -13.86 3.21
N ARG B 53 -13.87 -14.07 2.67
CA ARG B 53 -12.72 -14.41 3.48
C ARG B 53 -12.36 -13.27 4.45
N ALA B 54 -12.33 -12.04 3.93
CA ALA B 54 -12.00 -10.89 4.78
C ALA B 54 -13.05 -10.73 5.86
N LEU B 55 -14.31 -10.95 5.52
CA LEU B 55 -15.37 -10.83 6.52
C LEU B 55 -15.23 -11.91 7.58
N ARG B 56 -14.82 -13.11 7.17
CA ARG B 56 -14.64 -14.19 8.14
C ARG B 56 -13.52 -13.81 9.12
N GLU B 57 -12.40 -13.35 8.58
CA GLU B 57 -11.27 -12.95 9.40
C GLU B 57 -11.66 -11.82 10.36
N ALA B 58 -12.34 -10.81 9.83
CA ALA B 58 -12.76 -9.67 10.63
C ALA B 58 -13.76 -10.06 11.72
N SER B 59 -14.56 -11.09 11.47
CA SER B 59 -15.56 -11.52 12.46
C SER B 59 -14.94 -12.10 13.72
N LEU B 60 -13.66 -12.48 13.65
CA LEU B 60 -12.99 -13.02 14.81
C LEU B 60 -12.86 -11.95 15.88
N ARG B 61 -13.10 -10.71 15.48
CA ARG B 61 -13.06 -9.58 16.40
C ARG B 61 -14.43 -9.47 17.06
N SER B 62 -15.42 -10.14 16.47
CA SER B 62 -16.79 -10.09 16.98
C SER B 62 -17.42 -11.48 17.19
N VAL B 63 -16.80 -12.31 18.02
CA VAL B 63 -17.33 -13.64 18.29
C VAL B 63 -18.42 -13.56 19.36
N PRO B 64 -19.63 -14.08 19.06
CA PRO B 64 -20.77 -14.05 20.00
C PRO B 64 -20.57 -15.01 21.16
N PRO B 65 -21.32 -14.81 22.26
CA PRO B 65 -22.32 -13.77 22.51
C PRO B 65 -21.69 -12.46 22.97
N PHE B 66 -22.50 -11.43 23.14
CA PHE B 66 -22.00 -10.12 23.55
C PHE B 66 -22.67 -9.55 24.78
N THR B 67 -21.87 -9.12 25.74
CA THR B 67 -22.38 -8.48 26.95
C THR B 67 -22.03 -7.01 26.82
N GLY B 68 -23.06 -6.18 26.66
CA GLY B 68 -22.84 -4.75 26.52
C GLY B 68 -22.47 -4.05 27.80
N LEU B 69 -22.32 -2.74 27.71
CA LEU B 69 -21.96 -1.91 28.86
C LEU B 69 -23.06 -1.92 29.92
N ASP B 70 -24.27 -2.28 29.51
CA ASP B 70 -25.40 -2.32 30.44
C ASP B 70 -25.45 -3.66 31.17
N GLY B 71 -24.51 -4.55 30.85
CA GLY B 71 -24.46 -5.84 31.50
C GLY B 71 -25.34 -6.87 30.83
N LYS B 72 -26.29 -6.42 30.03
CA LYS B 72 -27.21 -7.30 29.33
C LYS B 72 -26.46 -8.03 28.21
N THR B 73 -26.78 -9.32 28.05
CA THR B 73 -26.14 -10.15 27.03
C THR B 73 -27.07 -10.50 25.88
N ARG B 74 -26.53 -10.49 24.66
CA ARG B 74 -27.30 -10.82 23.48
C ARG B 74 -26.68 -12.00 22.73
N LEU B 75 -27.51 -12.74 22.00
CA LEU B 75 -27.09 -13.91 21.25
C LEU B 75 -26.69 -15.05 22.17
N GLN B 76 -27.16 -14.98 23.42
CA GLN B 76 -26.86 -16.03 24.39
C GLN B 76 -27.63 -17.28 23.98
N GLY B 77 -26.90 -18.37 23.72
CA GLY B 77 -27.55 -19.61 23.33
C GLY B 77 -27.74 -19.78 21.83
N VAL B 78 -27.53 -18.72 21.06
CA VAL B 78 -27.69 -18.79 19.61
C VAL B 78 -26.53 -19.55 19.00
N THR B 79 -26.84 -20.58 18.22
CA THR B 79 -25.81 -21.40 17.60
C THR B 79 -25.48 -20.92 16.18
N PHE B 80 -24.20 -21.01 15.82
CA PHE B 80 -23.73 -20.59 14.50
C PHE B 80 -23.07 -21.73 13.72
N ALA B 81 -23.06 -21.60 12.40
CA ALA B 81 -22.44 -22.58 11.53
C ALA B 81 -21.92 -21.84 10.29
N ASP B 82 -20.86 -22.37 9.69
CA ASP B 82 -20.28 -21.77 8.49
C ASP B 82 -20.28 -22.84 7.41
N ALA B 83 -21.16 -22.70 6.43
CA ALA B 83 -21.28 -23.69 5.35
C ALA B 83 -20.25 -23.46 4.24
N GLY B 84 -19.22 -22.67 4.53
CA GLY B 84 -18.20 -22.41 3.53
C GLY B 84 -18.70 -21.53 2.40
N ASP B 85 -18.14 -21.73 1.21
CA ASP B 85 -18.54 -20.94 0.05
C ASP B 85 -19.12 -21.80 -1.05
N VAL B 86 -19.94 -21.18 -1.89
CA VAL B 86 -20.53 -21.85 -3.02
C VAL B 86 -19.35 -22.16 -3.94
N ILE B 87 -19.36 -23.32 -4.58
CA ILE B 87 -18.27 -23.67 -5.49
C ILE B 87 -18.61 -23.07 -6.84
N LEU B 88 -18.01 -21.93 -7.14
CA LEU B 88 -18.26 -21.22 -8.38
C LEU B 88 -17.34 -21.63 -9.51
N PRO B 89 -17.85 -21.60 -10.75
CA PRO B 89 -17.03 -21.96 -11.91
C PRO B 89 -16.37 -20.64 -12.34
N SER B 90 -15.55 -20.68 -13.38
CA SER B 90 -14.96 -19.46 -13.88
C SER B 90 -15.97 -19.01 -14.92
N LEU B 91 -16.19 -17.70 -15.04
CA LEU B 91 -17.17 -17.19 -16.00
C LEU B 91 -18.48 -17.92 -15.76
N GLU B 92 -19.16 -18.34 -16.83
CA GLU B 92 -20.42 -19.09 -16.72
C GLU B 92 -21.37 -18.54 -15.65
N PRO B 93 -21.83 -17.28 -15.79
CA PRO B 93 -22.74 -16.71 -14.79
C PRO B 93 -24.03 -17.49 -14.53
N GLN B 94 -24.65 -18.01 -15.59
CA GLN B 94 -25.88 -18.76 -15.42
C GLN B 94 -25.66 -19.96 -14.49
N LEU B 95 -24.54 -20.65 -14.69
CA LEU B 95 -24.18 -21.80 -13.88
C LEU B 95 -23.93 -21.36 -12.43
N ALA B 96 -23.19 -20.25 -12.28
CA ALA B 96 -22.90 -19.73 -10.95
C ALA B 96 -24.19 -19.44 -10.20
N HIS B 97 -25.16 -18.84 -10.87
CA HIS B 97 -26.44 -18.51 -10.25
C HIS B 97 -27.15 -19.78 -9.74
N ASP B 98 -27.16 -20.82 -10.56
CA ASP B 98 -27.81 -22.07 -10.17
C ASP B 98 -27.17 -22.68 -8.94
N ARG B 99 -25.85 -22.67 -8.88
CA ARG B 99 -25.17 -23.23 -7.72
C ARG B 99 -25.41 -22.36 -6.48
N ILE B 100 -25.49 -21.05 -6.69
CA ILE B 100 -25.74 -20.13 -5.59
C ILE B 100 -27.12 -20.40 -4.98
N THR B 101 -28.13 -20.49 -5.83
CA THR B 101 -29.48 -20.74 -5.34
C THR B 101 -29.56 -22.07 -4.61
N GLU B 102 -29.03 -23.12 -5.23
CA GLU B 102 -29.05 -24.44 -4.62
C GLU B 102 -28.40 -24.44 -3.25
N ALA B 103 -27.22 -23.84 -3.14
CA ALA B 103 -26.51 -23.77 -1.87
C ALA B 103 -27.34 -22.97 -0.88
N ALA B 104 -27.89 -21.84 -1.33
CA ALA B 104 -28.71 -20.99 -0.48
C ALA B 104 -29.91 -21.78 0.06
N ARG B 105 -30.56 -22.54 -0.82
CA ARG B 105 -31.72 -23.35 -0.40
C ARG B 105 -31.33 -24.34 0.68
N GLN B 106 -30.21 -25.03 0.49
CA GLN B 106 -29.73 -26.03 1.44
C GLN B 106 -29.40 -25.42 2.80
N VAL B 107 -28.73 -24.27 2.82
CA VAL B 107 -28.38 -23.63 4.08
C VAL B 107 -29.65 -23.08 4.74
N ARG B 108 -30.54 -22.53 3.93
CA ARG B 108 -31.79 -21.97 4.45
C ARG B 108 -32.58 -23.04 5.21
N GLY B 109 -32.67 -24.23 4.62
CA GLY B 109 -33.40 -25.31 5.26
C GLY B 109 -32.75 -25.88 6.50
N ARG B 110 -31.50 -25.49 6.77
CA ARG B 110 -30.78 -26.00 7.93
C ARG B 110 -30.54 -24.99 9.03
N CYS B 111 -31.06 -23.77 8.87
CA CYS B 111 -30.90 -22.75 9.90
C CYS B 111 -32.12 -21.85 9.96
N ARG B 112 -32.12 -20.95 10.94
CA ARG B 112 -33.22 -20.02 11.10
C ARG B 112 -32.96 -18.75 10.30
N VAL B 113 -31.73 -18.23 10.43
CA VAL B 113 -31.35 -17.01 9.71
C VAL B 113 -30.04 -17.19 8.96
N PRO B 114 -30.11 -17.31 7.63
CA PRO B 114 -28.90 -17.48 6.82
C PRO B 114 -28.24 -16.13 6.56
N VAL B 115 -26.91 -16.12 6.54
CA VAL B 115 -26.15 -14.90 6.29
C VAL B 115 -25.31 -15.13 5.04
N PHE B 116 -25.53 -14.32 4.02
CA PHE B 116 -24.78 -14.47 2.78
C PHE B 116 -23.70 -13.41 2.61
N LEU B 117 -22.47 -13.87 2.39
CA LEU B 117 -21.35 -12.97 2.23
C LEU B 117 -20.92 -12.84 0.77
N GLY B 118 -21.21 -11.70 0.15
CA GLY B 118 -20.84 -11.48 -1.23
C GLY B 118 -19.36 -11.11 -1.28
N GLY B 119 -18.79 -10.92 -2.48
CA GLY B 119 -19.50 -11.04 -3.74
C GLY B 119 -20.10 -9.71 -4.17
N ASP B 120 -20.21 -9.47 -5.47
CA ASP B 120 -20.80 -8.20 -5.93
C ASP B 120 -22.32 -8.31 -5.74
N HIS B 121 -23.05 -7.21 -5.95
CA HIS B 121 -24.48 -7.25 -5.71
C HIS B 121 -25.32 -8.17 -6.59
N SER B 122 -24.76 -8.61 -7.71
CA SER B 122 -25.50 -9.49 -8.59
C SER B 122 -25.88 -10.81 -7.91
N VAL B 123 -25.12 -11.20 -6.89
CA VAL B 123 -25.40 -12.45 -6.19
C VAL B 123 -26.75 -12.43 -5.48
N SER B 124 -27.26 -11.24 -5.17
CA SER B 124 -28.54 -11.13 -4.48
C SER B 124 -29.68 -11.80 -5.26
N TYR B 125 -29.55 -11.84 -6.58
CA TYR B 125 -30.58 -12.46 -7.42
C TYR B 125 -30.69 -13.97 -7.18
N PRO B 126 -29.65 -14.75 -7.49
CA PRO B 126 -29.77 -16.20 -7.27
C PRO B 126 -30.00 -16.54 -5.80
N LEU B 127 -29.61 -15.62 -4.92
CA LEU B 127 -29.77 -15.81 -3.49
C LEU B 127 -31.25 -15.70 -3.13
N LEU B 128 -31.93 -14.68 -3.66
CA LEU B 128 -33.34 -14.49 -3.39
C LEU B 128 -34.21 -15.62 -3.97
N ARG B 129 -33.74 -16.24 -5.05
CA ARG B 129 -34.50 -17.34 -5.66
C ARG B 129 -34.73 -18.47 -4.66
N ALA B 130 -33.93 -18.49 -3.59
CA ALA B 130 -34.05 -19.53 -2.57
C ALA B 130 -35.14 -19.21 -1.56
N PHE B 131 -35.78 -18.06 -1.72
CA PHE B 131 -36.84 -17.63 -0.81
C PHE B 131 -38.19 -17.57 -1.51
N ALA B 132 -38.33 -18.38 -2.57
CA ALA B 132 -39.57 -18.43 -3.34
C ALA B 132 -40.80 -18.76 -2.51
N ASP B 133 -40.62 -19.55 -1.45
CA ASP B 133 -41.75 -19.96 -0.62
C ASP B 133 -42.08 -19.02 0.53
N VAL B 134 -41.49 -17.83 0.53
CA VAL B 134 -41.78 -16.88 1.60
C VAL B 134 -42.90 -15.96 1.11
N PRO B 135 -44.08 -16.06 1.74
CA PRO B 135 -45.24 -15.23 1.37
C PRO B 135 -45.04 -13.75 1.64
N ASP B 136 -45.44 -12.92 0.68
CA ASP B 136 -45.34 -11.48 0.80
C ASP B 136 -43.95 -11.08 1.30
N LEU B 137 -42.93 -11.54 0.58
CA LEU B 137 -41.55 -11.25 0.96
C LEU B 137 -41.19 -9.79 0.72
N HIS B 138 -40.59 -9.15 1.72
CA HIS B 138 -40.17 -7.76 1.62
C HIS B 138 -38.64 -7.71 1.73
N VAL B 139 -38.03 -6.81 0.97
CA VAL B 139 -36.58 -6.65 1.02
C VAL B 139 -36.28 -5.23 1.51
N VAL B 140 -35.42 -5.13 2.52
CA VAL B 140 -34.98 -3.84 3.03
C VAL B 140 -33.55 -3.78 2.52
N GLN B 141 -33.30 -2.87 1.59
CA GLN B 141 -32.00 -2.74 0.94
C GLN B 141 -31.28 -1.43 1.27
N LEU B 142 -30.07 -1.55 1.82
CA LEU B 142 -29.26 -0.37 2.11
C LEU B 142 -28.35 -0.30 0.89
N ASP B 143 -28.38 0.83 0.19
CA ASP B 143 -27.60 0.94 -1.04
C ASP B 143 -27.52 2.38 -1.53
N ALA B 144 -26.42 2.74 -2.19
CA ALA B 144 -26.30 4.08 -2.75
C ALA B 144 -26.99 4.03 -4.11
N HIS B 145 -27.16 2.82 -4.63
CA HIS B 145 -27.78 2.60 -5.94
C HIS B 145 -29.06 1.78 -5.85
N LEU B 146 -29.92 1.93 -6.86
CA LEU B 146 -31.19 1.22 -6.91
C LEU B 146 -31.05 -0.24 -7.32
N ASP B 147 -30.20 -0.50 -8.31
CA ASP B 147 -29.96 -1.85 -8.81
C ASP B 147 -31.24 -2.56 -9.28
N PHE B 148 -32.07 -1.84 -10.03
CA PHE B 148 -33.30 -2.38 -10.56
C PHE B 148 -33.27 -2.19 -12.08
N THR B 149 -32.06 -2.14 -12.62
CA THR B 149 -31.85 -1.94 -14.06
C THR B 149 -32.15 -3.22 -14.84
N ASP B 150 -32.69 -3.06 -16.04
CA ASP B 150 -33.01 -4.20 -16.88
C ASP B 150 -31.74 -4.72 -17.55
N THR B 151 -31.16 -3.90 -18.41
CA THR B 151 -29.93 -4.27 -19.11
C THR B 151 -28.86 -3.19 -18.97
N ARG B 152 -27.62 -3.62 -18.77
CA ARG B 152 -26.48 -2.72 -18.63
C ARG B 152 -25.27 -3.34 -19.34
N ASN B 153 -24.62 -2.56 -20.19
CA ASN B 153 -23.45 -3.04 -20.92
C ASN B 153 -23.68 -4.39 -21.57
N ASP B 154 -24.84 -4.49 -22.22
CA ASP B 154 -25.25 -5.68 -22.95
C ASP B 154 -25.43 -6.98 -22.16
N THR B 155 -25.82 -6.87 -20.90
CA THR B 155 -26.06 -8.04 -20.09
C THR B 155 -27.23 -7.84 -19.13
N LYS B 156 -27.85 -8.94 -18.75
CA LYS B 156 -28.99 -8.94 -17.83
C LYS B 156 -28.52 -9.30 -16.43
N TRP B 157 -27.29 -9.81 -16.33
CA TRP B 157 -26.74 -10.28 -15.08
C TRP B 157 -25.77 -9.39 -14.30
N SER B 158 -25.66 -8.11 -14.65
CA SER B 158 -24.72 -7.22 -13.93
C SER B 158 -25.18 -6.95 -12.50
N ASN B 159 -24.35 -6.24 -11.65
CA ASN B 159 -24.72 -5.94 -10.28
C ASN B 159 -25.73 -4.79 -10.21
N SER B 160 -26.05 -4.35 -11.38
CA SER B 160 -27.01 -3.26 -11.46
C SER B 160 -28.43 -3.76 -11.70
N SER B 161 -28.59 -5.09 -11.80
CA SER B 161 -29.90 -5.68 -12.07
C SER B 161 -30.43 -6.78 -11.13
N PRO B 162 -29.72 -7.08 -10.02
CA PRO B 162 -30.21 -8.14 -9.14
C PRO B 162 -31.68 -8.13 -8.69
N PHE B 163 -32.19 -6.99 -8.26
CA PHE B 163 -33.57 -6.96 -7.81
C PHE B 163 -34.58 -6.95 -8.95
N ARG B 164 -34.14 -6.50 -10.12
CA ARG B 164 -35.01 -6.48 -11.29
C ARG B 164 -35.17 -7.95 -11.68
N ARG B 165 -34.06 -8.66 -11.75
CA ARG B 165 -34.08 -10.08 -12.09
C ARG B 165 -34.88 -10.87 -11.03
N ALA B 166 -34.64 -10.56 -9.77
CA ALA B 166 -35.32 -11.24 -8.66
C ALA B 166 -36.83 -11.08 -8.67
N CYS B 167 -37.30 -9.88 -8.97
CA CYS B 167 -38.73 -9.62 -9.00
C CYS B 167 -39.45 -10.32 -10.15
N GLU B 168 -38.80 -10.38 -11.32
CA GLU B 168 -39.42 -11.04 -12.45
C GLU B 168 -39.35 -12.56 -12.38
N ALA B 169 -38.70 -13.07 -11.34
CA ALA B 169 -38.58 -14.51 -11.16
C ALA B 169 -39.30 -14.97 -9.90
N LEU B 170 -39.66 -14.01 -9.05
CA LEU B 170 -40.33 -14.33 -7.80
C LEU B 170 -41.55 -13.46 -7.54
N PRO B 171 -42.74 -13.94 -7.92
CA PRO B 171 -43.96 -13.16 -7.70
C PRO B 171 -44.26 -12.92 -6.21
N ASN B 172 -43.63 -13.69 -5.34
CA ASN B 172 -43.84 -13.56 -3.90
C ASN B 172 -43.02 -12.38 -3.31
N LEU B 173 -42.12 -11.84 -4.10
CA LEU B 173 -41.31 -10.70 -3.65
C LEU B 173 -42.21 -9.49 -3.94
N VAL B 174 -43.06 -9.16 -2.98
CA VAL B 174 -44.03 -8.07 -3.15
C VAL B 174 -43.57 -6.63 -2.94
N HIS B 175 -42.52 -6.42 -2.16
CA HIS B 175 -42.08 -5.05 -1.93
C HIS B 175 -40.60 -4.89 -1.59
N ILE B 176 -40.04 -3.75 -1.97
CA ILE B 176 -38.66 -3.45 -1.68
C ILE B 176 -38.57 -2.02 -1.19
N THR B 177 -37.81 -1.81 -0.12
CA THR B 177 -37.60 -0.49 0.44
C THR B 177 -36.09 -0.28 0.33
N THR B 178 -35.68 0.70 -0.45
CA THR B 178 -34.26 0.97 -0.66
C THR B 178 -33.92 2.28 0.03
N VAL B 179 -32.92 2.25 0.90
CA VAL B 179 -32.51 3.43 1.64
C VAL B 179 -31.06 3.77 1.42
N GLY B 180 -30.79 5.06 1.23
CA GLY B 180 -29.43 5.53 1.04
C GLY B 180 -29.07 5.97 -0.36
N LEU B 181 -30.05 5.98 -1.26
CA LEU B 181 -29.80 6.36 -2.65
C LEU B 181 -29.22 7.76 -2.83
N ARG B 182 -28.20 7.87 -3.68
CA ARG B 182 -27.53 9.14 -3.95
C ARG B 182 -26.63 8.97 -5.17
N GLY B 183 -26.16 10.08 -5.74
CA GLY B 183 -25.31 10.01 -6.90
C GLY B 183 -25.82 10.93 -7.99
N LEU B 184 -25.00 11.21 -8.99
CA LEU B 184 -25.43 12.10 -10.06
C LEU B 184 -26.27 11.41 -11.11
N ARG B 185 -26.16 10.10 -11.22
CA ARG B 185 -26.89 9.36 -12.24
C ARG B 185 -27.78 8.22 -11.75
N PHE B 186 -28.99 8.14 -12.31
CA PHE B 186 -29.93 7.07 -12.01
C PHE B 186 -30.59 6.64 -13.31
N ASP B 187 -30.84 5.34 -13.45
CA ASP B 187 -31.49 4.79 -14.62
C ASP B 187 -32.98 5.13 -14.53
N PRO B 188 -33.47 6.03 -15.40
CA PRO B 188 -34.88 6.43 -15.39
C PRO B 188 -35.87 5.29 -15.63
N GLU B 189 -35.46 4.30 -16.42
CA GLU B 189 -36.31 3.15 -16.72
C GLU B 189 -36.42 2.29 -15.46
N ALA B 190 -35.30 2.16 -14.75
CA ALA B 190 -35.25 1.37 -13.52
C ALA B 190 -36.06 2.05 -12.42
N VAL B 191 -35.91 3.36 -12.29
CA VAL B 191 -36.63 4.11 -11.27
C VAL B 191 -38.13 4.01 -11.52
N ALA B 192 -38.55 4.22 -12.77
CA ALA B 192 -39.96 4.16 -13.14
C ALA B 192 -40.53 2.76 -12.88
N ALA B 193 -39.77 1.73 -13.26
CA ALA B 193 -40.19 0.35 -13.07
C ALA B 193 -40.35 -0.01 -11.60
N ALA B 194 -39.50 0.55 -10.76
CA ALA B 194 -39.56 0.28 -9.33
C ALA B 194 -40.80 0.91 -8.71
N ARG B 195 -41.05 2.17 -9.07
CA ARG B 195 -42.22 2.86 -8.53
C ARG B 195 -43.50 2.20 -9.03
N ALA B 196 -43.49 1.80 -10.29
CA ALA B 196 -44.65 1.15 -10.89
C ALA B 196 -45.07 -0.06 -10.07
N ARG B 197 -44.07 -0.77 -9.53
CA ARG B 197 -44.35 -1.95 -8.73
C ARG B 197 -44.62 -1.56 -7.27
N GLY B 198 -44.58 -0.26 -7.00
CA GLY B 198 -44.84 0.22 -5.66
C GLY B 198 -43.69 0.13 -4.68
N HIS B 199 -42.47 -0.02 -5.18
CA HIS B 199 -41.32 -0.10 -4.29
C HIS B 199 -41.11 1.25 -3.61
N THR B 200 -40.45 1.25 -2.46
CA THR B 200 -40.21 2.49 -1.74
C THR B 200 -38.74 2.92 -1.93
N ILE B 201 -38.56 4.15 -2.38
CA ILE B 201 -37.22 4.70 -2.62
C ILE B 201 -36.95 5.83 -1.65
N ILE B 202 -35.95 5.64 -0.79
CA ILE B 202 -35.60 6.63 0.22
C ILE B 202 -34.17 7.13 -0.01
N PRO B 203 -34.02 8.30 -0.63
CA PRO B 203 -32.72 8.91 -0.91
C PRO B 203 -32.00 9.25 0.39
N MET B 204 -30.67 9.28 0.34
CA MET B 204 -29.88 9.60 1.53
C MET B 204 -30.30 10.96 2.12
N ASP B 205 -30.76 11.88 1.28
CA ASP B 205 -31.19 13.18 1.78
C ASP B 205 -32.33 13.06 2.79
N ASP B 206 -33.22 12.10 2.56
CA ASP B 206 -34.34 11.89 3.46
C ASP B 206 -33.85 11.41 4.82
N VAL B 207 -32.83 10.57 4.83
CA VAL B 207 -32.26 10.06 6.07
C VAL B 207 -31.65 11.22 6.85
N THR B 208 -30.95 12.08 6.12
CA THR B 208 -30.30 13.23 6.73
C THR B 208 -31.33 14.25 7.23
N ALA B 209 -32.30 14.57 6.39
CA ALA B 209 -33.32 15.54 6.75
C ALA B 209 -34.23 15.06 7.88
N ASP B 210 -34.67 13.80 7.81
CA ASP B 210 -35.57 13.28 8.83
C ASP B 210 -35.51 11.75 8.99
N LEU B 211 -34.60 11.28 9.83
CA LEU B 211 -34.43 9.86 10.07
C LEU B 211 -35.69 9.18 10.61
N ALA B 212 -36.39 9.84 11.52
CA ALA B 212 -37.62 9.27 12.08
C ALA B 212 -38.64 9.03 10.97
N GLY B 213 -38.67 9.93 10.00
CA GLY B 213 -39.59 9.77 8.88
C GLY B 213 -39.20 8.58 8.05
N VAL B 214 -37.92 8.24 8.07
CA VAL B 214 -37.41 7.10 7.31
C VAL B 214 -37.80 5.82 8.03
N LEU B 215 -37.52 5.75 9.33
CA LEU B 215 -37.85 4.55 10.08
C LEU B 215 -39.34 4.25 10.02
N ALA B 216 -40.15 5.31 9.90
CA ALA B 216 -41.60 5.17 9.84
C ALA B 216 -42.08 4.58 8.52
N GLN B 217 -41.21 4.53 7.52
CA GLN B 217 -41.57 3.99 6.22
C GLN B 217 -41.15 2.52 6.09
N LEU B 218 -40.42 2.03 7.08
CA LEU B 218 -39.96 0.65 7.06
C LEU B 218 -41.13 -0.28 7.33
N PRO B 219 -41.06 -1.52 6.82
CA PRO B 219 -42.14 -2.48 7.03
C PRO B 219 -42.34 -2.88 8.49
N ARG B 220 -43.56 -3.29 8.83
CA ARG B 220 -43.90 -3.74 10.17
C ARG B 220 -44.65 -5.06 10.04
N GLY B 221 -44.25 -6.04 10.84
CA GLY B 221 -44.90 -7.35 10.81
C GLY B 221 -44.82 -8.09 9.48
N GLN B 222 -43.72 -7.92 8.75
CA GLN B 222 -43.55 -8.58 7.46
C GLN B 222 -42.39 -9.58 7.50
N ASN B 223 -42.29 -10.39 6.45
CA ASN B 223 -41.18 -11.32 6.32
C ASN B 223 -40.14 -10.46 5.59
N VAL B 224 -39.00 -10.23 6.22
CA VAL B 224 -37.99 -9.37 5.63
C VAL B 224 -36.63 -9.98 5.36
N TYR B 225 -36.11 -9.69 4.16
CA TYR B 225 -34.78 -10.14 3.75
C TYR B 225 -33.96 -8.86 3.71
N PHE B 226 -32.82 -8.84 4.41
CA PHE B 226 -31.94 -7.69 4.43
C PHE B 226 -30.87 -7.81 3.36
N SER B 227 -30.68 -6.75 2.58
CA SER B 227 -29.63 -6.75 1.56
C SER B 227 -28.82 -5.49 1.82
N VAL B 228 -27.60 -5.67 2.34
CA VAL B 228 -26.74 -4.54 2.66
C VAL B 228 -25.57 -4.39 1.71
N ASP B 229 -25.60 -3.33 0.90
CA ASP B 229 -24.51 -3.04 -0.02
C ASP B 229 -23.66 -2.08 0.80
N VAL B 230 -22.41 -2.45 1.06
CA VAL B 230 -21.56 -1.59 1.87
C VAL B 230 -21.39 -0.18 1.29
N ASP B 231 -21.63 0.01 0.00
CA ASP B 231 -21.45 1.37 -0.52
C ASP B 231 -22.59 2.30 -0.11
N GLY B 232 -23.54 1.77 0.66
CA GLY B 232 -24.62 2.59 1.15
C GLY B 232 -24.04 3.49 2.22
N PHE B 233 -22.98 3.00 2.86
CA PHE B 233 -22.32 3.75 3.92
C PHE B 233 -21.37 4.77 3.32
N ASP B 234 -21.12 5.85 4.06
CA ASP B 234 -20.23 6.89 3.58
C ASP B 234 -18.85 6.30 3.26
N PRO B 235 -18.23 6.70 2.15
CA PRO B 235 -16.91 6.20 1.75
C PRO B 235 -15.82 6.51 2.77
N ALA B 236 -16.04 7.51 3.62
CA ALA B 236 -15.04 7.84 4.65
C ALA B 236 -15.07 6.74 5.69
N VAL B 237 -16.26 6.19 5.92
CA VAL B 237 -16.43 5.11 6.89
C VAL B 237 -16.03 3.77 6.30
N ILE B 238 -16.55 3.48 5.11
CA ILE B 238 -16.27 2.21 4.43
C ILE B 238 -15.75 2.48 3.01
N PRO B 239 -14.44 2.77 2.89
CA PRO B 239 -13.86 3.04 1.57
C PRO B 239 -13.64 1.81 0.71
N GLY B 240 -13.61 0.63 1.33
CA GLY B 240 -13.38 -0.58 0.59
C GLY B 240 -14.56 -1.06 -0.25
N THR B 241 -14.84 -0.38 -1.35
CA THR B 241 -15.93 -0.78 -2.22
C THR B 241 -15.64 -0.24 -3.61
N SER B 242 -16.09 -0.95 -4.63
CA SER B 242 -15.82 -0.57 -6.02
C SER B 242 -16.21 0.84 -6.45
N SER B 243 -17.47 1.21 -6.23
CA SER B 243 -17.97 2.52 -6.65
C SER B 243 -18.54 3.35 -5.53
N PRO B 244 -17.67 4.01 -4.75
CA PRO B 244 -18.11 4.86 -3.64
C PRO B 244 -18.81 6.14 -4.08
N GLU B 245 -19.76 6.58 -3.26
CA GLU B 245 -20.52 7.80 -3.52
C GLU B 245 -20.46 8.61 -2.23
N PRO B 246 -20.11 9.91 -2.31
CA PRO B 246 -20.03 10.75 -1.11
C PRO B 246 -21.33 10.94 -0.34
N ASP B 247 -21.18 11.35 0.92
CA ASP B 247 -22.29 11.64 1.82
C ASP B 247 -23.29 10.50 1.96
N GLY B 248 -22.82 9.43 2.59
CA GLY B 248 -23.64 8.25 2.80
C GLY B 248 -23.99 8.04 4.26
N LEU B 249 -24.44 6.84 4.57
CA LEU B 249 -24.83 6.48 5.92
C LEU B 249 -23.64 6.34 6.85
N THR B 250 -23.78 6.81 8.08
CA THR B 250 -22.71 6.60 9.05
C THR B 250 -23.04 5.20 9.51
N TYR B 251 -22.10 4.54 10.16
CA TYR B 251 -22.38 3.19 10.64
C TYR B 251 -23.65 3.20 11.49
N ALA B 252 -23.73 4.18 12.39
CA ALA B 252 -24.87 4.32 13.31
C ALA B 252 -26.21 4.46 12.62
N GLN B 253 -26.25 5.26 11.55
CA GLN B 253 -27.49 5.45 10.81
C GLN B 253 -27.92 4.16 10.14
N GLY B 254 -26.97 3.48 9.49
CA GLY B 254 -27.29 2.24 8.82
C GLY B 254 -27.79 1.21 9.82
N MET B 255 -27.16 1.19 11.00
CA MET B 255 -27.53 0.24 12.04
C MET B 255 -28.90 0.56 12.64
N LYS B 256 -29.23 1.85 12.74
CA LYS B 256 -30.53 2.24 13.28
C LYS B 256 -31.65 1.73 12.38
N ILE B 257 -31.42 1.80 11.07
CA ILE B 257 -32.40 1.33 10.11
C ILE B 257 -32.53 -0.17 10.23
N LEU B 258 -31.39 -0.87 10.20
CA LEU B 258 -31.42 -2.33 10.33
C LEU B 258 -32.02 -2.76 11.67
N ALA B 259 -31.70 -2.01 12.72
CA ALA B 259 -32.19 -2.32 14.06
C ALA B 259 -33.71 -2.19 14.16
N ALA B 260 -34.26 -1.14 13.55
CA ALA B 260 -35.70 -0.92 13.57
C ALA B 260 -36.43 -2.03 12.82
N ALA B 261 -35.96 -2.33 11.61
CA ALA B 261 -36.59 -3.37 10.80
C ALA B 261 -36.47 -4.75 11.46
N ALA B 262 -35.32 -5.01 12.07
CA ALA B 262 -35.07 -6.29 12.73
C ALA B 262 -36.04 -6.54 13.89
N ALA B 263 -36.34 -5.48 14.64
CA ALA B 263 -37.24 -5.60 15.78
C ALA B 263 -38.72 -5.61 15.43
N ASN B 264 -39.08 -5.15 14.23
CA ASN B 264 -40.48 -5.08 13.84
C ASN B 264 -40.93 -6.10 12.79
N ASN B 265 -40.05 -7.00 12.40
CA ASN B 265 -40.39 -7.98 11.38
C ASN B 265 -39.81 -9.36 11.65
N THR B 266 -40.13 -10.29 10.76
CA THR B 266 -39.63 -11.65 10.83
C THR B 266 -38.51 -11.65 9.79
N VAL B 267 -37.26 -11.66 10.24
CA VAL B 267 -36.12 -11.66 9.33
C VAL B 267 -35.81 -13.05 8.84
N VAL B 268 -35.89 -13.26 7.53
CA VAL B 268 -35.64 -14.58 6.97
C VAL B 268 -34.25 -14.72 6.36
N GLY B 269 -33.50 -13.63 6.29
CA GLY B 269 -32.16 -13.70 5.72
C GLY B 269 -31.49 -12.38 5.54
N LEU B 270 -30.19 -12.42 5.24
CA LEU B 270 -29.42 -11.21 5.03
C LEU B 270 -28.18 -11.45 4.19
N ASP B 271 -27.85 -10.49 3.32
CA ASP B 271 -26.63 -10.61 2.55
C ASP B 271 -25.82 -9.33 2.74
N LEU B 272 -24.50 -9.45 2.65
CA LEU B 272 -23.59 -8.32 2.81
C LEU B 272 -22.75 -8.34 1.55
N VAL B 273 -22.95 -7.36 0.68
CA VAL B 273 -22.24 -7.35 -0.59
C VAL B 273 -21.43 -6.09 -0.94
N GLU B 274 -20.63 -6.23 -1.99
CA GLU B 274 -19.79 -5.17 -2.53
C GLU B 274 -18.58 -4.75 -1.70
N LEU B 275 -18.26 -5.51 -0.67
CA LEU B 275 -17.10 -5.19 0.16
C LEU B 275 -15.87 -5.53 -0.70
N ALA B 276 -14.88 -4.64 -0.70
CA ALA B 276 -13.65 -4.87 -1.48
C ALA B 276 -12.45 -4.58 -0.56
N PRO B 277 -12.00 -5.59 0.19
CA PRO B 277 -10.87 -5.52 1.13
C PRO B 277 -9.60 -4.94 0.52
N ASN B 278 -9.34 -5.31 -0.71
CA ASN B 278 -8.17 -4.85 -1.45
C ASN B 278 -8.16 -3.33 -1.65
N LEU B 279 -9.32 -2.70 -1.50
CA LEU B 279 -9.41 -1.26 -1.69
C LEU B 279 -9.31 -0.45 -0.39
N ASP B 280 -9.16 -1.15 0.74
CA ASP B 280 -9.02 -0.47 2.03
C ASP B 280 -7.88 -1.10 2.81
N PRO B 281 -6.65 -0.63 2.59
CA PRO B 281 -5.47 -1.17 3.29
C PRO B 281 -5.48 -0.92 4.81
N THR B 282 -6.40 -0.09 5.30
CA THR B 282 -6.46 0.15 6.75
C THR B 282 -7.25 -0.98 7.41
N GLY B 283 -7.94 -1.76 6.58
CA GLY B 283 -8.73 -2.88 7.06
C GLY B 283 -9.98 -2.53 7.85
N ARG B 284 -10.32 -1.24 7.98
CA ARG B 284 -11.50 -0.85 8.75
C ARG B 284 -12.82 -1.23 8.09
N SER B 285 -12.83 -1.34 6.77
CA SER B 285 -14.05 -1.69 6.05
C SER B 285 -14.57 -3.07 6.47
N GLU B 286 -13.72 -4.09 6.37
CA GLU B 286 -14.15 -5.44 6.75
C GLU B 286 -14.44 -5.53 8.25
N LEU B 287 -13.62 -4.89 9.08
CA LEU B 287 -13.86 -4.93 10.53
C LEU B 287 -15.23 -4.36 10.89
N LEU B 288 -15.55 -3.21 10.34
CA LEU B 288 -16.81 -2.56 10.63
C LEU B 288 -18.01 -3.31 10.06
N MET B 289 -17.85 -3.87 8.85
CA MET B 289 -18.96 -4.59 8.23
C MET B 289 -19.21 -5.94 8.88
N ALA B 290 -18.16 -6.60 9.37
CA ALA B 290 -18.35 -7.88 10.04
C ALA B 290 -19.14 -7.58 11.32
N ARG B 291 -18.81 -6.46 11.96
CA ARG B 291 -19.51 -6.07 13.17
C ARG B 291 -20.97 -5.75 12.88
N LEU B 292 -21.21 -5.11 11.73
CA LEU B 292 -22.58 -4.75 11.36
C LEU B 292 -23.45 -5.99 11.28
N VAL B 293 -22.91 -7.04 10.67
CA VAL B 293 -23.64 -8.30 10.54
C VAL B 293 -23.94 -8.89 11.90
N MET B 294 -22.93 -8.92 12.77
CA MET B 294 -23.12 -9.48 14.11
C MET B 294 -24.10 -8.65 14.93
N GLU B 295 -24.01 -7.32 14.82
CA GLU B 295 -24.91 -6.46 15.56
C GLU B 295 -26.34 -6.59 15.04
N THR B 296 -26.48 -6.78 13.74
CA THR B 296 -27.81 -6.93 13.16
C THR B 296 -28.41 -8.20 13.75
N LEU B 297 -27.60 -9.24 13.84
CA LEU B 297 -28.06 -10.52 14.41
C LEU B 297 -28.47 -10.35 15.86
N CYS B 298 -27.75 -9.51 16.61
CA CYS B 298 -28.09 -9.27 18.01
C CYS B 298 -29.50 -8.69 18.07
N GLU B 299 -29.79 -7.75 17.17
CA GLU B 299 -31.10 -7.13 17.10
C GLU B 299 -32.17 -8.13 16.69
N VAL B 300 -31.86 -8.96 15.70
CA VAL B 300 -32.81 -9.95 15.23
C VAL B 300 -33.24 -10.93 16.32
N PHE B 301 -32.28 -11.58 16.97
CA PHE B 301 -32.62 -12.53 18.00
C PHE B 301 -33.05 -11.92 19.33
N ASP B 302 -32.95 -10.60 19.43
CA ASP B 302 -33.33 -9.91 20.67
C ASP B 302 -34.83 -9.62 20.65
N HIS B 303 -35.47 -9.85 19.52
CA HIS B 303 -36.90 -9.62 19.37
C HIS B 303 -37.60 -10.80 18.70
N VAL B 304 -37.14 -12.01 19.01
CA VAL B 304 -37.74 -13.21 18.44
C VAL B 304 -39.09 -13.46 19.10
N LEU B 305 -40.04 -13.97 18.32
CA LEU B 305 -41.38 -14.25 18.84
C LEU B 305 -41.51 -15.70 19.29
N GLY C 3 17.18 32.93 10.79
CA GLY C 3 17.61 32.45 9.45
C GLY C 3 16.57 31.57 8.77
N PRO C 4 16.99 30.68 7.87
CA PRO C 4 16.05 29.78 7.17
C PRO C 4 15.53 28.68 8.08
N ALA C 5 14.29 28.26 7.86
CA ALA C 5 13.68 27.22 8.67
C ALA C 5 13.49 25.94 7.86
N HIS C 6 13.64 24.79 8.53
CA HIS C 6 13.48 23.51 7.86
C HIS C 6 12.04 23.31 7.41
N LEU C 7 11.87 22.51 6.37
CA LEU C 7 10.55 22.17 5.86
C LEU C 7 10.20 20.94 6.71
N PRO C 8 8.94 20.47 6.66
CA PRO C 8 8.54 19.30 7.44
C PRO C 8 9.39 18.05 7.19
N TYR C 9 9.77 17.82 5.94
CA TYR C 9 10.56 16.64 5.58
C TYR C 9 12.05 16.79 5.83
N GLY C 10 12.46 17.90 6.43
CA GLY C 10 13.89 18.09 6.67
C GLY C 10 14.30 18.09 8.13
N GLY C 11 15.57 17.75 8.37
CA GLY C 11 16.09 17.71 9.74
C GLY C 11 15.83 16.41 10.46
N ILE C 12 16.46 16.26 11.63
CA ILE C 12 16.31 15.07 12.45
C ILE C 12 14.99 15.21 13.19
N PRO C 13 14.14 14.18 13.14
CA PRO C 13 12.85 14.27 13.82
C PRO C 13 12.83 14.03 15.34
N THR C 14 12.84 15.13 16.09
CA THR C 14 12.72 15.06 17.55
C THR C 14 11.36 15.72 17.75
N PHE C 15 10.69 15.43 18.86
CA PHE C 15 9.38 16.01 19.09
C PHE C 15 9.37 17.54 19.07
N ALA C 16 8.57 18.11 18.19
CA ALA C 16 8.47 19.56 18.07
C ALA C 16 9.84 20.20 17.79
N ARG C 17 10.74 19.40 17.22
CA ARG C 17 12.11 19.84 16.92
C ARG C 17 12.85 20.31 18.16
N ALA C 18 12.47 19.76 19.31
CA ALA C 18 13.11 20.13 20.56
C ALA C 18 14.47 19.47 20.67
N PRO C 19 15.36 20.02 21.52
CA PRO C 19 16.70 19.46 21.70
C PRO C 19 16.62 18.09 22.36
N LEU C 20 17.55 17.21 22.02
CA LEU C 20 17.56 15.87 22.59
C LEU C 20 18.30 15.83 23.93
N VAL C 21 17.67 15.22 24.93
CA VAL C 21 18.26 15.11 26.25
C VAL C 21 18.13 13.69 26.77
N GLN C 22 18.81 13.40 27.89
CA GLN C 22 18.75 12.09 28.53
C GLN C 22 17.71 12.21 29.64
N PRO C 23 16.93 11.15 29.88
CA PRO C 23 15.91 11.25 30.94
C PRO C 23 16.47 11.77 32.27
N ASP C 24 17.62 11.24 32.67
CA ASP C 24 18.23 11.66 33.93
C ASP C 24 19.37 12.65 33.72
N GLY C 25 19.33 13.38 32.59
CA GLY C 25 20.37 14.34 32.30
C GLY C 25 20.21 15.66 33.03
N ASP C 26 21.16 16.57 32.83
CA ASP C 26 21.11 17.87 33.49
C ASP C 26 20.37 18.90 32.63
N TRP C 27 19.05 18.78 32.59
CA TRP C 27 18.21 19.69 31.82
C TRP C 27 16.90 19.99 32.53
N GLN C 28 16.22 21.04 32.06
CA GLN C 28 14.92 21.45 32.57
C GLN C 28 14.18 22.17 31.45
N ALA C 29 12.89 21.89 31.31
CA ALA C 29 12.07 22.52 30.27
C ALA C 29 10.60 22.48 30.69
N ASP C 30 9.78 23.31 30.07
CA ASP C 30 8.36 23.33 30.44
C ASP C 30 7.68 22.02 30.05
N VAL C 31 8.03 21.51 28.87
CA VAL C 31 7.46 20.27 28.34
C VAL C 31 8.56 19.32 27.90
N ALA C 32 8.38 18.04 28.19
CA ALA C 32 9.35 17.04 27.77
C ALA C 32 8.64 15.80 27.22
N ALA C 33 9.10 15.33 26.06
CA ALA C 33 8.52 14.15 25.45
C ALA C 33 9.37 12.94 25.77
N LEU C 34 8.72 11.79 25.92
CA LEU C 34 9.41 10.53 26.19
C LEU C 34 8.66 9.45 25.44
N GLY C 35 9.35 8.73 24.57
CA GLY C 35 8.68 7.68 23.81
C GLY C 35 8.80 6.31 24.44
N VAL C 36 7.76 5.51 24.27
CA VAL C 36 7.72 4.15 24.80
C VAL C 36 7.23 3.25 23.65
N PRO C 37 8.16 2.85 22.75
CA PRO C 37 7.87 2.00 21.59
C PRO C 37 7.64 0.54 21.97
N PHE C 38 6.57 0.32 22.72
CA PHE C 38 6.21 -1.00 23.22
C PHE C 38 4.83 -1.40 22.70
N ASP C 39 4.74 -2.50 21.95
CA ASP C 39 3.43 -2.93 21.44
C ASP C 39 3.18 -4.42 21.49
N ILE C 40 3.96 -5.16 22.28
CA ILE C 40 3.77 -6.60 22.36
C ILE C 40 2.64 -7.01 23.30
N ALA C 41 1.97 -6.04 23.91
CA ALA C 41 0.87 -6.34 24.83
C ALA C 41 -0.51 -6.33 24.15
N LEU C 42 -0.60 -5.79 22.94
CA LEU C 42 -1.90 -5.75 22.28
C LEU C 42 -2.33 -7.10 21.73
N GLY C 43 -3.64 -7.30 21.62
CA GLY C 43 -4.13 -8.58 21.16
C GLY C 43 -4.49 -8.74 19.71
N PHE C 44 -4.24 -7.73 18.89
CA PHE C 44 -4.60 -7.84 17.48
C PHE C 44 -3.51 -7.45 16.49
N ARG C 45 -3.56 -6.22 15.99
CA ARG C 45 -2.60 -5.74 14.99
C ARG C 45 -1.48 -4.86 15.54
N PRO C 46 -0.23 -5.35 15.46
CA PRO C 46 0.98 -4.64 15.93
C PRO C 46 1.29 -3.42 15.07
N GLY C 47 2.17 -2.54 15.58
CA GLY C 47 2.53 -1.36 14.83
C GLY C 47 2.79 -0.15 15.70
N ALA C 48 2.13 -0.11 16.86
CA ALA C 48 2.29 1.00 17.78
C ALA C 48 3.73 1.21 18.25
N ARG C 49 4.61 0.23 18.02
CA ARG C 49 6.00 0.40 18.41
C ARG C 49 6.63 1.50 17.56
N PHE C 50 6.05 1.75 16.39
CA PHE C 50 6.56 2.78 15.47
C PHE C 50 5.89 4.12 15.68
N ALA C 51 4.93 4.18 16.60
CA ALA C 51 4.21 5.43 16.85
C ALA C 51 5.05 6.59 17.35
N PRO C 52 5.90 6.38 18.36
CA PRO C 52 6.71 7.52 18.84
C PRO C 52 7.46 8.19 17.69
N ARG C 53 8.10 7.38 16.85
CA ARG C 53 8.87 7.92 15.73
C ARG C 53 7.96 8.64 14.72
N ALA C 54 6.81 8.04 14.42
CA ALA C 54 5.87 8.64 13.48
C ALA C 54 5.34 9.96 14.03
N LEU C 55 5.08 9.99 15.34
CA LEU C 55 4.58 11.18 15.97
C LEU C 55 5.62 12.29 15.97
N ARG C 56 6.88 11.93 16.16
CA ARG C 56 7.95 12.94 16.15
C ARG C 56 8.04 13.53 14.74
N GLU C 57 8.00 12.68 13.73
CA GLU C 57 8.06 13.14 12.34
C GLU C 57 6.86 14.04 12.04
N ALA C 58 5.68 13.61 12.46
CA ALA C 58 4.48 14.40 12.22
C ALA C 58 4.50 15.72 12.98
N SER C 59 5.14 15.74 14.14
CA SER C 59 5.19 16.98 14.94
C SER C 59 6.00 18.08 14.27
N LEU C 60 6.78 17.74 13.25
CA LEU C 60 7.57 18.75 12.55
C LEU C 60 6.65 19.70 11.79
N ARG C 61 5.38 19.32 11.65
CA ARG C 61 4.39 20.16 10.99
C ARG C 61 3.67 21.00 12.03
N SER C 62 4.03 20.79 13.29
CA SER C 62 3.41 21.52 14.39
C SER C 62 4.44 22.00 15.41
N VAL C 63 5.45 22.71 14.93
CA VAL C 63 6.49 23.22 15.81
C VAL C 63 5.99 24.51 16.47
N PRO C 64 6.05 24.58 17.81
CA PRO C 64 5.58 25.77 18.53
C PRO C 64 6.57 26.92 18.39
N PRO C 65 6.13 28.15 18.71
CA PRO C 65 4.79 28.50 19.17
C PRO C 65 3.81 28.61 18.01
N PHE C 66 2.54 28.89 18.32
CA PHE C 66 1.52 28.98 17.27
C PHE C 66 0.75 30.29 17.29
N THR C 67 0.73 30.98 16.15
CA THR C 67 -0.04 32.21 16.06
C THR C 67 -1.25 31.83 15.23
N GLY C 68 -2.42 31.85 15.86
CA GLY C 68 -3.64 31.46 15.20
C GLY C 68 -4.26 32.44 14.23
N LEU C 69 -5.41 32.07 13.70
CA LEU C 69 -6.12 32.91 12.75
C LEU C 69 -6.45 34.28 13.36
N ASP C 70 -6.72 34.30 14.66
CA ASP C 70 -7.04 35.55 15.36
C ASP C 70 -5.82 36.43 15.64
N GLY C 71 -4.65 35.98 15.22
CA GLY C 71 -3.45 36.76 15.43
C GLY C 71 -2.81 36.64 16.80
N LYS C 72 -3.40 35.83 17.67
CA LYS C 72 -2.85 35.63 19.01
C LYS C 72 -1.93 34.41 19.02
N THR C 73 -0.88 34.48 19.83
CA THR C 73 0.10 33.39 19.91
C THR C 73 -0.02 32.57 21.19
N ARG C 74 0.15 31.25 21.04
CA ARG C 74 0.11 30.34 22.18
C ARG C 74 1.42 29.57 22.26
N LEU C 75 1.80 29.20 23.49
CA LEU C 75 3.05 28.48 23.76
C LEU C 75 4.28 29.35 23.55
N GLN C 76 4.07 30.66 23.55
CA GLN C 76 5.18 31.59 23.36
C GLN C 76 6.08 31.51 24.59
N GLY C 77 7.37 31.27 24.37
CA GLY C 77 8.31 31.19 25.47
C GLY C 77 8.31 29.86 26.21
N VAL C 78 7.43 28.95 25.81
CA VAL C 78 7.35 27.63 26.44
C VAL C 78 8.43 26.73 25.87
N THR C 79 9.32 26.24 26.73
CA THR C 79 10.42 25.40 26.29
C THR C 79 10.10 23.92 26.19
N PHE C 80 10.74 23.25 25.23
CA PHE C 80 10.54 21.83 24.99
C PHE C 80 11.84 21.05 25.01
N ALA C 81 11.71 19.76 25.31
CA ALA C 81 12.84 18.84 25.33
C ALA C 81 12.33 17.48 24.89
N ASP C 82 13.17 16.72 24.22
CA ASP C 82 12.81 15.37 23.78
C ASP C 82 13.80 14.46 24.49
N ALA C 83 13.30 13.69 25.46
CA ALA C 83 14.15 12.79 26.25
C ALA C 83 14.37 11.44 25.56
N GLY C 84 14.06 11.35 24.27
CA GLY C 84 14.25 10.11 23.56
C GLY C 84 13.23 9.05 23.94
N ASP C 85 13.62 7.78 23.81
CA ASP C 85 12.74 6.66 24.15
C ASP C 85 13.29 5.85 25.32
N VAL C 86 12.38 5.18 26.01
CA VAL C 86 12.78 4.29 27.10
C VAL C 86 13.50 3.15 26.39
N ILE C 87 14.67 2.75 26.90
CA ILE C 87 15.40 1.65 26.26
C ILE C 87 14.73 0.37 26.70
N LEU C 88 13.95 -0.21 25.80
CA LEU C 88 13.21 -1.42 26.10
C LEU C 88 13.94 -2.70 25.75
N PRO C 89 13.68 -3.76 26.52
CA PRO C 89 14.30 -5.05 26.25
C PRO C 89 13.36 -5.73 25.26
N SER C 90 13.71 -6.92 24.80
CA SER C 90 12.80 -7.66 23.93
C SER C 90 12.03 -8.52 24.93
N LEU C 91 10.74 -8.70 24.71
CA LEU C 91 9.93 -9.48 25.65
C LEU C 91 10.12 -8.86 27.04
N GLU C 92 10.29 -9.70 28.07
CA GLU C 92 10.52 -9.23 29.43
C GLU C 92 9.65 -8.04 29.84
N PRO C 93 8.31 -8.19 29.80
CA PRO C 93 7.40 -7.11 30.16
C PRO C 93 7.66 -6.44 31.52
N GLN C 94 7.96 -7.23 32.54
CA GLN C 94 8.22 -6.68 33.87
C GLN C 94 9.37 -5.68 33.83
N LEU C 95 10.45 -6.06 33.15
CA LEU C 95 11.64 -5.23 33.03
C LEU C 95 11.29 -3.96 32.25
N ALA C 96 10.51 -4.13 31.18
CA ALA C 96 10.10 -2.98 30.37
C ALA C 96 9.34 -2.01 31.26
N HIS C 97 8.44 -2.54 32.08
CA HIS C 97 7.64 -1.74 33.00
C HIS C 97 8.52 -0.91 33.94
N ASP C 98 9.49 -1.57 34.56
CA ASP C 98 10.37 -0.89 35.48
C ASP C 98 11.15 0.23 34.80
N ARG C 99 11.63 -0.02 33.58
CA ARG C 99 12.38 1.00 32.87
C ARG C 99 11.50 2.18 32.49
N ILE C 100 10.24 1.89 32.17
CA ILE C 100 9.30 2.94 31.79
C ILE C 100 8.99 3.83 32.98
N THR C 101 8.75 3.22 34.13
CA THR C 101 8.46 4.01 35.32
C THR C 101 9.66 4.88 35.72
N GLU C 102 10.85 4.30 35.70
CA GLU C 102 12.04 5.05 36.09
C GLU C 102 12.34 6.23 35.18
N ALA C 103 12.20 6.01 33.87
CA ALA C 103 12.45 7.07 32.90
C ALA C 103 11.38 8.15 33.07
N ALA C 104 10.13 7.72 33.24
CA ALA C 104 9.01 8.65 33.40
C ALA C 104 9.23 9.53 34.63
N ARG C 105 9.70 8.93 35.72
CA ARG C 105 9.97 9.67 36.95
C ARG C 105 10.96 10.79 36.74
N GLN C 106 12.10 10.43 36.16
CA GLN C 106 13.16 11.37 35.91
C GLN C 106 12.73 12.50 35.00
N VAL C 107 11.95 12.18 33.97
CA VAL C 107 11.48 13.21 33.03
C VAL C 107 10.50 14.13 33.76
N ARG C 108 9.62 13.54 34.55
CA ARG C 108 8.62 14.29 35.30
C ARG C 108 9.26 15.31 36.24
N GLY C 109 10.32 14.91 36.93
CA GLY C 109 10.97 15.84 37.86
C GLY C 109 11.72 16.99 37.21
N ARG C 110 11.95 16.89 35.90
CA ARG C 110 12.68 17.92 35.18
C ARG C 110 11.83 18.84 34.30
N CYS C 111 10.53 18.59 34.23
CA CYS C 111 9.64 19.43 33.43
C CYS C 111 8.34 19.72 34.14
N ARG C 112 7.51 20.57 33.54
CA ARG C 112 6.21 20.91 34.11
C ARG C 112 5.19 19.89 33.62
N VAL C 113 5.16 19.68 32.31
CA VAL C 113 4.22 18.72 31.73
C VAL C 113 4.93 17.70 30.85
N PRO C 114 4.94 16.43 31.27
CA PRO C 114 5.59 15.37 30.48
C PRO C 114 4.60 14.81 29.47
N VAL C 115 5.09 14.50 28.27
CA VAL C 115 4.25 13.93 27.21
C VAL C 115 4.81 12.57 26.81
N PHE C 116 4.03 11.52 27.02
CA PHE C 116 4.45 10.16 26.72
C PHE C 116 3.85 9.61 25.44
N LEU C 117 4.71 9.15 24.54
CA LEU C 117 4.25 8.61 23.27
C LEU C 117 4.32 7.09 23.23
N GLY C 118 3.15 6.44 23.21
CA GLY C 118 3.12 4.98 23.14
C GLY C 118 3.30 4.58 21.68
N GLY C 119 3.32 3.29 21.36
CA GLY C 119 3.17 2.23 22.35
C GLY C 119 1.73 1.82 22.52
N ASP C 120 1.47 0.57 22.91
CA ASP C 120 0.09 0.14 23.11
C ASP C 120 -0.36 0.69 24.47
N HIS C 121 -1.63 0.55 24.80
CA HIS C 121 -2.13 1.12 26.04
C HIS C 121 -1.56 0.58 27.34
N SER C 122 -0.95 -0.60 27.30
CA SER C 122 -0.41 -1.18 28.52
C SER C 122 0.65 -0.26 29.14
N VAL C 123 1.25 0.60 28.34
CA VAL C 123 2.28 1.50 28.86
C VAL C 123 1.74 2.50 29.90
N SER C 124 0.44 2.78 29.84
CA SER C 124 -0.14 3.72 30.79
C SER C 124 0.05 3.26 32.25
N TYR C 125 0.13 1.95 32.45
CA TYR C 125 0.32 1.43 33.82
C TYR C 125 1.69 1.84 34.39
N PRO C 126 2.80 1.42 33.74
CA PRO C 126 4.10 1.82 34.30
C PRO C 126 4.28 3.34 34.30
N LEU C 127 3.60 4.01 33.38
CA LEU C 127 3.68 5.46 33.30
C LEU C 127 3.06 6.09 34.54
N LEU C 128 1.85 5.64 34.89
CA LEU C 128 1.14 6.17 36.04
C LEU C 128 1.88 5.97 37.37
N ARG C 129 2.61 4.87 37.50
CA ARG C 129 3.35 4.60 38.73
C ARG C 129 4.29 5.75 39.07
N ALA C 130 4.68 6.53 38.07
CA ALA C 130 5.57 7.67 38.29
C ALA C 130 4.83 8.86 38.89
N PHE C 131 3.51 8.71 39.08
CA PHE C 131 2.70 9.78 39.66
C PHE C 131 2.06 9.33 40.97
N ALA C 132 2.66 8.33 41.60
CA ALA C 132 2.13 7.80 42.87
C ALA C 132 2.06 8.82 43.99
N ASP C 133 2.77 9.94 43.82
CA ASP C 133 2.80 10.99 44.84
C ASP C 133 1.73 12.07 44.67
N VAL C 134 1.05 12.08 43.54
CA VAL C 134 0.01 13.08 43.27
C VAL C 134 -1.25 12.84 44.07
N PRO C 135 -1.60 13.77 44.97
CA PRO C 135 -2.80 13.61 45.79
C PRO C 135 -4.09 13.64 44.97
N ASP C 136 -5.01 12.72 45.27
CA ASP C 136 -6.29 12.65 44.59
C ASP C 136 -6.12 12.78 43.08
N LEU C 137 -5.27 11.92 42.53
CA LEU C 137 -5.00 11.93 41.10
C LEU C 137 -6.20 11.44 40.30
N HIS C 138 -6.60 12.24 39.31
CA HIS C 138 -7.71 11.88 38.41
C HIS C 138 -7.14 11.65 37.02
N VAL C 139 -7.69 10.65 36.33
CA VAL C 139 -7.28 10.37 34.96
C VAL C 139 -8.46 10.64 34.04
N VAL C 140 -8.22 11.36 32.96
CA VAL C 140 -9.25 11.62 31.96
C VAL C 140 -8.76 10.80 30.78
N GLN C 141 -9.53 9.78 30.44
CA GLN C 141 -9.20 8.85 29.38
C GLN C 141 -10.13 8.90 28.16
N LEU C 142 -9.54 9.12 26.99
CA LEU C 142 -10.31 9.11 25.74
C LEU C 142 -10.04 7.71 25.23
N ASP C 143 -11.10 6.94 24.99
CA ASP C 143 -10.91 5.55 24.59
C ASP C 143 -12.24 4.94 24.15
N ALA C 144 -12.18 4.01 23.21
CA ALA C 144 -13.39 3.31 22.79
C ALA C 144 -13.58 2.15 23.76
N HIS C 145 -12.49 1.74 24.40
CA HIS C 145 -12.53 0.63 25.36
C HIS C 145 -12.22 1.08 26.78
N LEU C 146 -12.75 0.36 27.76
CA LEU C 146 -12.55 0.69 29.16
C LEU C 146 -11.15 0.38 29.70
N ASP C 147 -10.59 -0.75 29.27
CA ASP C 147 -9.26 -1.17 29.72
C ASP C 147 -9.12 -1.24 31.24
N PHE C 148 -10.08 -1.89 31.90
CA PHE C 148 -10.06 -2.04 33.34
C PHE C 148 -10.16 -3.54 33.66
N THR C 149 -9.79 -4.36 32.68
CA THR C 149 -9.84 -5.80 32.82
C THR C 149 -8.76 -6.32 33.77
N ASP C 150 -9.11 -7.34 34.54
CA ASP C 150 -8.15 -7.91 35.48
C ASP C 150 -7.20 -8.83 34.72
N THR C 151 -7.75 -9.88 34.13
CA THR C 151 -6.95 -10.83 33.36
C THR C 151 -7.54 -11.06 31.98
N ARG C 152 -6.67 -11.15 30.97
CA ARG C 152 -7.09 -11.38 29.60
C ARG C 152 -6.04 -12.26 28.93
N ASN C 153 -6.50 -13.27 28.20
CA ASN C 153 -5.60 -14.19 27.51
C ASN C 153 -4.42 -14.63 28.38
N ASP C 154 -4.74 -14.99 29.62
CA ASP C 154 -3.77 -15.47 30.60
C ASP C 154 -2.66 -14.51 31.05
N THR C 155 -2.92 -13.20 30.98
CA THR C 155 -1.94 -12.23 31.43
C THR C 155 -2.57 -11.04 32.15
N LYS C 156 -1.79 -10.44 33.05
CA LYS C 156 -2.23 -9.27 33.82
C LYS C 156 -1.70 -8.00 33.15
N TRP C 157 -0.81 -8.16 32.17
CA TRP C 157 -0.18 -7.02 31.52
C TRP C 157 -0.63 -6.60 30.12
N SER C 158 -1.79 -7.07 29.66
CA SER C 158 -2.25 -6.71 28.32
C SER C 158 -2.68 -5.25 28.26
N ASN C 159 -2.83 -4.68 27.12
CA ASN C 159 -3.25 -3.29 26.98
C ASN C 159 -4.69 -3.09 27.44
N SER C 160 -5.45 -4.27 27.85
CA SER C 160 -6.84 -4.20 28.34
C SER C 160 -6.86 -4.05 29.86
N SER C 161 -5.69 -4.01 30.49
CA SER C 161 -5.59 -3.92 31.95
C SER C 161 -4.80 -2.77 32.56
N PRO C 162 -4.24 -1.86 31.74
CA PRO C 162 -3.47 -0.78 32.36
C PRO C 162 -4.08 -0.01 33.52
N PHE C 163 -5.35 0.39 33.41
CA PHE C 163 -5.94 1.14 34.49
C PHE C 163 -6.32 0.31 35.70
N ARG C 164 -6.53 -0.98 35.49
CA ARG C 164 -6.85 -1.88 36.60
C ARG C 164 -5.55 -2.06 37.39
N ARG C 165 -4.46 -2.31 36.68
CA ARG C 165 -3.15 -2.49 37.30
C ARG C 165 -2.73 -1.22 38.04
N ALA C 166 -3.02 -0.07 37.42
CA ALA C 166 -2.67 1.22 38.00
C ALA C 166 -3.42 1.50 39.30
N CYS C 167 -4.73 1.25 39.29
CA CYS C 167 -5.53 1.50 40.48
C CYS C 167 -5.15 0.63 41.68
N GLU C 168 -4.92 -0.66 41.46
CA GLU C 168 -4.55 -1.52 42.57
C GLU C 168 -3.13 -1.25 43.06
N ALA C 169 -2.37 -0.47 42.30
CA ALA C 169 -1.01 -0.14 42.67
C ALA C 169 -0.87 1.30 43.15
N LEU C 170 -1.87 2.12 42.89
CA LEU C 170 -1.82 3.53 43.28
C LEU C 170 -3.05 3.97 44.07
N PRO C 171 -2.97 3.91 45.41
CA PRO C 171 -4.13 4.33 46.19
C PRO C 171 -4.47 5.80 45.97
N ASN C 172 -3.49 6.58 45.48
CA ASN C 172 -3.71 7.99 45.22
C ASN C 172 -4.50 8.25 43.93
N LEU C 173 -4.68 7.21 43.12
CA LEU C 173 -5.46 7.36 41.89
C LEU C 173 -6.90 7.16 42.34
N VAL C 174 -7.57 8.25 42.66
CA VAL C 174 -8.93 8.18 43.18
C VAL C 174 -10.08 8.21 42.20
N HIS C 175 -9.82 8.55 40.94
CA HIS C 175 -10.91 8.61 39.98
C HIS C 175 -10.45 8.57 38.53
N ILE C 176 -11.25 7.91 37.70
CA ILE C 176 -10.95 7.82 36.29
C ILE C 176 -12.22 8.19 35.52
N THR C 177 -12.09 9.09 34.57
CA THR C 177 -13.21 9.51 33.75
C THR C 177 -12.89 9.04 32.34
N THR C 178 -13.67 8.09 31.84
CA THR C 178 -13.46 7.52 30.51
C THR C 178 -14.54 7.97 29.54
N VAL C 179 -14.12 8.57 28.42
CA VAL C 179 -15.07 9.07 27.44
C VAL C 179 -14.88 8.48 26.05
N GLY C 180 -15.98 8.11 25.41
CA GLY C 180 -15.94 7.56 24.07
C GLY C 180 -16.21 6.07 23.96
N LEU C 181 -16.47 5.42 25.09
CA LEU C 181 -16.72 3.99 25.09
C LEU C 181 -17.81 3.57 24.12
N ARG C 182 -17.59 2.46 23.43
CA ARG C 182 -18.55 1.95 22.46
C ARG C 182 -18.12 0.55 22.03
N GLY C 183 -19.01 -0.17 21.38
CA GLY C 183 -18.69 -1.51 20.95
C GLY C 183 -19.72 -2.52 21.41
N LEU C 184 -19.64 -3.74 20.87
CA LEU C 184 -20.57 -4.80 21.22
C LEU C 184 -20.15 -5.55 22.47
N ARG C 185 -18.85 -5.75 22.65
CA ARG C 185 -18.37 -6.50 23.79
C ARG C 185 -17.66 -5.70 24.86
N PHE C 186 -18.05 -5.93 26.10
CA PHE C 186 -17.44 -5.29 27.25
C PHE C 186 -17.24 -6.32 28.34
N ASP C 187 -16.11 -6.25 29.02
CA ASP C 187 -15.78 -7.17 30.10
C ASP C 187 -16.69 -6.81 31.26
N PRO C 188 -17.73 -7.63 31.53
CA PRO C 188 -18.64 -7.34 32.64
C PRO C 188 -17.95 -7.16 33.99
N GLU C 189 -16.93 -7.97 34.25
CA GLU C 189 -16.20 -7.88 35.53
C GLU C 189 -15.50 -6.53 35.65
N ALA C 190 -14.90 -6.06 34.55
CA ALA C 190 -14.19 -4.78 34.53
C ALA C 190 -15.15 -3.61 34.73
N VAL C 191 -16.30 -3.68 34.05
CA VAL C 191 -17.30 -2.63 34.14
C VAL C 191 -17.77 -2.51 35.59
N ALA C 192 -18.10 -3.65 36.20
CA ALA C 192 -18.56 -3.65 37.58
C ALA C 192 -17.48 -3.11 38.52
N ALA C 193 -16.26 -3.59 38.32
CA ALA C 193 -15.15 -3.16 39.15
C ALA C 193 -14.89 -1.66 39.05
N ALA C 194 -15.02 -1.12 37.84
CA ALA C 194 -14.79 0.30 37.64
C ALA C 194 -15.86 1.13 38.34
N ARG C 195 -17.12 0.77 38.12
CA ARG C 195 -18.23 1.49 38.74
C ARG C 195 -18.10 1.44 40.25
N ALA C 196 -17.73 0.28 40.77
CA ALA C 196 -17.57 0.09 42.22
C ALA C 196 -16.54 1.04 42.81
N ARG C 197 -15.51 1.40 42.04
CA ARG C 197 -14.46 2.29 42.52
C ARG C 197 -14.80 3.76 42.33
N GLY C 198 -16.03 4.03 41.90
CA GLY C 198 -16.44 5.40 41.69
C GLY C 198 -15.92 6.07 40.43
N HIS C 199 -15.63 5.28 39.39
CA HIS C 199 -15.14 5.84 38.15
C HIS C 199 -16.33 6.34 37.33
N THR C 200 -16.09 7.31 36.45
CA THR C 200 -17.14 7.86 35.61
C THR C 200 -16.97 7.32 34.18
N ILE C 201 -18.02 6.68 33.68
CA ILE C 201 -18.01 6.09 32.35
C ILE C 201 -18.96 6.86 31.45
N ILE C 202 -18.43 7.48 30.41
CA ILE C 202 -19.23 8.26 29.48
C ILE C 202 -19.21 7.65 28.08
N PRO C 203 -20.29 6.93 27.70
CA PRO C 203 -20.39 6.30 26.39
C PRO C 203 -20.35 7.34 25.28
N MET C 204 -19.89 6.94 24.09
CA MET C 204 -19.85 7.86 22.97
C MET C 204 -21.26 8.38 22.70
N ASP C 205 -22.27 7.52 22.90
CA ASP C 205 -23.65 7.93 22.68
C ASP C 205 -23.98 9.22 23.42
N ASP C 206 -23.46 9.34 24.64
CA ASP C 206 -23.69 10.54 25.44
C ASP C 206 -22.99 11.77 24.85
N VAL C 207 -21.82 11.58 24.25
CA VAL C 207 -21.11 12.70 23.65
C VAL C 207 -21.89 13.19 22.44
N THR C 208 -22.44 12.24 21.69
CA THR C 208 -23.22 12.58 20.51
C THR C 208 -24.52 13.28 20.89
N ALA C 209 -25.18 12.78 21.93
CA ALA C 209 -26.43 13.34 22.40
C ALA C 209 -26.29 14.78 22.90
N ASP C 210 -25.25 15.04 23.70
CA ASP C 210 -25.05 16.37 24.25
C ASP C 210 -23.63 16.59 24.75
N LEU C 211 -22.79 17.15 23.89
CA LEU C 211 -21.40 17.41 24.25
C LEU C 211 -21.30 18.31 25.47
N ALA C 212 -22.07 19.38 25.49
CA ALA C 212 -22.07 20.31 26.62
C ALA C 212 -22.29 19.59 27.93
N GLY C 213 -23.15 18.58 27.91
CA GLY C 213 -23.41 17.82 29.12
C GLY C 213 -22.20 17.03 29.56
N VAL C 214 -21.51 16.45 28.58
CA VAL C 214 -20.32 15.66 28.87
C VAL C 214 -19.20 16.51 29.47
N LEU C 215 -19.03 17.73 28.96
CA LEU C 215 -17.98 18.60 29.50
C LEU C 215 -18.26 18.91 30.96
N ALA C 216 -19.53 18.97 31.32
CA ALA C 216 -19.92 19.26 32.70
C ALA C 216 -19.66 18.08 33.63
N GLN C 217 -19.42 16.90 33.06
CA GLN C 217 -19.15 15.70 33.85
C GLN C 217 -17.65 15.53 34.09
N LEU C 218 -16.86 16.43 33.51
CA LEU C 218 -15.41 16.34 33.66
C LEU C 218 -14.97 16.87 35.02
N PRO C 219 -13.80 16.41 35.50
CA PRO C 219 -13.29 16.84 36.80
C PRO C 219 -13.08 18.35 36.88
N ARG C 220 -13.13 18.90 38.08
CA ARG C 220 -12.96 20.33 38.29
C ARG C 220 -12.00 20.62 39.44
N GLY C 221 -10.96 21.38 39.17
CA GLY C 221 -9.98 21.73 40.18
C GLY C 221 -9.19 20.56 40.73
N GLN C 222 -9.00 19.54 39.91
CA GLN C 222 -8.28 18.34 40.32
C GLN C 222 -6.95 18.19 39.61
N ASN C 223 -6.12 17.26 40.09
CA ASN C 223 -4.85 16.97 39.45
C ASN C 223 -5.20 15.92 38.40
N VAL C 224 -5.03 16.28 37.14
CA VAL C 224 -5.41 15.41 36.04
C VAL C 224 -4.29 14.90 35.14
N TYR C 225 -4.35 13.62 34.83
CA TYR C 225 -3.41 12.97 33.92
C TYR C 225 -4.26 12.60 32.71
N PHE C 226 -3.84 13.02 31.53
CA PHE C 226 -4.56 12.72 30.30
C PHE C 226 -4.03 11.45 29.64
N SER C 227 -4.93 10.57 29.24
CA SER C 227 -4.53 9.38 28.54
C SER C 227 -5.37 9.32 27.27
N VAL C 228 -4.72 9.51 26.14
CA VAL C 228 -5.46 9.50 24.88
C VAL C 228 -5.17 8.28 24.01
N ASP C 229 -6.17 7.42 23.89
CA ASP C 229 -6.06 6.23 23.06
C ASP C 229 -6.64 6.73 21.75
N VAL C 230 -5.85 6.72 20.69
CA VAL C 230 -6.34 7.22 19.40
C VAL C 230 -7.60 6.52 18.93
N ASP C 231 -7.84 5.29 19.37
CA ASP C 231 -9.05 4.62 18.90
C ASP C 231 -10.33 5.19 19.50
N GLY C 232 -10.19 6.20 20.36
CA GLY C 232 -11.35 6.85 20.92
C GLY C 232 -11.96 7.68 19.78
N PHE C 233 -11.12 8.08 18.83
CA PHE C 233 -11.56 8.86 17.68
C PHE C 233 -12.16 7.95 16.62
N ASP C 234 -13.06 8.50 15.81
CA ASP C 234 -13.71 7.71 14.77
C ASP C 234 -12.66 7.17 13.79
N PRO C 235 -12.79 5.89 13.40
CA PRO C 235 -11.89 5.19 12.47
C PRO C 235 -11.77 5.91 11.14
N ALA C 236 -12.81 6.64 10.75
CA ALA C 236 -12.77 7.39 9.49
C ALA C 236 -11.74 8.52 9.64
N VAL C 237 -11.66 9.09 10.83
CA VAL C 237 -10.74 10.19 11.11
C VAL C 237 -9.34 9.65 11.39
N ILE C 238 -9.24 8.67 12.30
CA ILE C 238 -7.96 8.07 12.68
C ILE C 238 -8.02 6.55 12.48
N PRO C 239 -7.85 6.07 11.25
CA PRO C 239 -7.90 4.62 11.00
C PRO C 239 -6.66 3.84 11.41
N GLY C 240 -5.57 4.55 11.66
CA GLY C 240 -4.33 3.90 12.04
C GLY C 240 -4.32 3.43 13.49
N THR C 241 -4.99 2.31 13.75
CA THR C 241 -5.01 1.77 15.11
C THR C 241 -5.43 0.30 15.05
N SER C 242 -4.97 -0.48 16.02
CA SER C 242 -5.24 -1.91 16.05
C SER C 242 -6.70 -2.35 16.03
N SER C 243 -7.50 -1.82 16.94
CA SER C 243 -8.89 -2.23 17.07
C SER C 243 -9.88 -1.09 16.99
N PRO C 244 -10.20 -0.65 15.77
CA PRO C 244 -11.14 0.45 15.59
C PRO C 244 -12.59 0.05 15.86
N GLU C 245 -13.36 1.02 16.31
CA GLU C 245 -14.77 0.83 16.61
C GLU C 245 -15.49 1.98 15.91
N PRO C 246 -16.53 1.67 15.11
CA PRO C 246 -17.26 2.73 14.42
C PRO C 246 -17.91 3.77 15.32
N ASP C 247 -18.26 4.90 14.72
CA ASP C 247 -18.92 6.01 15.40
C ASP C 247 -18.23 6.55 16.64
N GLY C 248 -17.03 7.09 16.44
CA GLY C 248 -16.27 7.64 17.54
C GLY C 248 -16.20 9.15 17.53
N LEU C 249 -15.27 9.68 18.31
CA LEU C 249 -15.07 11.11 18.42
C LEU C 249 -14.49 11.73 17.15
N THR C 250 -14.94 12.93 16.82
CA THR C 250 -14.36 13.64 15.69
C THR C 250 -13.13 14.24 16.34
N TYR C 251 -12.20 14.76 15.55
CA TYR C 251 -11.03 15.39 16.13
C TYR C 251 -11.53 16.53 17.03
N ALA C 252 -12.50 17.30 16.54
CA ALA C 252 -13.03 18.43 17.29
C ALA C 252 -13.63 18.08 18.66
N GLN C 253 -14.42 17.00 18.72
CA GLN C 253 -15.03 16.62 19.99
C GLN C 253 -13.99 16.20 21.03
N GLY C 254 -13.03 15.38 20.60
CA GLY C 254 -11.99 14.95 21.51
C GLY C 254 -11.21 16.14 22.03
N MET C 255 -10.87 17.06 21.13
CA MET C 255 -10.11 18.24 21.50
C MET C 255 -10.91 19.14 22.44
N LYS C 256 -12.22 19.23 22.23
CA LYS C 256 -13.07 20.04 23.09
C LYS C 256 -13.04 19.49 24.53
N ILE C 257 -13.05 18.18 24.65
CA ILE C 257 -13.02 17.55 25.97
C ILE C 257 -11.69 17.83 26.65
N LEU C 258 -10.59 17.67 25.92
CA LEU C 258 -9.26 17.91 26.47
C LEU C 258 -9.11 19.39 26.84
N ALA C 259 -9.59 20.27 25.97
CA ALA C 259 -9.52 21.70 26.23
C ALA C 259 -10.30 22.07 27.49
N ALA C 260 -11.50 21.53 27.63
CA ALA C 260 -12.33 21.82 28.79
C ALA C 260 -11.65 21.38 30.08
N ALA C 261 -11.16 20.15 30.09
CA ALA C 261 -10.48 19.60 31.26
C ALA C 261 -9.23 20.40 31.59
N ALA C 262 -8.48 20.81 30.56
CA ALA C 262 -7.26 21.58 30.77
C ALA C 262 -7.55 22.98 31.29
N ALA C 263 -8.78 23.45 31.09
CA ALA C 263 -9.12 24.79 31.56
C ALA C 263 -9.57 24.82 33.01
N ASN C 264 -10.01 23.67 33.53
CA ASN C 264 -10.52 23.58 34.90
C ASN C 264 -9.71 22.74 35.89
N ASN C 265 -8.57 22.20 35.47
CA ASN C 265 -7.75 21.36 36.34
C ASN C 265 -6.26 21.61 36.17
N THR C 266 -5.47 21.00 37.04
CA THR C 266 -4.02 21.10 36.97
C THR C 266 -3.55 19.83 36.25
N VAL C 267 -3.12 19.99 35.01
CA VAL C 267 -2.67 18.87 34.21
C VAL C 267 -1.24 18.48 34.58
N VAL C 268 -1.07 17.23 34.99
CA VAL C 268 0.23 16.73 35.40
C VAL C 268 0.96 15.88 34.35
N GLY C 269 0.27 15.52 33.28
CA GLY C 269 0.91 14.72 32.25
C GLY C 269 -0.07 14.26 31.20
N LEU C 270 0.46 13.69 30.12
CA LEU C 270 -0.38 13.21 29.05
C LEU C 270 0.29 12.09 28.27
N ASP C 271 -0.49 11.08 27.88
CA ASP C 271 0.07 10.03 27.04
C ASP C 271 -0.83 9.88 25.82
N LEU C 272 -0.21 9.49 24.71
CA LEU C 272 -0.90 9.29 23.44
C LEU C 272 -0.51 7.87 23.06
N VAL C 273 -1.49 6.96 23.08
CA VAL C 273 -1.23 5.55 22.81
C VAL C 273 -2.07 4.93 21.69
N GLU C 274 -1.64 3.74 21.26
CA GLU C 274 -2.32 2.95 20.23
C GLU C 274 -2.30 3.42 18.78
N LEU C 275 -1.47 4.42 18.48
CA LEU C 275 -1.38 4.87 17.10
C LEU C 275 -0.61 3.78 16.36
N ALA C 276 -1.09 3.40 15.18
CA ALA C 276 -0.44 2.37 14.37
C ALA C 276 -0.26 2.96 12.98
N PRO C 277 0.87 3.66 12.75
CA PRO C 277 1.22 4.32 11.48
C PRO C 277 1.14 3.37 10.29
N ASN C 278 1.56 2.14 10.52
CA ASN C 278 1.57 1.11 9.48
C ASN C 278 0.16 0.77 8.98
N LEU C 279 -0.86 1.11 9.77
CA LEU C 279 -2.24 0.80 9.38
C LEU C 279 -2.98 1.96 8.70
N ASP C 280 -2.25 3.05 8.42
CA ASP C 280 -2.83 4.20 7.73
C ASP C 280 -1.84 4.72 6.69
N PRO C 281 -1.90 4.20 5.47
CA PRO C 281 -0.98 4.66 4.42
C PRO C 281 -1.19 6.09 3.96
N THR C 282 -2.27 6.74 4.39
CA THR C 282 -2.49 8.13 3.99
C THR C 282 -1.70 9.05 4.91
N GLY C 283 -1.28 8.52 6.06
CA GLY C 283 -0.52 9.30 7.01
C GLY C 283 -1.32 10.31 7.82
N ARG C 284 -2.63 10.39 7.62
CA ARG C 284 -3.40 11.38 8.37
C ARG C 284 -3.49 11.08 9.87
N SER C 285 -3.45 9.81 10.23
CA SER C 285 -3.53 9.45 11.64
C SER C 285 -2.41 10.09 12.46
N GLU C 286 -1.16 9.91 12.07
CA GLU C 286 -0.07 10.50 12.84
C GLU C 286 -0.03 12.01 12.74
N LEU C 287 -0.40 12.56 11.58
CA LEU C 287 -0.38 14.01 11.42
C LEU C 287 -1.39 14.65 12.36
N LEU C 288 -2.60 14.10 12.40
CA LEU C 288 -3.65 14.63 13.27
C LEU C 288 -3.38 14.43 14.77
N MET C 289 -2.79 13.28 15.13
CA MET C 289 -2.52 13.02 16.54
C MET C 289 -1.31 13.83 17.04
N ALA C 290 -0.38 14.17 16.16
CA ALA C 290 0.76 14.99 16.59
C ALA C 290 0.19 16.38 16.89
N ARG C 291 -0.72 16.82 16.04
CA ARG C 291 -1.37 18.12 16.22
C ARG C 291 -2.20 18.11 17.51
N LEU C 292 -2.90 17.01 17.77
CA LEU C 292 -3.74 16.93 18.97
C LEU C 292 -2.89 17.16 20.21
N VAL C 293 -1.69 16.56 20.22
CA VAL C 293 -0.80 16.72 21.37
C VAL C 293 -0.38 18.19 21.50
N MET C 294 0.02 18.79 20.39
CA MET C 294 0.43 20.19 20.43
C MET C 294 -0.72 21.11 20.81
N GLU C 295 -1.91 20.85 20.26
CA GLU C 295 -3.05 21.69 20.58
C GLU C 295 -3.43 21.53 22.05
N THR C 296 -3.33 20.31 22.57
CA THR C 296 -3.67 20.09 23.97
C THR C 296 -2.68 20.90 24.81
N LEU C 297 -1.41 20.89 24.43
CA LEU C 297 -0.43 21.67 25.17
C LEU C 297 -0.76 23.16 25.14
N CYS C 298 -1.28 23.64 24.00
CA CYS C 298 -1.66 25.05 23.89
C CYS C 298 -2.70 25.38 24.95
N GLU C 299 -3.70 24.49 25.07
CA GLU C 299 -4.77 24.68 26.04
C GLU C 299 -4.24 24.61 27.47
N VAL C 300 -3.36 23.66 27.75
CA VAL C 300 -2.83 23.51 29.09
C VAL C 300 -2.06 24.76 29.54
N PHE C 301 -1.18 25.27 28.69
CA PHE C 301 -0.42 26.46 29.08
C PHE C 301 -1.19 27.76 29.01
N ASP C 302 -2.41 27.71 28.49
CA ASP C 302 -3.25 28.89 28.41
C ASP C 302 -3.91 29.11 29.77
N HIS C 303 -4.02 28.04 30.55
CA HIS C 303 -4.64 28.13 31.86
C HIS C 303 -3.74 27.57 32.95
N VAL C 304 -2.51 28.09 33.02
CA VAL C 304 -1.56 27.64 34.04
C VAL C 304 -1.64 28.52 35.27
N LEU C 305 -1.77 27.89 36.44
CA LEU C 305 -1.85 28.61 37.71
C LEU C 305 -0.51 28.55 38.45
N GLY D 3 -15.31 -33.94 -8.59
CA GLY D 3 -16.39 -32.91 -8.73
C GLY D 3 -15.82 -31.50 -8.82
N PRO D 4 -16.67 -30.48 -8.94
CA PRO D 4 -16.18 -29.09 -9.04
C PRO D 4 -15.31 -28.73 -7.84
N ALA D 5 -14.23 -28.01 -8.08
CA ALA D 5 -13.33 -27.61 -7.01
C ALA D 5 -13.23 -26.10 -6.88
N HIS D 6 -13.02 -25.64 -5.66
CA HIS D 6 -12.89 -24.21 -5.38
C HIS D 6 -11.71 -23.60 -6.14
N LEU D 7 -11.79 -22.30 -6.37
CA LEU D 7 -10.68 -21.57 -7.00
C LEU D 7 -9.89 -21.16 -5.77
N PRO D 8 -8.68 -20.62 -5.94
CA PRO D 8 -7.89 -20.22 -4.77
C PRO D 8 -8.58 -19.25 -3.80
N TYR D 9 -9.44 -18.38 -4.31
CA TYR D 9 -10.13 -17.41 -3.46
C TYR D 9 -11.43 -17.95 -2.87
N GLY D 10 -11.69 -19.24 -3.08
CA GLY D 10 -12.91 -19.83 -2.55
C GLY D 10 -12.70 -20.84 -1.46
N GLY D 11 -13.68 -20.94 -0.56
CA GLY D 11 -13.60 -21.88 0.53
C GLY D 11 -12.82 -21.40 1.75
N ILE D 12 -12.86 -22.20 2.81
CA ILE D 12 -12.17 -21.89 4.05
C ILE D 12 -10.69 -22.24 3.87
N PRO D 13 -9.79 -21.28 4.14
CA PRO D 13 -8.35 -21.52 3.99
C PRO D 13 -7.71 -22.43 5.03
N THR D 14 -7.44 -23.68 4.65
CA THR D 14 -6.77 -24.64 5.51
C THR D 14 -5.52 -25.00 4.74
N PHE D 15 -4.45 -25.40 5.42
CA PHE D 15 -3.23 -25.71 4.69
C PHE D 15 -3.47 -26.84 3.69
N ALA D 16 -3.13 -26.56 2.43
CA ALA D 16 -3.30 -27.51 1.33
C ALA D 16 -4.78 -27.87 1.19
N ARG D 17 -5.64 -26.98 1.72
CA ARG D 17 -7.08 -27.16 1.71
C ARG D 17 -7.42 -28.50 2.36
N ALA D 18 -6.65 -28.87 3.37
CA ALA D 18 -6.83 -30.13 4.10
C ALA D 18 -7.96 -30.03 5.11
N PRO D 19 -8.52 -31.18 5.53
CA PRO D 19 -9.59 -31.16 6.51
C PRO D 19 -9.10 -30.58 7.82
N LEU D 20 -9.99 -29.87 8.51
CA LEU D 20 -9.66 -29.25 9.79
C LEU D 20 -9.80 -30.22 10.94
N VAL D 21 -8.81 -30.27 11.82
CA VAL D 21 -8.83 -31.16 12.97
C VAL D 21 -8.28 -30.47 14.22
N GLN D 22 -8.43 -31.14 15.36
CA GLN D 22 -7.95 -30.63 16.64
C GLN D 22 -6.63 -31.34 16.95
N PRO D 23 -5.68 -30.62 17.55
CA PRO D 23 -4.38 -31.21 17.90
C PRO D 23 -4.50 -32.52 18.67
N ASP D 24 -5.47 -32.56 19.59
CA ASP D 24 -5.70 -33.73 20.43
C ASP D 24 -6.94 -34.51 19.99
N GLY D 25 -7.30 -34.40 18.71
CA GLY D 25 -8.47 -35.09 18.21
C GLY D 25 -8.18 -36.49 17.67
N ASP D 26 -9.23 -37.20 17.28
CA ASP D 26 -9.10 -38.55 16.76
C ASP D 26 -8.88 -38.53 15.25
N TRP D 27 -7.63 -38.31 14.84
CA TRP D 27 -7.30 -38.26 13.43
C TRP D 27 -5.89 -38.76 13.20
N GLN D 28 -5.58 -39.06 11.95
CA GLN D 28 -4.26 -39.53 11.55
C GLN D 28 -4.07 -39.17 10.08
N ALA D 29 -2.92 -38.59 9.77
CA ALA D 29 -2.61 -38.21 8.40
C ALA D 29 -1.11 -38.33 8.18
N ASP D 30 -0.70 -38.36 6.92
CA ASP D 30 0.72 -38.47 6.62
C ASP D 30 1.41 -37.14 6.93
N VAL D 31 0.67 -36.05 6.71
CA VAL D 31 1.18 -34.70 6.96
C VAL D 31 0.16 -33.88 7.76
N ALA D 32 0.64 -33.15 8.76
CA ALA D 32 -0.24 -32.32 9.57
C ALA D 32 0.38 -30.95 9.80
N ALA D 33 -0.41 -29.90 9.55
CA ALA D 33 0.07 -28.54 9.73
C ALA D 33 -0.38 -27.95 11.05
N LEU D 34 0.52 -27.19 11.71
CA LEU D 34 0.21 -26.55 12.98
C LEU D 34 0.77 -25.14 12.93
N GLY D 35 -0.08 -24.15 13.20
CA GLY D 35 0.36 -22.78 13.17
C GLY D 35 0.73 -22.21 14.53
N VAL D 36 1.75 -21.35 14.53
CA VAL D 36 2.22 -20.72 15.75
C VAL D 36 2.32 -19.22 15.47
N PRO D 37 1.19 -18.50 15.54
CA PRO D 37 1.13 -17.04 15.29
C PRO D 37 1.72 -16.21 16.41
N PHE D 38 3.02 -16.39 16.66
CA PHE D 38 3.76 -15.72 17.72
C PHE D 38 4.89 -14.86 17.11
N ASP D 39 4.88 -13.54 17.37
CA ASP D 39 5.93 -12.69 16.81
C ASP D 39 6.44 -11.60 17.76
N ILE D 40 6.20 -11.76 19.05
CA ILE D 40 6.64 -10.72 19.99
C ILE D 40 8.12 -10.83 20.40
N ALA D 41 8.79 -11.87 19.90
CA ALA D 41 10.19 -12.07 20.25
C ALA D 41 11.17 -11.43 19.28
N LEU D 42 10.73 -11.11 18.06
CA LEU D 42 11.63 -10.49 17.09
C LEU D 42 11.99 -9.07 17.53
N GLY D 43 13.15 -8.58 17.06
CA GLY D 43 13.58 -7.26 17.46
C GLY D 43 13.43 -6.14 16.47
N PHE D 44 12.66 -6.34 15.40
CA PHE D 44 12.50 -5.27 14.42
C PHE D 44 11.05 -5.07 13.98
N ARG D 45 10.71 -5.54 12.79
CA ARG D 45 9.37 -5.35 12.25
C ARG D 45 8.44 -6.55 12.45
N PRO D 46 7.37 -6.37 13.23
CA PRO D 46 6.41 -7.44 13.49
C PRO D 46 5.54 -7.73 12.28
N GLY D 47 4.76 -8.81 12.35
CA GLY D 47 3.88 -9.19 11.26
C GLY D 47 3.82 -10.70 11.07
N ALA D 48 4.84 -11.40 11.54
CA ALA D 48 4.89 -12.85 11.40
C ALA D 48 3.73 -13.58 12.07
N ARG D 49 3.01 -12.91 12.98
CA ARG D 49 1.88 -13.57 13.62
C ARG D 49 0.77 -13.83 12.61
N PHE D 50 0.86 -13.14 11.46
CA PHE D 50 -0.13 -13.28 10.39
C PHE D 50 0.31 -14.28 9.33
N ALA D 51 1.54 -14.78 9.42
CA ALA D 51 2.08 -15.71 8.43
C ALA D 51 1.33 -17.04 8.30
N PRO D 52 0.93 -17.65 9.42
CA PRO D 52 0.22 -18.93 9.32
C PRO D 52 -1.03 -18.79 8.45
N ARG D 53 -1.82 -17.75 8.72
CA ARG D 53 -3.04 -17.50 7.95
C ARG D 53 -2.69 -17.21 6.49
N ALA D 54 -1.65 -16.41 6.27
CA ALA D 54 -1.23 -16.06 4.91
C ALA D 54 -0.77 -17.31 4.16
N LEU D 55 -0.04 -18.18 4.85
CA LEU D 55 0.47 -19.40 4.24
C LEU D 55 -0.67 -20.36 3.90
N ARG D 56 -1.67 -20.42 4.77
CA ARG D 56 -2.81 -21.30 4.51
C ARG D 56 -3.51 -20.85 3.23
N GLU D 57 -3.76 -19.55 3.14
CA GLU D 57 -4.42 -18.99 1.97
C GLU D 57 -3.60 -19.20 0.72
N ALA D 58 -2.30 -19.00 0.82
CA ALA D 58 -1.40 -19.16 -0.32
C ALA D 58 -1.29 -20.61 -0.76
N SER D 59 -1.44 -21.54 0.18
CA SER D 59 -1.31 -22.97 -0.14
C SER D 59 -2.46 -23.47 -1.01
N LEU D 60 -3.53 -22.68 -1.10
CA LEU D 60 -4.67 -23.07 -1.91
C LEU D 60 -4.28 -23.03 -3.39
N ARG D 61 -3.11 -22.47 -3.66
CA ARG D 61 -2.58 -22.39 -5.01
C ARG D 61 -1.73 -23.63 -5.29
N SER D 62 -1.47 -24.40 -4.23
CA SER D 62 -0.66 -25.60 -4.34
C SER D 62 -1.29 -26.78 -3.62
N VAL D 63 -2.50 -27.15 -4.02
CA VAL D 63 -3.19 -28.27 -3.40
C VAL D 63 -2.71 -29.57 -4.02
N PRO D 64 -2.26 -30.52 -3.18
CA PRO D 64 -1.75 -31.82 -3.66
C PRO D 64 -2.90 -32.71 -4.13
N PRO D 65 -2.58 -33.75 -4.91
CA PRO D 65 -1.23 -34.13 -5.38
C PRO D 65 -0.79 -33.27 -6.56
N PHE D 66 0.43 -33.50 -7.06
CA PHE D 66 0.95 -32.72 -8.17
C PHE D 66 1.51 -33.55 -9.31
N THR D 67 0.98 -33.35 -10.52
CA THR D 67 1.46 -34.06 -11.70
C THR D 67 2.29 -33.07 -12.51
N GLY D 68 3.59 -33.31 -12.59
CA GLY D 68 4.47 -32.42 -13.33
C GLY D 68 4.39 -32.52 -14.84
N LEU D 69 5.27 -31.80 -15.52
CA LEU D 69 5.30 -31.80 -16.97
C LEU D 69 5.70 -33.17 -17.51
N ASP D 70 6.50 -33.89 -16.74
CA ASP D 70 6.96 -35.22 -17.13
C ASP D 70 5.88 -36.29 -16.97
N GLY D 71 4.74 -35.90 -16.42
CA GLY D 71 3.66 -36.84 -16.23
C GLY D 71 3.68 -37.57 -14.89
N LYS D 72 4.83 -37.55 -14.22
CA LYS D 72 4.95 -38.22 -12.93
C LYS D 72 4.20 -37.44 -11.86
N THR D 73 3.49 -38.16 -11.00
CA THR D 73 2.71 -37.55 -9.93
C THR D 73 3.38 -37.72 -8.57
N ARG D 74 3.26 -36.71 -7.72
CA ARG D 74 3.86 -36.78 -6.39
C ARG D 74 2.82 -36.49 -5.31
N LEU D 75 3.06 -37.03 -4.11
CA LEU D 75 2.16 -36.87 -2.99
C LEU D 75 0.83 -37.59 -3.26
N GLN D 76 0.83 -38.45 -4.26
CA GLN D 76 -0.37 -39.22 -4.60
C GLN D 76 -0.68 -40.16 -3.46
N GLY D 77 -1.84 -39.97 -2.83
CA GLY D 77 -2.22 -40.83 -1.73
C GLY D 77 -1.79 -40.31 -0.36
N VAL D 78 -0.98 -39.26 -0.34
CA VAL D 78 -0.53 -38.68 0.91
C VAL D 78 -1.62 -37.81 1.50
N THR D 79 -2.11 -38.19 2.68
CA THR D 79 -3.18 -37.46 3.34
C THR D 79 -2.67 -36.29 4.18
N PHE D 80 -3.44 -35.21 4.23
CA PHE D 80 -3.09 -34.02 4.98
C PHE D 80 -4.14 -33.65 6.00
N ALA D 81 -3.73 -32.88 7.01
CA ALA D 81 -4.62 -32.42 8.06
C ALA D 81 -4.14 -31.06 8.55
N ASP D 82 -5.05 -30.23 9.02
CA ASP D 82 -4.69 -28.91 9.54
C ASP D 82 -5.19 -28.88 10.98
N ALA D 83 -4.27 -28.91 11.94
CA ALA D 83 -4.64 -28.90 13.35
C ALA D 83 -4.89 -27.51 13.91
N GLY D 84 -5.03 -26.53 13.03
CA GLY D 84 -5.28 -25.16 13.47
C GLY D 84 -4.03 -24.51 14.03
N ASP D 85 -4.20 -23.64 15.01
CA ASP D 85 -3.08 -22.94 15.63
C ASP D 85 -3.03 -23.17 17.12
N VAL D 86 -1.83 -23.04 17.66
CA VAL D 86 -1.62 -23.17 19.10
C VAL D 86 -2.37 -21.97 19.68
N ILE D 87 -3.13 -22.19 20.74
CA ILE D 87 -3.85 -21.10 21.37
C ILE D 87 -2.84 -20.40 22.26
N LEU D 88 -2.41 -19.20 21.84
CA LEU D 88 -1.41 -18.46 22.58
C LEU D 88 -1.98 -17.39 23.49
N PRO D 89 -1.27 -17.12 24.60
CA PRO D 89 -1.70 -16.10 25.55
C PRO D 89 -1.08 -14.80 25.06
N SER D 90 -1.39 -13.69 25.71
CA SER D 90 -0.79 -12.41 25.34
C SER D 90 0.45 -12.37 26.24
N LEU D 91 1.57 -11.88 25.70
CA LEU D 91 2.82 -11.84 26.47
C LEU D 91 3.08 -13.26 27.00
N GLU D 92 3.48 -13.37 28.27
CA GLU D 92 3.72 -14.68 28.90
C GLU D 92 4.45 -15.65 27.98
N PRO D 93 5.65 -15.28 27.51
CA PRO D 93 6.41 -16.17 26.61
C PRO D 93 6.62 -17.58 27.13
N GLN D 94 6.86 -17.72 28.43
CA GLN D 94 7.08 -19.03 29.02
C GLN D 94 5.83 -19.91 28.83
N LEU D 95 4.66 -19.34 29.12
CA LEU D 95 3.41 -20.09 28.96
C LEU D 95 3.22 -20.41 27.49
N ALA D 96 3.53 -19.44 26.63
CA ALA D 96 3.38 -19.65 25.19
C ALA D 96 4.27 -20.81 24.76
N HIS D 97 5.51 -20.83 25.27
CA HIS D 97 6.45 -21.89 24.94
C HIS D 97 5.87 -23.27 25.29
N ASP D 98 5.26 -23.36 26.46
CA ASP D 98 4.67 -24.61 26.90
C ASP D 98 3.48 -25.02 26.03
N ARG D 99 2.63 -24.04 25.70
CA ARG D 99 1.47 -24.31 24.85
C ARG D 99 1.93 -24.88 23.51
N ILE D 100 3.00 -24.29 22.98
CA ILE D 100 3.57 -24.69 21.70
C ILE D 100 4.13 -26.11 21.71
N THR D 101 4.93 -26.41 22.72
CA THR D 101 5.52 -27.74 22.84
C THR D 101 4.41 -28.80 22.96
N GLU D 102 3.40 -28.52 23.79
CA GLU D 102 2.31 -29.48 23.96
C GLU D 102 1.55 -29.77 22.67
N ALA D 103 1.19 -28.71 21.94
CA ALA D 103 0.46 -28.89 20.70
C ALA D 103 1.34 -29.64 19.70
N ALA D 104 2.63 -29.34 19.72
CA ALA D 104 3.57 -30.00 18.82
C ALA D 104 3.64 -31.50 19.13
N ARG D 105 3.68 -31.84 20.41
CA ARG D 105 3.72 -33.24 20.82
C ARG D 105 2.49 -33.98 20.31
N GLN D 106 1.32 -33.38 20.50
CA GLN D 106 0.06 -33.98 20.10
C GLN D 106 0.00 -34.21 18.59
N VAL D 107 0.34 -33.19 17.82
CA VAL D 107 0.33 -33.29 16.37
C VAL D 107 1.38 -34.27 15.85
N ARG D 108 2.55 -34.30 16.47
CA ARG D 108 3.60 -35.19 16.03
C ARG D 108 3.19 -36.65 16.17
N GLY D 109 2.38 -36.94 17.19
CA GLY D 109 1.93 -38.30 17.42
C GLY D 109 0.77 -38.75 16.55
N ARG D 110 0.28 -37.88 15.67
CA ARG D 110 -0.84 -38.23 14.81
C ARG D 110 -0.52 -38.17 13.32
N CYS D 111 0.70 -37.77 12.98
CA CYS D 111 1.10 -37.68 11.59
C CYS D 111 2.54 -38.18 11.45
N ARG D 112 2.97 -38.35 10.21
CA ARG D 112 4.33 -38.80 9.94
C ARG D 112 5.26 -37.59 9.88
N VAL D 113 4.87 -36.58 9.10
CA VAL D 113 5.66 -35.38 8.97
C VAL D 113 4.84 -34.15 9.36
N PRO D 114 5.15 -33.56 10.51
CA PRO D 114 4.42 -32.37 10.97
C PRO D 114 5.03 -31.11 10.36
N VAL D 115 4.18 -30.17 9.97
CA VAL D 115 4.64 -28.91 9.36
C VAL D 115 4.21 -27.76 10.27
N PHE D 116 5.18 -27.05 10.84
CA PHE D 116 4.88 -25.92 11.73
C PHE D 116 5.02 -24.58 11.04
N LEU D 117 3.99 -23.75 11.12
CA LEU D 117 4.00 -22.44 10.48
C LEU D 117 4.20 -21.32 11.50
N GLY D 118 5.34 -20.64 11.43
CA GLY D 118 5.61 -19.53 12.34
C GLY D 118 4.95 -18.27 11.82
N GLY D 119 5.01 -17.15 12.55
CA GLY D 119 5.71 -17.09 13.82
C GLY D 119 7.15 -16.66 13.63
N ASP D 120 7.72 -15.92 14.58
CA ASP D 120 9.12 -15.52 14.44
C ASP D 120 9.95 -16.75 14.74
N HIS D 121 11.25 -16.68 14.53
CA HIS D 121 12.08 -17.86 14.73
C HIS D 121 12.18 -18.39 16.17
N SER D 122 11.74 -17.62 17.15
CA SER D 122 11.85 -18.09 18.52
C SER D 122 10.97 -19.31 18.75
N VAL D 123 9.99 -19.53 17.86
CA VAL D 123 9.09 -20.67 18.02
C VAL D 123 9.77 -22.03 17.82
N SER D 124 10.87 -22.05 17.06
CA SER D 124 11.57 -23.31 16.82
C SER D 124 12.02 -24.01 18.09
N TYR D 125 12.36 -23.25 19.12
CA TYR D 125 12.79 -23.85 20.37
C TYR D 125 11.68 -24.70 21.02
N PRO D 126 10.53 -24.09 21.35
CA PRO D 126 9.48 -24.93 21.97
C PRO D 126 9.01 -26.04 21.02
N LEU D 127 9.15 -25.80 19.72
CA LEU D 127 8.77 -26.79 18.72
C LEU D 127 9.72 -27.99 18.84
N LEU D 128 11.01 -27.70 18.89
CA LEU D 128 12.03 -28.74 19.00
C LEU D 128 11.92 -29.54 20.30
N ARG D 129 11.41 -28.92 21.36
CA ARG D 129 11.28 -29.64 22.63
C ARG D 129 10.37 -30.86 22.47
N ALA D 130 9.54 -30.85 21.45
CA ALA D 130 8.64 -31.97 21.21
C ALA D 130 9.36 -33.14 20.52
N PHE D 131 10.66 -32.96 20.24
CA PHE D 131 11.44 -34.00 19.57
C PHE D 131 12.57 -34.57 20.42
N ALA D 132 12.41 -34.51 21.75
CA ALA D 132 13.43 -35.01 22.65
C ALA D 132 13.74 -36.50 22.50
N ASP D 133 12.77 -37.28 22.02
CA ASP D 133 12.96 -38.72 21.87
C ASP D 133 13.60 -39.13 20.55
N VAL D 134 13.90 -38.17 19.69
CA VAL D 134 14.53 -38.47 18.41
C VAL D 134 16.03 -38.61 18.58
N PRO D 135 16.54 -39.84 18.39
CA PRO D 135 17.97 -40.13 18.53
C PRO D 135 18.84 -39.37 17.54
N ASP D 136 19.99 -38.89 18.03
CA ASP D 136 20.93 -38.14 17.20
C ASP D 136 20.23 -37.17 16.26
N LEU D 137 19.37 -36.32 16.82
CA LEU D 137 18.62 -35.36 16.01
C LEU D 137 19.51 -34.31 15.33
N HIS D 138 19.32 -34.15 14.02
CA HIS D 138 20.07 -33.16 13.26
C HIS D 138 19.08 -32.11 12.75
N VAL D 139 19.53 -30.88 12.66
CA VAL D 139 18.69 -29.80 12.18
C VAL D 139 19.36 -29.18 10.96
N VAL D 140 18.59 -29.08 9.87
CA VAL D 140 19.07 -28.45 8.65
C VAL D 140 18.37 -27.10 8.65
N GLN D 141 19.14 -26.04 8.84
CA GLN D 141 18.59 -24.69 8.93
C GLN D 141 18.94 -23.75 7.77
N LEU D 142 17.91 -23.20 7.13
CA LEU D 142 18.09 -22.22 6.06
C LEU D 142 17.89 -20.90 6.79
N ASP D 143 18.88 -20.03 6.74
CA ASP D 143 18.78 -18.77 7.47
C ASP D 143 19.91 -17.83 7.07
N ALA D 144 19.65 -16.53 7.16
CA ALA D 144 20.67 -15.55 6.86
C ALA D 144 21.44 -15.35 8.16
N HIS D 145 20.80 -15.74 9.26
CA HIS D 145 21.40 -15.58 10.58
C HIS D 145 21.61 -16.93 11.27
N LEU D 146 22.54 -16.96 12.22
CA LEU D 146 22.87 -18.17 12.96
C LEU D 146 21.83 -18.52 14.03
N ASP D 147 21.34 -17.50 14.73
CA ASP D 147 20.36 -17.65 15.80
C ASP D 147 20.82 -18.64 16.87
N PHE D 148 22.05 -18.48 17.32
CA PHE D 148 22.60 -19.35 18.35
C PHE D 148 23.12 -18.46 19.48
N THR D 149 22.55 -17.27 19.58
CA THR D 149 22.93 -16.31 20.61
C THR D 149 22.39 -16.70 21.98
N ASP D 150 23.15 -16.38 23.03
CA ASP D 150 22.74 -16.70 24.40
C ASP D 150 21.71 -15.68 24.88
N THR D 151 22.13 -14.42 24.99
CA THR D 151 21.25 -13.35 25.44
C THR D 151 21.31 -12.16 24.50
N ARG D 152 20.16 -11.52 24.28
CA ARG D 152 20.05 -10.35 23.41
C ARG D 152 18.99 -9.43 24.00
N ASN D 153 19.28 -8.14 24.08
CA ASN D 153 18.32 -7.18 24.61
C ASN D 153 17.68 -7.68 25.90
N ASP D 154 18.53 -8.18 26.79
CA ASP D 154 18.13 -8.68 28.10
C ASP D 154 17.15 -9.84 28.18
N THR D 155 17.13 -10.68 27.16
CA THR D 155 16.25 -11.84 27.18
C THR D 155 16.92 -13.08 26.60
N LYS D 156 16.48 -14.24 27.06
CA LYS D 156 16.98 -15.53 26.60
C LYS D 156 16.05 -16.11 25.53
N TRP D 157 14.90 -15.48 25.34
CA TRP D 157 13.90 -16.00 24.40
C TRP D 157 13.65 -15.27 23.08
N SER D 158 14.60 -14.46 22.64
CA SER D 158 14.42 -13.73 21.37
C SER D 158 14.56 -14.67 20.18
N ASN D 159 14.31 -14.21 18.96
CA ASN D 159 14.40 -15.05 17.78
C ASN D 159 15.86 -15.29 17.37
N SER D 160 16.74 -14.71 18.15
CA SER D 160 18.18 -14.88 17.86
C SER D 160 18.76 -16.00 18.71
N SER D 161 17.95 -16.60 19.57
CA SER D 161 18.40 -17.65 20.48
C SER D 161 17.73 -19.02 20.44
N PRO D 162 16.73 -19.23 19.57
CA PRO D 162 16.06 -20.54 19.54
C PRO D 162 16.91 -21.80 19.56
N PHE D 163 17.92 -21.88 18.71
CA PHE D 163 18.75 -23.09 18.66
C PHE D 163 19.70 -23.23 19.83
N ARG D 164 20.04 -22.10 20.45
CA ARG D 164 20.93 -22.12 21.61
C ARG D 164 20.10 -22.68 22.75
N ARG D 165 18.85 -22.26 22.83
CA ARG D 165 17.93 -22.72 23.87
C ARG D 165 17.58 -24.19 23.65
N ALA D 166 17.41 -24.57 22.38
CA ALA D 166 17.08 -25.94 22.04
C ALA D 166 18.19 -26.91 22.43
N CYS D 167 19.43 -26.55 22.09
CA CYS D 167 20.57 -27.41 22.41
C CYS D 167 20.81 -27.60 23.90
N GLU D 168 20.63 -26.55 24.70
CA GLU D 168 20.86 -26.70 26.13
C GLU D 168 19.73 -27.45 26.82
N ALA D 169 18.66 -27.74 26.09
CA ALA D 169 17.53 -28.46 26.67
C ALA D 169 17.34 -29.84 26.03
N LEU D 170 18.01 -30.06 24.91
CA LEU D 170 17.88 -31.33 24.19
C LEU D 170 19.23 -31.96 23.86
N PRO D 171 19.73 -32.83 24.76
CA PRO D 171 21.02 -33.47 24.50
C PRO D 171 21.00 -34.35 23.26
N ASN D 172 19.81 -34.77 22.84
CA ASN D 172 19.66 -35.60 21.66
C ASN D 172 19.81 -34.78 20.37
N LEU D 173 19.88 -33.45 20.52
CA LEU D 173 20.07 -32.57 19.37
C LEU D 173 21.57 -32.43 19.25
N VAL D 174 22.19 -33.35 18.53
CA VAL D 174 23.64 -33.39 18.39
C VAL D 174 24.30 -32.58 17.28
N HIS D 175 23.53 -31.99 16.38
CA HIS D 175 24.16 -31.23 15.31
C HIS D 175 23.22 -30.34 14.51
N ILE D 176 23.77 -29.22 14.06
CA ILE D 176 23.01 -28.27 13.26
C ILE D 176 23.84 -27.87 12.05
N THR D 177 23.20 -27.83 10.88
CA THR D 177 23.87 -27.41 9.66
C THR D 177 23.07 -26.20 9.21
N THR D 178 23.71 -25.04 9.20
CA THR D 178 23.03 -23.80 8.80
C THR D 178 23.59 -23.32 7.47
N VAL D 179 22.70 -23.08 6.51
CA VAL D 179 23.10 -22.65 5.19
C VAL D 179 22.45 -21.32 4.78
N GLY D 180 23.26 -20.42 4.23
CA GLY D 180 22.75 -19.13 3.79
C GLY D 180 23.21 -17.92 4.58
N LEU D 181 24.06 -18.14 5.59
CA LEU D 181 24.55 -17.05 6.43
C LEU D 181 25.24 -15.92 5.67
N ARG D 182 24.90 -14.70 6.05
CA ARG D 182 25.48 -13.50 5.43
C ARG D 182 25.11 -12.29 6.27
N GLY D 183 25.73 -11.15 5.96
CA GLY D 183 25.46 -9.95 6.72
C GLY D 183 26.74 -9.36 7.30
N LEU D 184 26.66 -8.13 7.77
CA LEU D 184 27.84 -7.46 8.33
C LEU D 184 28.14 -7.85 9.77
N ARG D 185 27.12 -8.28 10.50
CA ARG D 185 27.33 -8.63 11.90
C ARG D 185 27.01 -10.05 12.32
N PHE D 186 27.90 -10.64 13.12
CA PHE D 186 27.70 -11.97 13.65
C PHE D 186 28.13 -11.96 15.11
N ASP D 187 27.38 -12.67 15.93
CA ASP D 187 27.66 -12.77 17.36
C ASP D 187 28.84 -13.73 17.53
N PRO D 188 30.03 -13.19 17.85
CA PRO D 188 31.20 -14.06 18.02
C PRO D 188 31.04 -15.15 19.08
N GLU D 189 30.33 -14.84 20.16
CA GLU D 189 30.10 -15.81 21.24
C GLU D 189 29.23 -16.94 20.70
N ALA D 190 28.23 -16.57 19.90
CA ALA D 190 27.33 -17.56 19.30
C ALA D 190 28.07 -18.43 18.30
N VAL D 191 28.88 -17.81 17.45
CA VAL D 191 29.63 -18.56 16.44
C VAL D 191 30.55 -19.56 17.12
N ALA D 192 31.32 -19.09 18.09
CA ALA D 192 32.25 -19.94 18.83
C ALA D 192 31.54 -21.09 19.54
N ALA D 193 30.36 -20.81 20.10
CA ALA D 193 29.60 -21.85 20.80
C ALA D 193 29.07 -22.89 19.83
N ALA D 194 28.69 -22.46 18.64
CA ALA D 194 28.18 -23.39 17.64
C ALA D 194 29.32 -24.27 17.13
N ARG D 195 30.48 -23.66 16.89
CA ARG D 195 31.62 -24.41 16.40
C ARG D 195 32.13 -25.40 17.45
N ALA D 196 32.07 -25.01 18.71
CA ALA D 196 32.52 -25.87 19.80
C ALA D 196 31.67 -27.14 19.87
N ARG D 197 30.40 -27.02 19.50
CA ARG D 197 29.51 -28.18 19.51
C ARG D 197 29.61 -28.96 18.20
N GLY D 198 30.51 -28.51 17.33
CA GLY D 198 30.71 -29.19 16.05
C GLY D 198 29.66 -28.90 15.00
N HIS D 199 28.91 -27.80 15.16
CA HIS D 199 27.88 -27.42 14.19
C HIS D 199 28.54 -27.02 12.87
N THR D 200 27.81 -27.21 11.77
CA THR D 200 28.31 -26.86 10.45
C THR D 200 27.74 -25.52 10.03
N ILE D 201 28.61 -24.57 9.72
CA ILE D 201 28.21 -23.22 9.33
C ILE D 201 28.56 -22.99 7.85
N ILE D 202 27.53 -22.89 7.01
CA ILE D 202 27.74 -22.70 5.59
C ILE D 202 27.26 -21.32 5.10
N PRO D 203 28.20 -20.39 4.90
CA PRO D 203 27.88 -19.04 4.43
C PRO D 203 27.29 -19.04 3.03
N MET D 204 26.44 -18.07 2.74
CA MET D 204 25.83 -17.98 1.42
C MET D 204 26.94 -17.96 0.36
N ASP D 205 28.10 -17.41 0.70
CA ASP D 205 29.23 -17.34 -0.22
C ASP D 205 29.59 -18.71 -0.78
N ASP D 206 29.57 -19.72 0.07
CA ASP D 206 29.89 -21.09 -0.34
C ASP D 206 28.83 -21.68 -1.26
N VAL D 207 27.58 -21.27 -1.08
CA VAL D 207 26.49 -21.76 -1.92
C VAL D 207 26.71 -21.19 -3.32
N THR D 208 27.06 -19.91 -3.37
CA THR D 208 27.30 -19.24 -4.63
C THR D 208 28.57 -19.75 -5.31
N ALA D 209 29.58 -20.08 -4.50
CA ALA D 209 30.87 -20.57 -5.02
C ALA D 209 30.83 -22.01 -5.52
N ASP D 210 30.18 -22.89 -4.76
CA ASP D 210 30.11 -24.29 -5.13
C ASP D 210 28.95 -25.01 -4.44
N LEU D 211 27.78 -24.94 -5.06
CA LEU D 211 26.58 -25.56 -4.51
C LEU D 211 26.74 -27.08 -4.33
N ALA D 212 27.39 -27.72 -5.29
CA ALA D 212 27.60 -29.17 -5.21
C ALA D 212 28.29 -29.51 -3.89
N GLY D 213 29.33 -28.74 -3.56
CA GLY D 213 30.06 -28.95 -2.33
C GLY D 213 29.20 -28.76 -1.09
N VAL D 214 28.33 -27.75 -1.12
CA VAL D 214 27.45 -27.50 0.02
C VAL D 214 26.52 -28.70 0.24
N LEU D 215 25.99 -29.24 -0.85
CA LEU D 215 25.10 -30.38 -0.75
C LEU D 215 25.82 -31.59 -0.17
N ALA D 216 27.08 -31.74 -0.54
CA ALA D 216 27.90 -32.85 -0.05
C ALA D 216 28.20 -32.70 1.43
N GLN D 217 27.91 -31.53 1.97
CA GLN D 217 28.14 -31.27 3.39
C GLN D 217 26.90 -31.58 4.22
N LEU D 218 25.77 -31.71 3.54
CA LEU D 218 24.51 -32.00 4.23
C LEU D 218 24.57 -33.37 4.88
N PRO D 219 23.80 -33.56 5.97
CA PRO D 219 23.78 -34.84 6.67
C PRO D 219 23.28 -35.97 5.78
N ARG D 220 23.57 -37.19 6.19
CA ARG D 220 23.14 -38.37 5.45
C ARG D 220 22.80 -39.51 6.40
N GLY D 221 21.67 -40.17 6.13
CA GLY D 221 21.22 -41.27 6.96
C GLY D 221 20.89 -40.86 8.38
N GLN D 222 20.50 -39.60 8.55
CA GLN D 222 20.16 -39.09 9.88
C GLN D 222 18.70 -38.70 10.01
N ASN D 223 18.29 -38.41 11.25
CA ASN D 223 16.94 -37.96 11.54
C ASN D 223 17.08 -36.45 11.45
N VAL D 224 16.41 -35.86 10.47
CA VAL D 224 16.51 -34.43 10.26
C VAL D 224 15.24 -33.62 10.44
N TYR D 225 15.37 -32.49 11.14
CA TYR D 225 14.28 -31.55 11.36
C TYR D 225 14.68 -30.33 10.52
N PHE D 226 13.80 -29.91 9.63
CA PHE D 226 14.06 -28.76 8.76
C PHE D 226 13.54 -27.47 9.38
N SER D 227 14.37 -26.44 9.39
CA SER D 227 13.95 -25.14 9.91
C SER D 227 14.22 -24.13 8.80
N VAL D 228 13.16 -23.65 8.17
CA VAL D 228 13.33 -22.70 7.07
C VAL D 228 12.95 -21.28 7.47
N ASP D 229 13.95 -20.40 7.55
CA ASP D 229 13.71 -19.00 7.89
C ASP D 229 13.62 -18.36 6.51
N VAL D 230 12.49 -17.73 6.20
CA VAL D 230 12.35 -17.14 4.88
C VAL D 230 13.42 -16.12 4.55
N ASP D 231 14.04 -15.51 5.56
CA ASP D 231 15.06 -14.52 5.23
C ASP D 231 16.35 -15.16 4.73
N GLY D 232 16.34 -16.48 4.63
CA GLY D 232 17.51 -17.17 4.08
C GLY D 232 17.48 -16.89 2.58
N PHE D 233 16.28 -16.66 2.05
CA PHE D 233 16.13 -16.38 0.64
C PHE D 233 16.41 -14.91 0.35
N ASP D 234 16.84 -14.62 -0.88
CA ASP D 234 17.13 -13.26 -1.29
C ASP D 234 15.87 -12.40 -1.11
N PRO D 235 16.03 -11.17 -0.58
CA PRO D 235 14.88 -10.27 -0.38
C PRO D 235 14.16 -9.92 -1.67
N ALA D 236 14.86 -10.00 -2.80
CA ALA D 236 14.24 -9.68 -4.09
C ALA D 236 13.16 -10.72 -4.33
N VAL D 237 13.45 -11.97 -3.92
CA VAL D 237 12.53 -13.07 -4.10
C VAL D 237 11.47 -13.11 -3.01
N ILE D 238 11.91 -12.98 -1.76
CA ILE D 238 11.00 -12.98 -0.62
C ILE D 238 11.22 -11.75 0.25
N PRO D 239 10.63 -10.61 -0.12
CA PRO D 239 10.79 -9.37 0.65
C PRO D 239 10.03 -9.34 1.97
N GLY D 240 8.98 -10.15 2.07
CA GLY D 240 8.16 -10.19 3.28
C GLY D 240 8.81 -10.83 4.49
N THR D 241 9.71 -10.09 5.14
CA THR D 241 10.38 -10.59 6.32
C THR D 241 10.96 -9.40 7.10
N SER D 242 11.00 -9.50 8.42
CA SER D 242 11.47 -8.41 9.27
C SER D 242 12.86 -7.85 8.99
N SER D 243 13.86 -8.72 8.95
CA SER D 243 15.24 -8.29 8.73
C SER D 243 15.92 -8.92 7.52
N PRO D 244 15.64 -8.40 6.32
CA PRO D 244 16.22 -8.93 5.09
C PRO D 244 17.72 -8.63 4.96
N GLU D 245 18.43 -9.51 4.26
CA GLU D 245 19.86 -9.35 4.03
C GLU D 245 20.04 -9.62 2.53
N PRO D 246 20.74 -8.73 1.81
CA PRO D 246 20.96 -8.90 0.37
C PRO D 246 21.75 -10.14 -0.05
N ASP D 247 21.63 -10.49 -1.33
CA ASP D 247 22.34 -11.62 -1.92
C ASP D 247 22.10 -12.95 -1.20
N GLY D 248 20.87 -13.41 -1.24
CA GLY D 248 20.54 -14.67 -0.60
C GLY D 248 20.24 -15.78 -1.57
N LEU D 249 19.58 -16.82 -1.06
CA LEU D 249 19.21 -17.97 -1.85
C LEU D 249 18.09 -17.68 -2.83
N THR D 250 18.18 -18.27 -4.01
CA THR D 250 17.09 -18.12 -4.97
C THR D 250 16.15 -19.20 -4.44
N TYR D 251 14.93 -19.25 -4.96
CA TYR D 251 14.00 -20.28 -4.53
C TYR D 251 14.62 -21.63 -4.92
N ALA D 252 15.16 -21.68 -6.13
CA ALA D 252 15.78 -22.90 -6.67
C ALA D 252 16.90 -23.45 -5.81
N GLN D 253 17.79 -22.57 -5.35
CA GLN D 253 18.92 -22.99 -4.52
C GLN D 253 18.44 -23.53 -3.18
N GLY D 254 17.55 -22.80 -2.53
CA GLY D 254 17.04 -23.25 -1.25
C GLY D 254 16.33 -24.59 -1.39
N MET D 255 15.58 -24.73 -2.47
CA MET D 255 14.85 -25.96 -2.74
C MET D 255 15.81 -27.13 -3.04
N LYS D 256 16.89 -26.84 -3.75
CA LYS D 256 17.87 -27.89 -4.07
C LYS D 256 18.50 -28.44 -2.81
N ILE D 257 18.68 -27.59 -1.81
CA ILE D 257 19.26 -27.98 -0.53
C ILE D 257 18.28 -28.89 0.21
N LEU D 258 17.04 -28.43 0.29
CA LEU D 258 16.00 -29.19 0.97
C LEU D 258 15.73 -30.53 0.28
N ALA D 259 15.77 -30.55 -1.05
CA ALA D 259 15.53 -31.77 -1.79
C ALA D 259 16.61 -32.81 -1.52
N ALA D 260 17.86 -32.37 -1.55
CA ALA D 260 19.00 -33.25 -1.31
C ALA D 260 18.94 -33.85 0.09
N ALA D 261 18.69 -33.01 1.09
CA ALA D 261 18.61 -33.46 2.47
C ALA D 261 17.41 -34.39 2.67
N ALA D 262 16.31 -34.10 1.98
CA ALA D 262 15.10 -34.92 2.09
C ALA D 262 15.24 -36.29 1.45
N ALA D 263 16.11 -36.41 0.45
CA ALA D 263 16.31 -37.67 -0.25
C ALA D 263 17.33 -38.59 0.40
N ASN D 264 18.07 -38.09 1.38
CA ASN D 264 19.10 -38.90 2.06
C ASN D 264 18.94 -39.01 3.57
N ASN D 265 17.79 -38.59 4.09
CA ASN D 265 17.56 -38.63 5.52
C ASN D 265 16.12 -38.97 5.87
N THR D 266 15.88 -39.18 7.16
CA THR D 266 14.55 -39.47 7.67
C THR D 266 14.03 -38.15 8.23
N VAL D 267 13.22 -37.45 7.45
CA VAL D 267 12.66 -36.17 7.86
C VAL D 267 11.58 -36.35 8.92
N VAL D 268 11.80 -35.75 10.08
CA VAL D 268 10.86 -35.88 11.19
C VAL D 268 9.97 -34.64 11.38
N GLY D 269 10.23 -33.59 10.62
CA GLY D 269 9.42 -32.39 10.76
C GLY D 269 10.02 -31.19 10.07
N LEU D 270 9.27 -30.09 10.04
CA LEU D 270 9.74 -28.88 9.39
C LEU D 270 8.98 -27.65 9.86
N ASP D 271 9.69 -26.54 10.03
CA ASP D 271 9.00 -25.30 10.39
C ASP D 271 9.34 -24.25 9.34
N LEU D 272 8.43 -23.30 9.15
CA LEU D 272 8.59 -22.23 8.17
C LEU D 272 8.36 -20.96 8.99
N VAL D 273 9.42 -20.22 9.26
CA VAL D 273 9.31 -19.04 10.10
C VAL D 273 9.76 -17.71 9.51
N GLU D 274 9.38 -16.64 10.21
CA GLU D 274 9.71 -15.26 9.87
C GLU D 274 9.04 -14.65 8.64
N LEU D 275 8.00 -15.29 8.12
CA LEU D 275 7.29 -14.73 6.97
C LEU D 275 6.49 -13.54 7.51
N ALA D 276 6.57 -12.40 6.82
CA ALA D 276 5.84 -11.21 7.24
C ALA D 276 5.02 -10.73 6.03
N PRO D 277 3.78 -11.25 5.90
CA PRO D 277 2.86 -10.92 4.81
C PRO D 277 2.61 -9.43 4.64
N ASN D 278 2.57 -8.73 5.78
CA ASN D 278 2.32 -7.30 5.81
C ASN D 278 3.45 -6.49 5.20
N LEU D 279 4.61 -7.11 5.01
CA LEU D 279 5.75 -6.41 4.43
C LEU D 279 5.93 -6.68 2.94
N ASP D 280 4.98 -7.41 2.35
CA ASP D 280 5.03 -7.70 0.92
C ASP D 280 3.63 -7.60 0.32
N PRO D 281 3.23 -6.40 -0.11
CA PRO D 281 1.90 -6.23 -0.69
C PRO D 281 1.70 -6.89 -2.06
N THR D 282 2.76 -7.45 -2.65
CA THR D 282 2.62 -8.12 -3.95
C THR D 282 2.13 -9.54 -3.67
N GLY D 283 2.28 -9.96 -2.42
CA GLY D 283 1.86 -11.29 -2.01
C GLY D 283 2.72 -12.44 -2.49
N ARG D 284 3.78 -12.18 -3.25
CA ARG D 284 4.60 -13.29 -3.72
C ARG D 284 5.31 -14.05 -2.61
N SER D 285 5.67 -13.36 -1.53
CA SER D 285 6.36 -14.02 -0.43
C SER D 285 5.60 -15.23 0.10
N GLU D 286 4.34 -15.06 0.45
CA GLU D 286 3.56 -16.17 0.98
C GLU D 286 3.26 -17.21 -0.09
N LEU D 287 3.03 -16.75 -1.31
CA LEU D 287 2.75 -17.69 -2.40
C LEU D 287 3.94 -18.61 -2.64
N LEU D 288 5.13 -18.03 -2.73
CA LEU D 288 6.33 -18.84 -2.96
C LEU D 288 6.74 -19.70 -1.77
N MET D 289 6.51 -19.20 -0.57
CA MET D 289 6.89 -19.98 0.60
C MET D 289 5.90 -21.12 0.88
N ALA D 290 4.65 -20.94 0.44
CA ALA D 290 3.67 -22.00 0.63
C ALA D 290 4.04 -23.12 -0.36
N ARG D 291 4.47 -22.74 -1.56
CA ARG D 291 4.87 -23.73 -2.55
C ARG D 291 6.12 -24.47 -2.07
N LEU D 292 7.01 -23.74 -1.41
CA LEU D 292 8.23 -24.35 -0.90
C LEU D 292 7.92 -25.51 0.04
N VAL D 293 6.99 -25.29 0.97
CA VAL D 293 6.60 -26.31 1.92
C VAL D 293 6.04 -27.54 1.18
N MET D 294 5.12 -27.28 0.25
CA MET D 294 4.51 -28.35 -0.52
C MET D 294 5.53 -29.09 -1.39
N GLU D 295 6.43 -28.34 -2.02
CA GLU D 295 7.44 -28.97 -2.86
C GLU D 295 8.41 -29.78 -2.01
N THR D 296 8.74 -29.28 -0.83
CA THR D 296 9.65 -30.01 0.03
C THR D 296 8.98 -31.32 0.41
N LEU D 297 7.69 -31.26 0.69
CA LEU D 297 6.92 -32.45 1.04
C LEU D 297 6.94 -33.45 -0.11
N CYS D 298 6.85 -32.95 -1.34
CA CYS D 298 6.89 -33.82 -2.51
C CYS D 298 8.20 -34.60 -2.46
N GLU D 299 9.28 -33.88 -2.21
CA GLU D 299 10.61 -34.48 -2.13
C GLU D 299 10.69 -35.47 -0.97
N VAL D 300 10.14 -35.09 0.18
CA VAL D 300 10.18 -35.95 1.34
C VAL D 300 9.53 -37.31 1.10
N PHE D 301 8.26 -37.31 0.67
CA PHE D 301 7.56 -38.57 0.44
C PHE D 301 7.98 -39.37 -0.79
N ASP D 302 8.93 -38.84 -1.56
CA ASP D 302 9.41 -39.56 -2.72
C ASP D 302 10.57 -40.46 -2.29
N HIS D 303 10.99 -40.33 -1.05
CA HIS D 303 12.09 -41.12 -0.51
C HIS D 303 11.81 -41.60 0.90
N VAL D 304 10.60 -42.10 1.14
CA VAL D 304 10.22 -42.59 2.47
C VAL D 304 10.42 -44.10 2.57
N LEU D 305 11.14 -44.52 3.62
CA LEU D 305 11.42 -45.94 3.85
C LEU D 305 10.94 -46.37 5.24
N GLY E 3 9.18 21.84 -30.57
CA GLY E 3 9.32 22.58 -29.29
C GLY E 3 9.50 21.66 -28.09
N PRO E 4 9.15 22.13 -26.89
CA PRO E 4 9.27 21.32 -25.67
C PRO E 4 8.46 20.03 -25.73
N ALA E 5 8.87 19.04 -24.93
CA ALA E 5 8.19 17.74 -24.88
C ALA E 5 7.74 17.41 -23.46
N HIS E 6 6.63 16.68 -23.36
CA HIS E 6 6.07 16.29 -22.07
C HIS E 6 6.98 15.35 -21.29
N LEU E 7 6.91 15.44 -19.96
CA LEU E 7 7.64 14.55 -19.08
C LEU E 7 6.69 13.36 -18.98
N PRO E 8 7.12 12.25 -18.37
CA PRO E 8 6.25 11.08 -18.26
C PRO E 8 4.89 11.29 -17.59
N TYR E 9 4.84 12.17 -16.59
CA TYR E 9 3.60 12.43 -15.88
C TYR E 9 2.72 13.46 -16.57
N GLY E 10 3.15 13.92 -17.75
CA GLY E 10 2.38 14.91 -18.47
C GLY E 10 1.72 14.42 -19.74
N GLY E 11 0.53 14.97 -20.02
CA GLY E 11 -0.20 14.60 -21.22
C GLY E 11 -1.14 13.43 -21.11
N ILE E 12 -1.95 13.24 -22.15
CA ILE E 12 -2.90 12.13 -22.20
C ILE E 12 -2.08 10.87 -22.45
N PRO E 13 -2.33 9.82 -21.65
CA PRO E 13 -1.57 8.60 -21.86
C PRO E 13 -2.00 7.67 -22.98
N THR E 14 -1.39 7.80 -24.14
CA THR E 14 -1.67 6.92 -25.27
C THR E 14 -0.39 6.10 -25.40
N PHE E 15 -0.48 4.90 -25.96
CA PHE E 15 0.70 4.06 -26.09
C PHE E 15 1.77 4.74 -26.93
N ALA E 16 2.98 4.82 -26.39
CA ALA E 16 4.12 5.44 -27.07
C ALA E 16 3.80 6.90 -27.36
N ARG E 17 2.78 7.43 -26.66
CA ARG E 17 2.34 8.80 -26.82
C ARG E 17 1.90 9.03 -28.26
N ALA E 18 1.43 7.96 -28.90
CA ALA E 18 0.96 8.00 -30.28
C ALA E 18 -0.42 8.64 -30.38
N PRO E 19 -0.77 9.13 -31.57
CA PRO E 19 -2.09 9.76 -31.77
C PRO E 19 -3.20 8.73 -31.61
N LEU E 20 -4.36 9.19 -31.12
CA LEU E 20 -5.51 8.30 -30.91
C LEU E 20 -6.30 8.17 -32.20
N VAL E 21 -6.72 6.95 -32.50
CA VAL E 21 -7.50 6.69 -33.71
C VAL E 21 -8.59 5.68 -33.40
N GLN E 22 -9.55 5.55 -34.31
CA GLN E 22 -10.62 4.58 -34.15
C GLN E 22 -10.21 3.34 -34.93
N PRO E 23 -10.48 2.14 -34.40
CA PRO E 23 -10.10 0.91 -35.09
C PRO E 23 -10.50 0.87 -36.57
N ASP E 24 -11.70 1.37 -36.88
CA ASP E 24 -12.16 1.35 -38.26
C ASP E 24 -12.10 2.74 -38.90
N GLY E 25 -11.30 3.63 -38.31
CA GLY E 25 -11.17 4.97 -38.85
C GLY E 25 -10.27 5.01 -40.08
N ASP E 26 -10.08 6.20 -40.64
CA ASP E 26 -9.23 6.34 -41.80
C ASP E 26 -7.80 6.72 -41.42
N TRP E 27 -7.00 5.71 -41.09
CA TRP E 27 -5.62 5.95 -40.69
C TRP E 27 -4.73 4.78 -41.09
N GLN E 28 -3.42 5.01 -41.03
CA GLN E 28 -2.41 4.00 -41.34
C GLN E 28 -1.19 4.33 -40.48
N ALA E 29 -0.57 3.30 -39.94
CA ALA E 29 0.63 3.46 -39.12
C ALA E 29 1.42 2.17 -39.17
N ASP E 30 2.72 2.25 -38.94
CA ASP E 30 3.56 1.06 -38.94
C ASP E 30 3.17 0.17 -37.78
N VAL E 31 3.01 0.77 -36.61
CA VAL E 31 2.63 0.07 -35.40
C VAL E 31 1.34 0.67 -34.83
N ALA E 32 0.44 -0.19 -34.36
CA ALA E 32 -0.82 0.26 -33.78
C ALA E 32 -1.12 -0.55 -32.52
N ALA E 33 -1.50 0.14 -31.46
CA ALA E 33 -1.82 -0.52 -30.20
C ALA E 33 -3.34 -0.61 -30.00
N LEU E 34 -3.78 -1.69 -29.37
CA LEU E 34 -5.20 -1.92 -29.09
C LEU E 34 -5.27 -2.59 -27.72
N GLY E 35 -6.08 -2.03 -26.82
CA GLY E 35 -6.19 -2.61 -25.49
C GLY E 35 -7.42 -3.49 -25.34
N VAL E 36 -7.30 -4.52 -24.50
CA VAL E 36 -8.40 -5.44 -24.22
C VAL E 36 -8.48 -5.57 -22.69
N PRO E 37 -9.14 -4.61 -22.02
CA PRO E 37 -9.32 -4.58 -20.56
C PRO E 37 -10.30 -5.63 -20.05
N PHE E 38 -9.96 -6.90 -20.27
CA PHE E 38 -10.80 -8.03 -19.88
C PHE E 38 -10.02 -8.93 -18.90
N ASP E 39 -10.55 -9.15 -17.70
CA ASP E 39 -9.86 -10.01 -16.74
C ASP E 39 -10.77 -10.92 -15.94
N ILE E 40 -12.02 -11.08 -16.40
CA ILE E 40 -12.96 -11.94 -15.69
C ILE E 40 -12.76 -13.43 -15.96
N ALA E 41 -11.79 -13.79 -16.79
CA ALA E 41 -11.54 -15.19 -17.10
C ALA E 41 -10.44 -15.86 -16.27
N LEU E 42 -9.62 -15.06 -15.58
CA LEU E 42 -8.57 -15.65 -14.77
C LEU E 42 -9.13 -16.28 -13.51
N GLY E 43 -8.40 -17.21 -12.91
CA GLY E 43 -8.91 -17.89 -11.73
C GLY E 43 -8.35 -17.55 -10.37
N PHE E 44 -7.67 -16.42 -10.25
CA PHE E 44 -7.12 -16.06 -8.95
C PHE E 44 -7.29 -14.57 -8.61
N ARG E 45 -6.24 -13.79 -8.80
CA ARG E 45 -6.26 -12.37 -8.47
C ARG E 45 -6.51 -11.45 -9.67
N PRO E 46 -7.63 -10.71 -9.66
CA PRO E 46 -8.01 -9.78 -10.72
C PRO E 46 -7.11 -8.54 -10.74
N GLY E 47 -7.20 -7.75 -11.80
CA GLY E 47 -6.39 -6.55 -11.90
C GLY E 47 -5.89 -6.27 -13.31
N ALA E 48 -5.80 -7.31 -14.13
CA ALA E 48 -5.32 -7.17 -15.50
C ALA E 48 -6.20 -6.24 -16.34
N ARG E 49 -7.45 -6.03 -15.94
CA ARG E 49 -8.30 -5.13 -16.70
C ARG E 49 -7.71 -3.73 -16.71
N PHE E 50 -6.87 -3.44 -15.73
CA PHE E 50 -6.24 -2.12 -15.63
C PHE E 50 -4.87 -2.05 -16.29
N ALA E 51 -4.38 -3.19 -16.78
CA ALA E 51 -3.07 -3.26 -17.42
C ALA E 51 -2.92 -2.36 -18.66
N PRO E 52 -3.92 -2.37 -19.57
CA PRO E 52 -3.82 -1.54 -20.75
C PRO E 52 -3.53 -0.07 -20.39
N ARG E 53 -4.22 0.44 -19.38
CA ARG E 53 -4.02 1.81 -18.97
C ARG E 53 -2.65 2.00 -18.34
N ALA E 54 -2.26 1.07 -17.48
CA ALA E 54 -0.95 1.14 -16.82
C ALA E 54 0.16 1.03 -17.86
N LEU E 55 -0.02 0.17 -18.85
CA LEU E 55 1.00 0.00 -19.89
C LEU E 55 1.15 1.26 -20.73
N ARG E 56 0.05 1.92 -21.04
CA ARG E 56 0.09 3.15 -21.81
C ARG E 56 0.82 4.22 -21.00
N GLU E 57 0.48 4.33 -19.73
CA GLU E 57 1.11 5.32 -18.86
C GLU E 57 2.61 5.04 -18.77
N ALA E 58 2.96 3.78 -18.55
CA ALA E 58 4.37 3.39 -18.46
C ALA E 58 5.14 3.60 -19.77
N SER E 59 4.47 3.49 -20.90
CA SER E 59 5.14 3.68 -22.18
C SER E 59 5.63 5.12 -22.40
N LEU E 60 5.09 6.07 -21.64
CA LEU E 60 5.52 7.44 -21.80
C LEU E 60 6.98 7.59 -21.40
N ARG E 61 7.54 6.53 -20.82
CA ARG E 61 8.94 6.52 -20.42
C ARG E 61 9.74 5.87 -21.54
N SER E 62 9.04 5.34 -22.54
CA SER E 62 9.70 4.67 -23.67
C SER E 62 9.15 5.17 -24.99
N VAL E 63 9.15 6.48 -25.21
CA VAL E 63 8.64 7.04 -26.45
C VAL E 63 9.70 6.96 -27.55
N PRO E 64 9.34 6.40 -28.72
CA PRO E 64 10.26 6.26 -29.85
C PRO E 64 10.49 7.59 -30.58
N PRO E 65 11.57 7.69 -31.38
CA PRO E 65 12.59 6.68 -31.65
C PRO E 65 13.61 6.58 -30.51
N PHE E 66 14.48 5.59 -30.58
CA PHE E 66 15.47 5.39 -29.53
C PHE E 66 16.92 5.39 -30.04
N THR E 67 17.73 6.29 -29.51
CA THR E 67 19.14 6.35 -29.88
C THR E 67 19.89 5.71 -28.71
N GLY E 68 20.52 4.57 -28.98
CA GLY E 68 21.23 3.86 -27.94
C GLY E 68 22.60 4.39 -27.53
N LEU E 69 23.24 3.68 -26.62
CA LEU E 69 24.56 4.07 -26.15
C LEU E 69 25.56 4.15 -27.31
N ASP E 70 25.40 3.24 -28.28
CA ASP E 70 26.30 3.20 -29.43
C ASP E 70 26.08 4.37 -30.38
N GLY E 71 25.00 5.12 -30.18
CA GLY E 71 24.72 6.26 -31.02
C GLY E 71 23.83 5.93 -32.21
N LYS E 72 23.49 4.66 -32.37
CA LYS E 72 22.64 4.22 -33.45
C LYS E 72 21.18 4.43 -33.04
N THR E 73 20.32 4.74 -34.00
CA THR E 73 18.91 4.97 -33.70
C THR E 73 18.02 3.88 -34.29
N ARG E 74 17.00 3.47 -33.53
CA ARG E 74 16.05 2.46 -33.97
C ARG E 74 14.65 3.04 -33.97
N LEU E 75 13.77 2.47 -34.77
CA LEU E 75 12.39 2.94 -34.90
C LEU E 75 12.31 4.34 -35.49
N GLN E 76 13.40 4.78 -36.13
CA GLN E 76 13.42 6.09 -36.74
C GLN E 76 12.45 6.10 -37.93
N GLY E 77 11.52 7.04 -37.91
CA GLY E 77 10.55 7.13 -39.00
C GLY E 77 9.41 6.12 -38.90
N VAL E 78 9.47 5.24 -37.90
CA VAL E 78 8.41 4.24 -37.71
C VAL E 78 7.24 4.90 -37.01
N THR E 79 6.10 5.00 -37.70
CA THR E 79 4.92 5.63 -37.15
C THR E 79 4.10 4.76 -36.22
N PHE E 80 3.46 5.40 -35.23
CA PHE E 80 2.65 4.70 -34.25
C PHE E 80 1.24 5.27 -34.18
N ALA E 81 0.32 4.49 -33.61
CA ALA E 81 -1.07 4.91 -33.45
C ALA E 81 -1.67 4.12 -32.29
N ASP E 82 -2.64 4.72 -31.61
CA ASP E 82 -3.30 4.05 -30.50
C ASP E 82 -4.78 3.97 -30.85
N ALA E 83 -5.26 2.77 -31.12
CA ALA E 83 -6.65 2.55 -31.50
C ALA E 83 -7.60 2.43 -30.31
N GLY E 84 -7.12 2.83 -29.13
CA GLY E 84 -7.97 2.75 -27.94
C GLY E 84 -8.21 1.33 -27.46
N ASP E 85 -9.34 1.11 -26.79
CA ASP E 85 -9.70 -0.21 -26.28
C ASP E 85 -10.94 -0.78 -26.93
N VAL E 86 -11.03 -2.10 -26.94
CA VAL E 86 -12.20 -2.77 -27.49
C VAL E 86 -13.30 -2.43 -26.49
N ILE E 87 -14.48 -2.06 -26.98
CA ILE E 87 -15.59 -1.75 -26.09
C ILE E 87 -16.17 -3.08 -25.65
N LEU E 88 -15.89 -3.46 -24.40
CA LEU E 88 -16.35 -4.73 -23.88
C LEU E 88 -17.65 -4.63 -23.10
N PRO E 89 -18.44 -5.71 -23.08
CA PRO E 89 -19.70 -5.76 -22.35
C PRO E 89 -19.35 -6.27 -20.96
N SER E 90 -20.31 -6.28 -20.04
CA SER E 90 -20.04 -6.82 -18.71
C SER E 90 -20.40 -8.30 -18.88
N LEU E 91 -19.56 -9.20 -18.37
CA LEU E 91 -19.79 -10.64 -18.52
C LEU E 91 -19.86 -10.94 -20.02
N GLU E 92 -20.85 -11.72 -20.45
CA GLU E 92 -21.02 -12.04 -21.86
C GLU E 92 -19.70 -12.35 -22.59
N PRO E 93 -18.92 -13.32 -22.09
CA PRO E 93 -17.64 -13.63 -22.73
C PRO E 93 -17.67 -13.86 -24.25
N GLN E 94 -18.69 -14.55 -24.75
CA GLN E 94 -18.79 -14.82 -26.17
C GLN E 94 -18.90 -13.54 -26.99
N LEU E 95 -19.70 -12.58 -26.51
CA LEU E 95 -19.86 -11.31 -27.20
C LEU E 95 -18.54 -10.54 -27.12
N ALA E 96 -17.88 -10.59 -25.97
CA ALA E 96 -16.61 -9.91 -25.80
C ALA E 96 -15.63 -10.46 -26.83
N HIS E 97 -15.59 -11.78 -26.96
CA HIS E 97 -14.72 -12.45 -27.91
C HIS E 97 -14.93 -11.90 -29.32
N ASP E 98 -16.20 -11.79 -29.71
CA ASP E 98 -16.51 -11.26 -31.04
C ASP E 98 -16.06 -9.81 -31.18
N ARG E 99 -16.32 -9.00 -30.16
CA ARG E 99 -15.92 -7.59 -30.17
C ARG E 99 -14.41 -7.53 -30.39
N ILE E 100 -13.69 -8.35 -29.63
CA ILE E 100 -12.24 -8.39 -29.71
C ILE E 100 -11.71 -8.79 -31.08
N THR E 101 -12.24 -9.87 -31.63
CA THR E 101 -11.76 -10.33 -32.94
C THR E 101 -11.97 -9.28 -34.02
N GLU E 102 -13.15 -8.66 -34.06
CA GLU E 102 -13.41 -7.66 -35.09
C GLU E 102 -12.51 -6.44 -34.96
N ALA E 103 -12.34 -5.93 -33.75
CA ALA E 103 -11.48 -4.76 -33.53
C ALA E 103 -10.07 -5.12 -33.96
N ALA E 104 -9.63 -6.32 -33.59
CA ALA E 104 -8.28 -6.78 -33.93
C ALA E 104 -8.07 -6.79 -35.44
N ARG E 105 -9.03 -7.31 -36.19
CA ARG E 105 -8.93 -7.37 -37.64
C ARG E 105 -8.85 -5.98 -38.24
N GLN E 106 -9.70 -5.08 -37.76
CA GLN E 106 -9.72 -3.72 -38.27
C GLN E 106 -8.37 -3.05 -38.06
N VAL E 107 -7.79 -3.23 -36.87
CA VAL E 107 -6.49 -2.65 -36.57
C VAL E 107 -5.40 -3.28 -37.42
N ARG E 108 -5.47 -4.60 -37.59
CA ARG E 108 -4.50 -5.31 -38.39
C ARG E 108 -4.44 -4.79 -39.82
N GLY E 109 -5.61 -4.47 -40.37
CA GLY E 109 -5.66 -3.98 -41.74
C GLY E 109 -5.21 -2.55 -41.93
N ARG E 110 -4.84 -1.88 -40.84
CA ARG E 110 -4.40 -0.49 -40.94
C ARG E 110 -2.98 -0.25 -40.45
N CYS E 111 -2.29 -1.31 -40.05
CA CYS E 111 -0.92 -1.17 -39.60
C CYS E 111 -0.11 -2.37 -40.06
N ARG E 112 1.19 -2.34 -39.79
CA ARG E 112 2.06 -3.44 -40.17
C ARG E 112 2.22 -4.41 -38.99
N VAL E 113 2.44 -3.86 -37.79
CA VAL E 113 2.59 -4.69 -36.61
C VAL E 113 1.65 -4.24 -35.50
N PRO E 114 0.63 -5.05 -35.18
CA PRO E 114 -0.31 -4.68 -34.12
C PRO E 114 0.19 -5.15 -32.76
N VAL E 115 -0.02 -4.31 -31.74
CA VAL E 115 0.38 -4.63 -30.38
C VAL E 115 -0.88 -4.66 -29.54
N PHE E 116 -1.18 -5.80 -28.95
CA PHE E 116 -2.38 -5.98 -28.14
C PHE E 116 -2.06 -5.97 -26.65
N LEU E 117 -2.74 -5.10 -25.91
CA LEU E 117 -2.51 -4.99 -24.47
C LEU E 117 -3.64 -5.62 -23.66
N GLY E 118 -3.36 -6.76 -23.02
CA GLY E 118 -4.36 -7.42 -22.20
C GLY E 118 -4.37 -6.78 -20.82
N GLY E 119 -5.24 -7.24 -19.91
CA GLY E 119 -6.17 -8.33 -20.16
C GLY E 119 -5.61 -9.67 -19.73
N ASP E 120 -6.45 -10.58 -19.24
CA ASP E 120 -5.93 -11.89 -18.82
C ASP E 120 -5.59 -12.66 -20.09
N HIS E 121 -4.94 -13.82 -19.95
CA HIS E 121 -4.53 -14.53 -21.15
C HIS E 121 -5.62 -15.07 -22.07
N SER E 122 -6.87 -15.09 -21.61
CA SER E 122 -7.94 -15.60 -22.46
C SER E 122 -8.14 -14.74 -23.72
N VAL E 123 -7.78 -13.45 -23.64
CA VAL E 123 -7.94 -12.58 -24.79
C VAL E 123 -7.13 -13.04 -26.00
N SER E 124 -6.05 -13.79 -25.77
CA SER E 124 -5.23 -14.27 -26.89
C SER E 124 -6.03 -15.09 -27.89
N TYR E 125 -7.08 -15.75 -27.43
CA TYR E 125 -7.90 -16.55 -28.33
C TYR E 125 -8.61 -15.67 -29.37
N PRO E 126 -9.52 -14.77 -28.94
CA PRO E 126 -10.21 -13.92 -29.92
C PRO E 126 -9.25 -13.05 -30.73
N LEU E 127 -8.08 -12.78 -30.15
CA LEU E 127 -7.08 -11.97 -30.83
C LEU E 127 -6.51 -12.77 -32.01
N LEU E 128 -6.20 -14.03 -31.76
CA LEU E 128 -5.64 -14.90 -32.78
C LEU E 128 -6.64 -15.19 -33.90
N ARG E 129 -7.93 -15.14 -33.60
CA ARG E 129 -8.95 -15.39 -34.63
C ARG E 129 -8.83 -14.33 -35.72
N ALA E 130 -8.19 -13.21 -35.40
CA ALA E 130 -8.00 -12.13 -36.35
C ALA E 130 -6.88 -12.45 -37.34
N PHE E 131 -6.20 -13.57 -37.12
CA PHE E 131 -5.10 -13.99 -37.98
C PHE E 131 -5.42 -15.28 -38.73
N ALA E 132 -6.71 -15.54 -38.93
CA ALA E 132 -7.15 -16.74 -39.63
C ALA E 132 -6.69 -16.76 -41.09
N ASP E 133 -6.30 -15.61 -41.62
CA ASP E 133 -5.87 -15.50 -43.02
C ASP E 133 -4.35 -15.56 -43.18
N VAL E 134 -3.64 -15.90 -42.11
CA VAL E 134 -2.18 -15.99 -42.19
C VAL E 134 -1.77 -17.45 -42.35
N PRO E 135 -1.08 -17.77 -43.46
CA PRO E 135 -0.66 -19.15 -43.69
C PRO E 135 0.45 -19.62 -42.75
N ASP E 136 0.33 -20.87 -42.31
CA ASP E 136 1.30 -21.48 -41.41
C ASP E 136 1.68 -20.56 -40.26
N LEU E 137 0.67 -20.08 -39.55
CA LEU E 137 0.86 -19.19 -38.42
C LEU E 137 1.57 -19.88 -37.25
N HIS E 138 2.67 -19.30 -36.81
CA HIS E 138 3.43 -19.84 -35.68
C HIS E 138 3.29 -18.89 -34.50
N VAL E 139 3.22 -19.46 -33.29
CA VAL E 139 3.11 -18.64 -32.08
C VAL E 139 4.29 -18.90 -31.14
N VAL E 140 4.99 -17.83 -30.77
CA VAL E 140 6.10 -17.92 -29.83
C VAL E 140 5.52 -17.36 -28.54
N GLN E 141 5.29 -18.23 -27.57
CA GLN E 141 4.69 -17.86 -26.30
C GLN E 141 5.62 -17.92 -25.09
N LEU E 142 5.77 -16.79 -24.40
CA LEU E 142 6.59 -16.73 -23.18
C LEU E 142 5.54 -16.90 -22.09
N ASP E 143 5.72 -17.89 -21.23
CA ASP E 143 4.71 -18.16 -20.21
C ASP E 143 5.22 -19.16 -19.18
N ALA E 144 4.71 -19.06 -17.96
CA ALA E 144 5.10 -20.01 -16.92
C ALA E 144 4.17 -21.22 -17.09
N HIS E 145 3.06 -21.00 -17.77
CA HIS E 145 2.05 -22.03 -18.00
C HIS E 145 1.83 -22.31 -19.49
N LEU E 146 1.38 -23.53 -19.78
CA LEU E 146 1.13 -23.95 -21.16
C LEU E 146 -0.15 -23.34 -21.74
N ASP E 147 -1.18 -23.23 -20.92
CA ASP E 147 -2.46 -22.67 -21.33
C ASP E 147 -3.02 -23.32 -22.57
N PHE E 148 -3.05 -24.65 -22.57
CA PHE E 148 -3.57 -25.42 -23.70
C PHE E 148 -4.65 -26.35 -23.15
N THR E 149 -5.23 -25.95 -22.02
CA THR E 149 -6.27 -26.72 -21.35
C THR E 149 -7.61 -26.64 -22.09
N ASP E 150 -8.32 -27.75 -22.11
CA ASP E 150 -9.62 -27.79 -22.77
C ASP E 150 -10.67 -27.16 -21.86
N THR E 151 -10.90 -27.79 -20.72
CA THR E 151 -11.88 -27.27 -19.77
C THR E 151 -11.28 -27.10 -18.37
N ARG E 152 -11.65 -26.00 -17.73
CA ARG E 152 -11.18 -25.68 -16.38
C ARG E 152 -12.33 -24.99 -15.64
N ASN E 153 -12.59 -25.44 -14.42
CA ASN E 153 -13.65 -24.86 -13.61
C ASN E 153 -14.94 -24.66 -14.41
N ASP E 154 -15.33 -25.72 -15.12
CA ASP E 154 -16.55 -25.73 -15.91
C ASP E 154 -16.73 -24.65 -16.96
N THR E 155 -15.66 -24.29 -17.64
CA THR E 155 -15.76 -23.30 -18.70
C THR E 155 -14.67 -23.59 -19.72
N LYS E 156 -14.91 -23.14 -20.94
CA LYS E 156 -13.96 -23.34 -22.03
C LYS E 156 -13.20 -22.04 -22.30
N TRP E 157 -13.67 -20.95 -21.70
CA TRP E 157 -13.05 -19.65 -21.93
C TRP E 157 -12.11 -19.08 -20.86
N SER E 158 -11.57 -19.91 -19.97
CA SER E 158 -10.67 -19.39 -18.94
C SER E 158 -9.31 -19.01 -19.52
N ASN E 159 -8.60 -18.32 -18.78
CA ASN E 159 -7.30 -17.92 -19.30
C ASN E 159 -6.36 -19.12 -19.41
N SER E 160 -6.70 -20.32 -19.04
CA SER E 160 -5.88 -21.53 -19.14
C SER E 160 -6.12 -22.24 -20.48
N SER E 161 -7.09 -21.75 -21.26
CA SER E 161 -7.44 -22.37 -22.55
C SER E 161 -7.29 -21.58 -23.84
N PRO E 162 -6.79 -20.32 -23.78
CA PRO E 162 -6.66 -19.55 -25.02
C PRO E 162 -6.06 -20.22 -26.25
N PHE E 163 -4.89 -20.81 -26.12
CA PHE E 163 -4.24 -21.45 -27.27
C PHE E 163 -4.94 -22.73 -27.70
N ARG E 164 -5.62 -23.38 -26.76
CA ARG E 164 -6.36 -24.59 -27.08
C ARG E 164 -7.53 -24.16 -27.95
N ARG E 165 -8.26 -23.14 -27.50
CA ARG E 165 -9.41 -22.61 -28.23
C ARG E 165 -8.98 -22.10 -29.60
N ALA E 166 -7.81 -21.45 -29.64
CA ALA E 166 -7.31 -20.88 -30.89
C ALA E 166 -6.95 -21.95 -31.93
N CYS E 167 -6.27 -23.01 -31.47
CA CYS E 167 -5.87 -24.06 -32.41
C CYS E 167 -7.06 -24.78 -33.04
N GLU E 168 -8.10 -25.07 -32.26
CA GLU E 168 -9.26 -25.76 -32.82
C GLU E 168 -10.12 -24.84 -33.69
N ALA E 169 -9.87 -23.54 -33.63
CA ALA E 169 -10.64 -22.59 -34.43
C ALA E 169 -9.79 -22.09 -35.59
N LEU E 170 -8.49 -22.31 -35.50
CA LEU E 170 -7.56 -21.88 -36.54
C LEU E 170 -6.61 -22.97 -37.00
N PRO E 171 -7.05 -23.81 -37.95
CA PRO E 171 -6.14 -24.86 -38.41
C PRO E 171 -4.87 -24.33 -39.04
N ASN E 172 -4.88 -23.04 -39.41
CA ASN E 172 -3.70 -22.42 -39.99
C ASN E 172 -2.64 -22.15 -38.93
N LEU E 173 -3.01 -22.30 -37.65
CA LEU E 173 -2.04 -22.10 -36.56
C LEU E 173 -1.40 -23.48 -36.45
N VAL E 174 -0.33 -23.67 -37.20
CA VAL E 174 0.36 -24.96 -37.27
C VAL E 174 1.40 -25.29 -36.21
N HIS E 175 1.76 -24.32 -35.37
CA HIS E 175 2.76 -24.61 -34.35
C HIS E 175 2.92 -23.54 -33.28
N ILE E 176 3.17 -24.00 -32.06
CA ILE E 176 3.37 -23.11 -30.93
C ILE E 176 4.65 -23.52 -30.20
N THR E 177 5.48 -22.54 -29.88
CA THR E 177 6.72 -22.77 -29.14
C THR E 177 6.56 -22.01 -27.83
N THR E 178 6.43 -22.75 -26.74
CA THR E 178 6.24 -22.15 -25.42
C THR E 178 7.54 -22.22 -24.63
N VAL E 179 7.99 -21.08 -24.10
CA VAL E 179 9.22 -21.03 -23.33
C VAL E 179 9.06 -20.41 -21.95
N GLY E 180 9.63 -21.08 -20.94
CA GLY E 180 9.54 -20.57 -19.58
C GLY E 180 8.68 -21.40 -18.65
N LEU E 181 8.14 -22.50 -19.14
CA LEU E 181 7.28 -23.36 -18.34
C LEU E 181 7.92 -23.84 -17.04
N ARG E 182 7.17 -23.75 -15.95
CA ARG E 182 7.65 -24.18 -14.64
C ARG E 182 6.45 -24.28 -13.70
N GLY E 183 6.66 -24.88 -12.54
CA GLY E 183 5.56 -25.03 -11.59
C GLY E 183 5.42 -26.46 -11.14
N LEU E 184 4.61 -26.68 -10.10
CA LEU E 184 4.42 -28.04 -9.58
C LEU E 184 3.30 -28.79 -10.27
N ARG E 185 2.37 -28.07 -10.88
CA ARG E 185 1.25 -28.72 -11.54
C ARG E 185 1.09 -28.41 -13.02
N PHE E 186 0.82 -29.46 -13.79
CA PHE E 186 0.59 -29.36 -15.22
C PHE E 186 -0.59 -30.23 -15.59
N ASP E 187 -1.41 -29.75 -16.51
CA ASP E 187 -2.58 -30.50 -16.96
C ASP E 187 -2.09 -31.59 -17.92
N PRO E 188 -2.09 -32.85 -17.47
CA PRO E 188 -1.63 -33.94 -18.33
C PRO E 188 -2.36 -33.99 -19.67
N GLU E 189 -3.67 -33.71 -19.65
CA GLU E 189 -4.46 -33.72 -20.86
C GLU E 189 -3.95 -32.62 -21.80
N ALA E 190 -3.84 -31.40 -21.27
CA ALA E 190 -3.35 -30.28 -22.06
C ALA E 190 -1.96 -30.57 -22.62
N VAL E 191 -1.07 -31.07 -21.76
CA VAL E 191 0.28 -31.37 -22.19
C VAL E 191 0.30 -32.38 -23.34
N ALA E 192 -0.56 -33.40 -23.25
CA ALA E 192 -0.63 -34.43 -24.28
C ALA E 192 -1.16 -33.85 -25.59
N ALA E 193 -2.26 -33.10 -25.50
CA ALA E 193 -2.86 -32.49 -26.68
C ALA E 193 -1.86 -31.60 -27.39
N ALA E 194 -1.00 -30.93 -26.63
CA ALA E 194 0.00 -30.05 -27.22
C ALA E 194 1.09 -30.84 -27.93
N ARG E 195 1.61 -31.87 -27.28
CA ARG E 195 2.66 -32.69 -27.89
C ARG E 195 2.16 -33.41 -29.14
N ALA E 196 0.90 -33.82 -29.10
CA ALA E 196 0.30 -34.52 -30.23
C ALA E 196 0.33 -33.64 -31.49
N ARG E 197 -0.01 -32.36 -31.32
CA ARG E 197 -0.01 -31.43 -32.44
C ARG E 197 1.41 -31.03 -32.83
N GLY E 198 2.39 -31.52 -32.10
CA GLY E 198 3.77 -31.20 -32.41
C GLY E 198 4.29 -29.89 -31.85
N HIS E 199 3.57 -29.31 -30.89
CA HIS E 199 4.01 -28.04 -30.30
C HIS E 199 5.29 -28.29 -29.53
N THR E 200 6.16 -27.29 -29.49
CA THR E 200 7.43 -27.40 -28.79
C THR E 200 7.28 -26.80 -27.38
N ILE E 201 7.59 -27.62 -26.38
CA ILE E 201 7.50 -27.22 -24.97
C ILE E 201 8.90 -27.07 -24.40
N ILE E 202 9.22 -25.86 -23.95
CA ILE E 202 10.54 -25.57 -23.38
C ILE E 202 10.46 -25.04 -21.95
N PRO E 203 10.72 -25.92 -20.96
CA PRO E 203 10.67 -25.51 -19.56
C PRO E 203 11.77 -24.50 -19.25
N MET E 204 11.56 -23.70 -18.21
CA MET E 204 12.53 -22.70 -17.80
C MET E 204 13.89 -23.36 -17.53
N ASP E 205 13.89 -24.60 -17.07
CA ASP E 205 15.14 -25.32 -16.79
C ASP E 205 16.04 -25.35 -18.02
N ASP E 206 15.43 -25.48 -19.19
CA ASP E 206 16.17 -25.53 -20.45
C ASP E 206 16.83 -24.18 -20.74
N VAL E 207 16.13 -23.10 -20.43
CA VAL E 207 16.65 -21.76 -20.65
C VAL E 207 17.85 -21.54 -19.74
N THR E 208 17.71 -21.96 -18.49
CA THR E 208 18.77 -21.83 -17.50
C THR E 208 19.96 -22.69 -17.91
N ALA E 209 19.71 -23.95 -18.23
CA ALA E 209 20.76 -24.88 -18.63
C ALA E 209 21.49 -24.47 -19.91
N ASP E 210 20.74 -24.13 -20.95
CA ASP E 210 21.36 -23.74 -22.20
C ASP E 210 20.44 -22.88 -23.08
N LEU E 211 20.53 -21.57 -22.87
CA LEU E 211 19.72 -20.61 -23.62
C LEU E 211 20.00 -20.73 -25.11
N ALA E 212 21.27 -20.79 -25.48
CA ALA E 212 21.66 -20.91 -26.89
C ALA E 212 20.91 -22.06 -27.57
N GLY E 213 20.69 -23.14 -26.84
CA GLY E 213 20.00 -24.27 -27.39
C GLY E 213 18.54 -23.96 -27.61
N VAL E 214 17.97 -23.16 -26.70
CA VAL E 214 16.57 -22.77 -26.80
C VAL E 214 16.34 -21.90 -28.03
N LEU E 215 17.25 -20.96 -28.27
CA LEU E 215 17.14 -20.07 -29.40
C LEU E 215 17.21 -20.82 -30.73
N ALA E 216 17.95 -21.94 -30.73
CA ALA E 216 18.09 -22.75 -31.93
C ALA E 216 16.78 -23.48 -32.23
N GLN E 217 15.89 -23.51 -31.25
CA GLN E 217 14.60 -24.18 -31.41
C GLN E 217 13.51 -23.24 -31.90
N LEU E 218 13.85 -21.95 -32.04
CA LEU E 218 12.88 -20.98 -32.50
C LEU E 218 12.67 -21.07 -34.00
N PRO E 219 11.51 -20.65 -34.50
CA PRO E 219 11.21 -20.70 -35.93
C PRO E 219 12.10 -19.83 -36.80
N ARG E 220 12.15 -20.15 -38.09
CA ARG E 220 12.94 -19.39 -39.05
C ARG E 220 12.15 -19.19 -40.33
N GLY E 221 12.04 -17.93 -40.74
CA GLY E 221 11.31 -17.60 -41.96
C GLY E 221 9.84 -17.91 -41.89
N GLN E 222 9.24 -17.76 -40.72
CA GLN E 222 7.83 -18.05 -40.54
C GLN E 222 7.05 -16.79 -40.17
N ASN E 223 5.72 -16.90 -40.25
CA ASN E 223 4.83 -15.81 -39.85
C ASN E 223 4.67 -16.06 -38.36
N VAL E 224 5.18 -15.14 -37.54
CA VAL E 224 5.12 -15.33 -36.10
C VAL E 224 4.33 -14.28 -35.31
N TYR E 225 3.58 -14.80 -34.34
CA TYR E 225 2.77 -13.99 -33.44
C TYR E 225 3.36 -14.19 -32.06
N PHE E 226 3.75 -13.10 -31.41
CA PHE E 226 4.33 -13.18 -30.08
C PHE E 226 3.24 -13.06 -29.01
N SER E 227 3.26 -13.95 -28.03
CA SER E 227 2.31 -13.86 -26.92
C SER E 227 3.16 -13.84 -25.67
N VAL E 228 3.23 -12.68 -25.02
CA VAL E 228 4.04 -12.54 -23.82
C VAL E 228 3.20 -12.45 -22.57
N ASP E 229 3.24 -13.49 -21.75
CA ASP E 229 2.53 -13.52 -20.48
C ASP E 229 3.58 -13.04 -19.49
N VAL E 230 3.29 -11.97 -18.76
CA VAL E 230 4.28 -11.44 -17.82
C VAL E 230 4.74 -12.43 -16.76
N ASP E 231 3.91 -13.42 -16.40
CA ASP E 231 4.34 -14.36 -15.38
C ASP E 231 5.43 -15.31 -15.86
N GLY E 232 5.78 -15.20 -17.13
CA GLY E 232 6.86 -16.02 -17.66
C GLY E 232 8.14 -15.47 -17.05
N PHE E 233 8.10 -14.19 -16.67
CA PHE E 233 9.26 -13.56 -16.06
C PHE E 233 9.29 -13.90 -14.58
N ASP E 234 10.47 -13.79 -13.99
CA ASP E 234 10.63 -14.08 -12.56
C ASP E 234 9.84 -13.06 -11.74
N PRO E 235 9.10 -13.52 -10.73
CA PRO E 235 8.26 -12.70 -9.83
C PRO E 235 9.07 -11.61 -9.13
N ALA E 236 10.36 -11.83 -8.96
CA ALA E 236 11.21 -10.84 -8.32
C ALA E 236 11.32 -9.65 -9.26
N VAL E 237 11.28 -9.94 -10.57
CA VAL E 237 11.39 -8.90 -11.58
C VAL E 237 10.03 -8.29 -11.91
N ILE E 238 9.05 -9.15 -12.14
CA ILE E 238 7.69 -8.72 -12.45
C ILE E 238 6.70 -9.34 -11.46
N PRO E 239 6.58 -8.76 -10.26
CA PRO E 239 5.66 -9.30 -9.26
C PRO E 239 4.19 -9.01 -9.54
N GLY E 240 3.94 -8.00 -10.37
CA GLY E 240 2.57 -7.64 -10.68
C GLY E 240 1.83 -8.58 -11.63
N THR E 241 1.44 -9.74 -11.14
CA THR E 241 0.72 -10.71 -11.96
C THR E 241 -0.07 -11.63 -11.02
N SER E 242 -1.21 -12.10 -11.49
CA SER E 242 -2.08 -12.96 -10.69
C SER E 242 -1.47 -14.21 -10.04
N SER E 243 -0.83 -15.05 -10.85
CA SER E 243 -0.27 -16.30 -10.31
C SER E 243 1.21 -16.48 -10.64
N PRO E 244 2.10 -15.85 -9.85
CA PRO E 244 3.54 -15.92 -10.05
C PRO E 244 4.13 -17.29 -9.75
N GLU E 245 5.25 -17.58 -10.40
CA GLU E 245 5.96 -18.84 -10.22
C GLU E 245 7.45 -18.51 -10.07
N PRO E 246 8.08 -18.99 -8.99
CA PRO E 246 9.50 -18.71 -8.76
C PRO E 246 10.42 -19.17 -9.88
N ASP E 247 11.62 -18.61 -9.90
CA ASP E 247 12.65 -18.95 -10.88
C ASP E 247 12.23 -18.88 -12.35
N GLY E 248 11.94 -17.67 -12.80
CA GLY E 248 11.52 -17.47 -14.18
C GLY E 248 12.56 -16.74 -14.99
N LEU E 249 12.12 -16.21 -16.12
CA LEU E 249 12.99 -15.47 -17.02
C LEU E 249 13.38 -14.11 -16.45
N THR E 250 14.62 -13.72 -16.67
CA THR E 250 15.07 -12.40 -16.26
C THR E 250 14.54 -11.57 -17.44
N TYR E 251 14.55 -10.25 -17.32
CA TYR E 251 14.08 -9.41 -18.41
C TYR E 251 15.00 -9.70 -19.60
N ALA E 252 16.29 -9.77 -19.35
CA ALA E 252 17.27 -10.01 -20.41
C ALA E 252 17.02 -11.31 -21.17
N GLN E 253 16.73 -12.38 -20.44
CA GLN E 253 16.46 -13.68 -21.05
C GLN E 253 15.21 -13.63 -21.92
N GLY E 254 14.12 -13.11 -21.38
CA GLY E 254 12.89 -13.03 -22.15
C GLY E 254 13.12 -12.23 -23.42
N MET E 255 13.80 -11.10 -23.28
CA MET E 255 14.09 -10.23 -24.41
C MET E 255 15.00 -10.90 -25.44
N LYS E 256 15.96 -11.70 -24.97
CA LYS E 256 16.87 -12.39 -25.88
C LYS E 256 16.10 -13.32 -26.79
N ILE E 257 15.10 -13.98 -26.21
CA ILE E 257 14.25 -14.91 -26.95
C ILE E 257 13.43 -14.17 -28.00
N LEU E 258 12.82 -13.06 -27.58
CA LEU E 258 12.01 -12.26 -28.49
C LEU E 258 12.85 -11.66 -29.61
N ALA E 259 14.02 -11.14 -29.27
CA ALA E 259 14.89 -10.53 -30.26
C ALA E 259 15.35 -11.54 -31.30
N ALA E 260 15.67 -12.75 -30.85
CA ALA E 260 16.13 -13.80 -31.75
C ALA E 260 15.06 -14.16 -32.77
N ALA E 261 13.82 -14.34 -32.30
CA ALA E 261 12.72 -14.69 -33.20
C ALA E 261 12.37 -13.56 -34.16
N ALA E 262 12.51 -12.32 -33.69
CA ALA E 262 12.21 -11.16 -34.51
C ALA E 262 13.24 -10.93 -35.62
N ALA E 263 14.47 -11.41 -35.40
CA ALA E 263 15.54 -11.21 -36.36
C ALA E 263 15.41 -11.99 -37.67
N ASN E 264 14.75 -13.15 -37.62
CA ASN E 264 14.61 -13.96 -38.83
C ASN E 264 13.21 -14.53 -39.08
N ASN E 265 12.19 -13.77 -38.70
CA ASN E 265 10.80 -14.18 -38.92
C ASN E 265 9.98 -12.95 -39.23
N THR E 266 8.84 -13.17 -39.88
CA THR E 266 7.92 -12.09 -40.21
C THR E 266 6.99 -12.00 -39.01
N VAL E 267 7.13 -10.94 -38.21
CA VAL E 267 6.30 -10.78 -37.02
C VAL E 267 4.97 -10.14 -37.40
N VAL E 268 3.89 -10.88 -37.17
CA VAL E 268 2.55 -10.39 -37.52
C VAL E 268 1.79 -9.76 -36.37
N GLY E 269 2.32 -9.86 -35.16
CA GLY E 269 1.63 -9.27 -34.03
C GLY E 269 2.23 -9.66 -32.69
N LEU E 270 1.71 -9.07 -31.62
CA LEU E 270 2.19 -9.36 -30.30
C LEU E 270 1.22 -8.91 -29.23
N ASP E 271 1.01 -9.74 -28.22
CA ASP E 271 0.14 -9.36 -27.12
C ASP E 271 0.94 -9.46 -25.82
N LEU E 272 0.58 -8.61 -24.87
CA LEU E 272 1.23 -8.56 -23.56
C LEU E 272 0.07 -8.75 -22.59
N VAL E 273 0.03 -9.90 -21.94
CA VAL E 273 -1.06 -10.23 -21.04
C VAL E 273 -0.69 -10.58 -19.60
N GLU E 274 -1.72 -10.60 -18.75
CA GLU E 274 -1.63 -10.95 -17.33
C GLU E 274 -0.91 -9.95 -16.42
N LEU E 275 -0.66 -8.74 -16.91
CA LEU E 275 -0.02 -7.72 -16.07
C LEU E 275 -1.08 -7.27 -15.06
N ALA E 276 -0.71 -7.14 -13.79
CA ALA E 276 -1.66 -6.71 -12.75
C ALA E 276 -0.98 -5.59 -11.97
N PRO E 277 -1.18 -4.34 -12.41
CA PRO E 277 -0.60 -3.14 -11.79
C PRO E 277 -0.89 -3.04 -10.30
N ASN E 278 -2.13 -3.39 -9.95
CA ASN E 278 -2.60 -3.35 -8.57
C ASN E 278 -1.84 -4.29 -7.64
N LEU E 279 -1.11 -5.25 -8.21
CA LEU E 279 -0.34 -6.19 -7.39
C LEU E 279 1.13 -5.79 -7.22
N ASP E 280 1.54 -4.71 -7.89
CA ASP E 280 2.91 -4.23 -7.74
C ASP E 280 2.91 -2.73 -7.49
N PRO E 281 2.88 -2.34 -6.21
CA PRO E 281 2.88 -0.93 -5.83
C PRO E 281 4.19 -0.17 -6.11
N THR E 282 5.26 -0.88 -6.46
CA THR E 282 6.52 -0.21 -6.78
C THR E 282 6.44 0.32 -8.20
N GLY E 283 5.49 -0.21 -8.97
CA GLY E 283 5.30 0.21 -10.35
C GLY E 283 6.30 -0.34 -11.36
N ARG E 284 7.30 -1.10 -10.91
CA ARG E 284 8.29 -1.62 -11.86
C ARG E 284 7.72 -2.59 -12.89
N SER E 285 6.69 -3.34 -12.51
CA SER E 285 6.12 -4.31 -13.45
C SER E 285 5.63 -3.66 -14.74
N GLU E 286 4.84 -2.60 -14.65
CA GLU E 286 4.34 -1.97 -15.87
C GLU E 286 5.44 -1.22 -16.61
N LEU E 287 6.36 -0.62 -15.86
CA LEU E 287 7.46 0.12 -16.50
C LEU E 287 8.31 -0.83 -17.34
N LEU E 288 8.68 -1.97 -16.78
CA LEU E 288 9.50 -2.94 -17.48
C LEU E 288 8.77 -3.62 -18.64
N MET E 289 7.50 -3.95 -18.47
CA MET E 289 6.78 -4.60 -19.56
C MET E 289 6.49 -3.64 -20.71
N ALA E 290 6.33 -2.35 -20.41
CA ALA E 290 6.09 -1.38 -21.48
C ALA E 290 7.40 -1.27 -22.26
N ARG E 291 8.52 -1.29 -21.55
CA ARG E 291 9.80 -1.21 -22.22
C ARG E 291 10.02 -2.45 -23.08
N LEU E 292 9.59 -3.60 -22.58
CA LEU E 292 9.75 -4.85 -23.30
C LEU E 292 9.04 -4.77 -24.65
N VAL E 293 7.83 -4.25 -24.66
CA VAL E 293 7.07 -4.13 -25.90
C VAL E 293 7.84 -3.23 -26.86
N MET E 294 8.29 -2.07 -26.37
CA MET E 294 9.03 -1.14 -27.22
C MET E 294 10.35 -1.70 -27.75
N GLU E 295 11.10 -2.39 -26.90
CA GLU E 295 12.38 -2.96 -27.30
C GLU E 295 12.17 -4.06 -28.34
N THR E 296 11.09 -4.81 -28.18
CA THR E 296 10.75 -5.87 -29.13
C THR E 296 10.46 -5.25 -30.50
N LEU E 297 9.80 -4.10 -30.52
CA LEU E 297 9.50 -3.41 -31.78
C LEU E 297 10.79 -2.91 -32.42
N CYS E 298 11.75 -2.49 -31.60
CA CYS E 298 13.04 -2.04 -32.13
C CYS E 298 13.67 -3.21 -32.88
N GLU E 299 13.64 -4.37 -32.25
CA GLU E 299 14.19 -5.58 -32.84
C GLU E 299 13.46 -5.93 -34.13
N VAL E 300 12.13 -5.89 -34.08
CA VAL E 300 11.32 -6.21 -35.25
C VAL E 300 11.68 -5.34 -36.44
N PHE E 301 11.61 -4.02 -36.26
CA PHE E 301 11.91 -3.11 -37.35
C PHE E 301 13.38 -2.99 -37.72
N ASP E 302 14.24 -3.74 -37.04
CA ASP E 302 15.66 -3.73 -37.36
C ASP E 302 15.94 -4.88 -38.35
N HIS E 303 14.95 -5.74 -38.57
CA HIS E 303 15.10 -6.87 -39.47
C HIS E 303 13.94 -7.08 -40.44
N VAL E 304 13.38 -5.98 -40.94
CA VAL E 304 12.27 -6.07 -41.88
C VAL E 304 12.76 -6.37 -43.30
N LEU E 305 12.04 -7.23 -43.99
CA LEU E 305 12.40 -7.60 -45.36
C LEU E 305 11.79 -6.65 -46.38
N GLY F 3 25.48 -0.70 29.51
CA GLY F 3 24.09 -0.15 29.47
C GLY F 3 23.28 -0.76 28.33
N PRO F 4 21.96 -0.94 28.52
CA PRO F 4 21.13 -1.52 27.46
C PRO F 4 21.14 -0.68 26.20
N ALA F 5 20.97 -1.32 25.04
CA ALA F 5 20.96 -0.63 23.76
C ALA F 5 19.59 -0.67 23.13
N HIS F 6 19.26 0.39 22.39
CA HIS F 6 17.98 0.49 21.70
C HIS F 6 17.89 -0.55 20.59
N LEU F 7 16.65 -0.96 20.30
CA LEU F 7 16.39 -1.87 19.20
C LEU F 7 16.23 -0.90 18.03
N PRO F 8 16.20 -1.39 16.79
CA PRO F 8 16.05 -0.53 15.61
C PRO F 8 14.89 0.45 15.63
N TYR F 9 13.78 0.05 16.23
CA TYR F 9 12.62 0.94 16.29
C TYR F 9 12.65 1.90 17.46
N GLY F 10 13.72 1.85 18.26
CA GLY F 10 13.82 2.74 19.40
C GLY F 10 14.85 3.83 19.20
N GLY F 11 14.65 4.96 19.88
CA GLY F 11 15.58 6.08 19.79
C GLY F 11 15.34 7.05 18.65
N ILE F 12 16.06 8.16 18.69
CA ILE F 12 15.97 9.18 17.65
C ILE F 12 16.80 8.66 16.47
N PRO F 13 16.20 8.65 15.27
CA PRO F 13 16.95 8.15 14.11
C PRO F 13 18.00 9.07 13.51
N THR F 14 19.26 8.92 13.95
CA THR F 14 20.36 9.69 13.36
C THR F 14 21.15 8.61 12.62
N PHE F 15 21.95 9.00 11.62
CA PHE F 15 22.70 8.02 10.86
C PHE F 15 23.68 7.23 11.71
N ALA F 16 23.55 5.90 11.67
CA ALA F 16 24.38 4.98 12.45
C ALA F 16 24.28 5.32 13.93
N ARG F 17 23.15 5.88 14.33
CA ARG F 17 22.89 6.27 15.71
C ARG F 17 23.98 7.19 16.24
N ALA F 18 24.56 7.99 15.34
CA ALA F 18 25.62 8.91 15.72
C ALA F 18 25.09 10.19 16.37
N PRO F 19 25.94 10.88 17.15
CA PRO F 19 25.49 12.11 17.80
C PRO F 19 25.21 13.22 16.78
N LEU F 20 24.23 14.06 17.08
CA LEU F 20 23.85 15.15 16.19
C LEU F 20 24.76 16.37 16.36
N VAL F 21 25.11 17.00 15.25
CA VAL F 21 25.94 18.19 15.25
C VAL F 21 25.48 19.18 14.20
N GLN F 22 25.99 20.39 14.26
CA GLN F 22 25.65 21.42 13.29
C GLN F 22 26.81 21.51 12.29
N PRO F 23 26.51 21.69 11.00
CA PRO F 23 27.57 21.77 9.98
C PRO F 23 28.74 22.68 10.35
N ASP F 24 28.43 23.85 10.92
CA ASP F 24 29.47 24.80 11.30
C ASP F 24 29.77 24.76 12.80
N GLY F 25 29.47 23.63 13.43
CA GLY F 25 29.72 23.49 14.85
C GLY F 25 31.15 23.16 15.20
N ASP F 26 31.44 23.09 16.50
CA ASP F 26 32.77 22.78 16.99
C ASP F 26 32.87 21.28 17.26
N TRP F 27 33.08 20.50 16.20
CA TRP F 27 33.19 19.05 16.31
C TRP F 27 34.14 18.48 15.27
N GLN F 28 34.48 17.20 15.45
CA GLN F 28 35.36 16.48 14.54
C GLN F 28 34.99 15.00 14.62
N ALA F 29 35.04 14.30 13.50
CA ALA F 29 34.70 12.89 13.48
C ALA F 29 35.26 12.23 12.22
N ASP F 30 35.52 10.93 12.30
CA ASP F 30 36.05 10.21 11.16
C ASP F 30 35.05 10.23 10.00
N VAL F 31 33.79 10.01 10.33
CA VAL F 31 32.72 9.99 9.33
C VAL F 31 31.58 10.90 9.77
N ALA F 32 31.06 11.70 8.84
CA ALA F 32 29.94 12.59 9.15
C ALA F 32 28.92 12.52 8.02
N ALA F 33 27.64 12.39 8.38
CA ALA F 33 26.59 12.33 7.38
C ALA F 33 25.84 13.65 7.26
N LEU F 34 25.44 13.99 6.05
CA LEU F 34 24.69 15.23 5.80
C LEU F 34 23.59 14.91 4.80
N GLY F 35 22.37 15.25 5.14
CA GLY F 35 21.25 14.98 4.25
C GLY F 35 20.90 16.14 3.34
N VAL F 36 20.44 15.81 2.15
CA VAL F 36 20.03 16.80 1.15
C VAL F 36 18.67 16.33 0.61
N PRO F 37 17.58 16.63 1.34
CA PRO F 37 16.23 16.23 0.94
C PRO F 37 15.65 17.09 -0.18
N PHE F 38 16.28 17.01 -1.35
CA PHE F 38 15.90 17.78 -2.54
C PHE F 38 15.52 16.81 -3.65
N ASP F 39 14.30 16.92 -4.19
CA ASP F 39 13.92 16.02 -5.28
C ASP F 39 13.08 16.70 -6.37
N ILE F 40 13.08 18.02 -6.39
CA ILE F 40 12.28 18.73 -7.40
C ILE F 40 12.94 18.81 -8.77
N ALA F 41 14.13 18.24 -8.90
CA ALA F 41 14.83 18.28 -10.19
C ALA F 41 14.65 17.02 -11.02
N LEU F 42 14.14 15.94 -10.43
CA LEU F 42 13.95 14.71 -11.19
C LEU F 42 12.79 14.84 -12.16
N GLY F 43 12.78 14.01 -13.21
CA GLY F 43 11.73 14.13 -14.20
C GLY F 43 10.60 13.12 -14.22
N PHE F 44 10.45 12.32 -13.16
CA PHE F 44 9.38 11.33 -13.13
C PHE F 44 8.67 11.26 -11.78
N ARG F 45 9.00 10.26 -10.98
CA ARG F 45 8.34 10.07 -9.69
C ARG F 45 9.13 10.61 -8.49
N PRO F 46 8.55 11.58 -7.76
CA PRO F 46 9.19 12.19 -6.59
C PRO F 46 9.18 11.25 -5.39
N GLY F 47 9.94 11.61 -4.36
CA GLY F 47 10.01 10.78 -3.18
C GLY F 47 11.39 10.79 -2.57
N ALA F 48 12.40 11.08 -3.37
CA ALA F 48 13.76 11.09 -2.87
C ALA F 48 13.99 12.11 -1.76
N ARG F 49 13.07 13.07 -1.60
CA ARG F 49 13.22 14.04 -0.52
C ARG F 49 13.11 13.33 0.82
N PHE F 50 12.48 12.16 0.82
CA PHE F 50 12.27 11.37 2.03
C PHE F 50 13.38 10.37 2.29
N ALA F 51 14.30 10.23 1.35
CA ALA F 51 15.39 9.26 1.48
C ALA F 51 16.34 9.47 2.68
N PRO F 52 16.80 10.72 2.91
CA PRO F 52 17.71 10.92 4.05
C PRO F 52 17.16 10.35 5.35
N ARG F 53 15.90 10.65 5.64
CA ARG F 53 15.25 10.17 6.85
C ARG F 53 15.10 8.65 6.84
N ALA F 54 14.76 8.10 5.68
CA ALA F 54 14.60 6.65 5.55
C ALA F 54 15.93 5.93 5.74
N LEU F 55 16.99 6.52 5.21
CA LEU F 55 18.32 5.94 5.32
C LEU F 55 18.79 6.00 6.76
N ARG F 56 18.49 7.10 7.45
CA ARG F 56 18.86 7.22 8.85
C ARG F 56 18.16 6.15 9.66
N GLU F 57 16.87 5.98 9.42
CA GLU F 57 16.08 4.98 10.14
C GLU F 57 16.58 3.56 9.84
N ALA F 58 16.87 3.27 8.58
CA ALA F 58 17.35 1.96 8.19
C ALA F 58 18.76 1.68 8.71
N SER F 59 19.54 2.75 8.91
CA SER F 59 20.91 2.60 9.38
C SER F 59 20.96 2.08 10.82
N LEU F 60 19.84 2.17 11.53
CA LEU F 60 19.78 1.70 12.90
C LEU F 60 19.96 0.19 12.98
N ARG F 61 19.92 -0.46 11.82
CA ARG F 61 20.11 -1.92 11.72
C ARG F 61 21.58 -2.19 11.43
N SER F 62 22.34 -1.13 11.17
CA SER F 62 23.75 -1.27 10.84
C SER F 62 24.64 -0.33 11.64
N VAL F 63 24.56 -0.42 12.97
CA VAL F 63 25.39 0.41 13.84
C VAL F 63 26.76 -0.24 14.01
N PRO F 64 27.83 0.50 13.70
CA PRO F 64 29.20 0.00 13.81
C PRO F 64 29.65 -0.14 15.27
N PRO F 65 30.74 -0.89 15.51
CA PRO F 65 31.54 -1.61 14.53
C PRO F 65 30.89 -2.94 14.16
N PHE F 66 31.47 -3.64 13.19
CA PHE F 66 30.93 -4.92 12.75
C PHE F 66 31.96 -6.05 12.81
N THR F 67 31.58 -7.15 13.46
CA THR F 67 32.44 -8.31 13.56
C THR F 67 31.84 -9.33 12.59
N GLY F 68 32.58 -9.67 11.55
CA GLY F 68 32.07 -10.61 10.57
C GLY F 68 32.05 -12.06 11.04
N LEU F 69 31.53 -12.93 10.20
CA LEU F 69 31.47 -14.34 10.54
C LEU F 69 32.89 -14.87 10.74
N ASP F 70 33.84 -14.31 9.98
CA ASP F 70 35.24 -14.73 10.06
C ASP F 70 35.95 -14.25 11.32
N GLY F 71 35.24 -13.47 12.14
CA GLY F 71 35.83 -12.99 13.37
C GLY F 71 36.56 -11.67 13.30
N LYS F 72 36.72 -11.11 12.11
CA LYS F 72 37.40 -9.82 11.98
C LYS F 72 36.41 -8.69 12.25
N THR F 73 36.88 -7.63 12.88
CA THR F 73 36.02 -6.49 13.20
C THR F 73 36.44 -5.28 12.39
N ARG F 74 35.47 -4.63 11.77
CA ARG F 74 35.74 -3.43 10.97
C ARG F 74 35.01 -2.23 11.54
N LEU F 75 35.49 -1.03 11.18
CA LEU F 75 34.95 0.24 11.67
C LEU F 75 35.22 0.42 13.16
N GLN F 76 36.18 -0.34 13.66
CA GLN F 76 36.57 -0.24 15.06
C GLN F 76 37.29 1.10 15.15
N GLY F 77 37.02 1.87 16.21
CA GLY F 77 37.68 3.16 16.37
C GLY F 77 37.36 4.22 15.33
N VAL F 78 36.20 4.12 14.68
CA VAL F 78 35.79 5.09 13.67
C VAL F 78 34.62 5.84 14.29
N THR F 79 34.80 7.13 14.54
CA THR F 79 33.74 7.92 15.15
C THR F 79 32.81 8.48 14.08
N PHE F 80 31.55 8.66 14.45
CA PHE F 80 30.53 9.18 13.54
C PHE F 80 29.81 10.41 14.07
N ALA F 81 29.24 11.17 13.15
CA ALA F 81 28.49 12.37 13.50
C ALA F 81 27.40 12.55 12.45
N ASP F 82 26.27 13.10 12.85
CA ASP F 82 25.20 13.36 11.89
C ASP F 82 24.98 14.87 11.92
N ALA F 83 25.35 15.53 10.82
CA ALA F 83 25.23 16.98 10.74
C ALA F 83 23.83 17.46 10.33
N GLY F 84 22.87 16.55 10.37
CA GLY F 84 21.51 16.90 10.00
C GLY F 84 21.32 17.09 8.51
N ASP F 85 20.37 17.95 8.13
CA ASP F 85 20.08 18.23 6.72
C ASP F 85 20.37 19.67 6.35
N VAL F 86 20.70 19.89 5.08
CA VAL F 86 20.93 21.23 4.58
C VAL F 86 19.55 21.86 4.68
N ILE F 87 19.47 23.13 5.06
CA ILE F 87 18.17 23.80 5.15
C ILE F 87 17.88 24.31 3.75
N LEU F 88 16.93 23.66 3.09
CA LEU F 88 16.58 24.00 1.72
C LEU F 88 15.41 24.96 1.59
N PRO F 89 15.45 25.83 0.58
CA PRO F 89 14.36 26.78 0.39
C PRO F 89 13.35 26.01 -0.46
N SER F 90 12.22 26.63 -0.77
CA SER F 90 11.24 25.99 -1.64
C SER F 90 11.63 26.52 -3.02
N LEU F 91 11.60 25.66 -4.03
CA LEU F 91 12.02 26.06 -5.38
C LEU F 91 13.42 26.65 -5.28
N GLU F 92 13.67 27.77 -5.94
CA GLU F 92 14.97 28.45 -5.86
C GLU F 92 16.17 27.50 -5.96
N PRO F 93 16.28 26.73 -7.04
CA PRO F 93 17.39 25.79 -7.20
C PRO F 93 18.79 26.37 -7.04
N GLN F 94 19.01 27.59 -7.51
CA GLN F 94 20.33 28.21 -7.40
C GLN F 94 20.70 28.40 -5.92
N LEU F 95 19.75 28.90 -5.14
CA LEU F 95 19.97 29.12 -3.71
C LEU F 95 20.17 27.78 -3.02
N ALA F 96 19.39 26.78 -3.40
CA ALA F 96 19.53 25.45 -2.82
C ALA F 96 20.96 24.95 -3.06
N HIS F 97 21.42 25.09 -4.30
CA HIS F 97 22.76 24.65 -4.65
C HIS F 97 23.81 25.33 -3.77
N ASP F 98 23.71 26.64 -3.60
CA ASP F 98 24.67 27.36 -2.78
C ASP F 98 24.67 26.89 -1.33
N ARG F 99 23.49 26.61 -0.79
CA ARG F 99 23.40 26.14 0.58
C ARG F 99 23.98 24.75 0.72
N ILE F 100 23.75 23.92 -0.30
CA ILE F 100 24.25 22.56 -0.29
C ILE F 100 25.79 22.58 -0.31
N THR F 101 26.35 23.36 -1.22
CA THR F 101 27.80 23.47 -1.32
C THR F 101 28.40 23.96 -0.01
N GLU F 102 27.82 25.02 0.56
CA GLU F 102 28.31 25.57 1.82
C GLU F 102 28.30 24.56 2.96
N ALA F 103 27.19 23.85 3.12
CA ALA F 103 27.10 22.84 4.18
C ALA F 103 28.11 21.73 3.92
N ALA F 104 28.21 21.29 2.67
CA ALA F 104 29.15 20.24 2.32
C ALA F 104 30.58 20.66 2.65
N ARG F 105 30.91 21.92 2.38
CA ARG F 105 32.25 22.42 2.66
C ARG F 105 32.54 22.30 4.15
N GLN F 106 31.62 22.78 4.97
CA GLN F 106 31.78 22.75 6.42
C GLN F 106 31.92 21.35 6.98
N VAL F 107 31.07 20.44 6.52
CA VAL F 107 31.12 19.05 6.98
C VAL F 107 32.43 18.40 6.55
N ARG F 108 32.81 18.62 5.29
CA ARG F 108 34.05 18.06 4.76
C ARG F 108 35.26 18.53 5.56
N GLY F 109 35.19 19.75 6.07
CA GLY F 109 36.29 20.29 6.85
C GLY F 109 36.33 19.84 8.30
N ARG F 110 35.39 18.97 8.69
CA ARG F 110 35.34 18.48 10.06
C ARG F 110 35.38 16.96 10.18
N CYS F 111 35.48 16.26 9.06
CA CYS F 111 35.53 14.82 9.09
C CYS F 111 36.53 14.31 8.05
N ARG F 112 36.79 13.01 8.08
CA ARG F 112 37.72 12.40 7.14
C ARG F 112 36.97 11.96 5.89
N VAL F 113 35.81 11.32 6.07
CA VAL F 113 35.00 10.87 4.95
C VAL F 113 33.55 11.32 5.11
N PRO F 114 33.11 12.30 4.31
CA PRO F 114 31.72 12.76 4.43
C PRO F 114 30.79 11.86 3.63
N VAL F 115 29.60 11.62 4.17
CA VAL F 115 28.59 10.81 3.52
C VAL F 115 27.39 11.70 3.25
N PHE F 116 27.02 11.85 1.98
CA PHE F 116 25.90 12.70 1.61
C PHE F 116 24.69 11.86 1.22
N LEU F 117 23.55 12.10 1.87
CA LEU F 117 22.34 11.35 1.57
C LEU F 117 21.36 12.20 0.75
N GLY F 118 21.14 11.80 -0.50
CA GLY F 118 20.19 12.52 -1.35
C GLY F 118 18.78 12.03 -1.07
N GLY F 119 17.76 12.57 -1.75
CA GLY F 119 17.94 13.62 -2.74
C GLY F 119 18.08 13.05 -4.14
N ASP F 120 17.59 13.78 -5.16
CA ASP F 120 17.73 13.30 -6.52
C ASP F 120 19.18 13.54 -6.95
N HIS F 121 19.58 12.96 -8.07
CA HIS F 121 20.98 13.10 -8.48
C HIS F 121 21.54 14.49 -8.74
N SER F 122 20.67 15.49 -8.88
CA SER F 122 21.16 16.84 -9.13
C SER F 122 21.96 17.37 -7.94
N VAL F 123 21.77 16.79 -6.75
CA VAL F 123 22.51 17.25 -5.58
C VAL F 123 24.02 17.00 -5.68
N SER F 124 24.41 16.04 -6.51
CA SER F 124 25.82 15.72 -6.68
C SER F 124 26.63 16.90 -7.23
N TYR F 125 25.97 17.78 -7.98
CA TYR F 125 26.67 18.94 -8.53
C TYR F 125 27.13 19.89 -7.41
N PRO F 126 26.19 20.48 -6.65
CA PRO F 126 26.63 21.39 -5.58
C PRO F 126 27.49 20.69 -4.51
N LEU F 127 27.33 19.38 -4.40
CA LEU F 127 28.10 18.61 -3.43
C LEU F 127 29.55 18.57 -3.90
N LEU F 128 29.75 18.28 -5.19
CA LEU F 128 31.09 18.21 -5.76
C LEU F 128 31.81 19.56 -5.72
N ARG F 129 31.07 20.66 -5.72
CA ARG F 129 31.70 21.99 -5.69
C ARG F 129 32.50 22.19 -4.41
N ALA F 130 32.19 21.40 -3.38
CA ALA F 130 32.92 21.52 -2.11
C ALA F 130 34.24 20.75 -2.16
N PHE F 131 34.55 20.16 -3.30
CA PHE F 131 35.78 19.41 -3.47
C PHE F 131 36.69 20.02 -4.54
N ALA F 132 36.58 21.32 -4.74
CA ALA F 132 37.38 22.01 -5.74
C ALA F 132 38.88 21.98 -5.46
N ASP F 133 39.25 21.77 -4.19
CA ASP F 133 40.67 21.75 -3.84
C ASP F 133 41.30 20.37 -3.85
N VAL F 134 40.59 19.38 -4.39
CA VAL F 134 41.10 18.02 -4.49
C VAL F 134 41.75 17.84 -5.86
N PRO F 135 43.09 17.78 -5.91
CA PRO F 135 43.77 17.62 -7.19
C PRO F 135 43.43 16.33 -7.92
N ASP F 136 43.32 16.42 -9.24
CA ASP F 136 43.01 15.27 -10.07
C ASP F 136 41.89 14.43 -9.46
N LEU F 137 40.80 15.10 -9.09
CA LEU F 137 39.66 14.42 -8.50
C LEU F 137 38.98 13.50 -9.50
N HIS F 138 38.73 12.26 -9.07
CA HIS F 138 38.07 11.27 -9.90
C HIS F 138 36.74 10.90 -9.26
N VAL F 139 35.75 10.59 -10.10
CA VAL F 139 34.45 10.18 -9.59
C VAL F 139 34.13 8.78 -10.10
N VAL F 140 33.72 7.91 -9.18
CA VAL F 140 33.33 6.55 -9.54
C VAL F 140 31.83 6.58 -9.30
N GLN F 141 31.07 6.43 -10.38
CA GLN F 141 29.62 6.51 -10.33
C GLN F 141 28.91 5.20 -10.72
N LEU F 142 28.01 4.75 -9.84
CA LEU F 142 27.22 3.55 -10.11
C LEU F 142 25.92 4.22 -10.55
N ASP F 143 25.40 3.82 -11.71
CA ASP F 143 24.20 4.48 -12.22
C ASP F 143 23.70 3.76 -13.47
N ALA F 144 22.40 3.80 -13.70
CA ALA F 144 21.85 3.19 -14.90
C ALA F 144 21.95 4.26 -15.98
N HIS F 145 22.11 5.52 -15.56
CA HIS F 145 22.20 6.65 -16.47
C HIS F 145 23.53 7.40 -16.37
N LEU F 146 23.92 8.04 -17.47
CA LEU F 146 25.18 8.77 -17.54
C LEU F 146 25.12 10.11 -16.80
N ASP F 147 24.00 10.81 -16.93
CA ASP F 147 23.82 12.10 -16.28
C ASP F 147 24.90 13.11 -16.62
N PHE F 148 25.23 13.21 -17.90
CA PHE F 148 26.25 14.16 -18.35
C PHE F 148 25.58 15.06 -19.39
N THR F 149 24.27 15.22 -19.27
CA THR F 149 23.48 16.03 -20.19
C THR F 149 23.67 17.53 -19.95
N ASP F 150 23.61 18.30 -21.03
CA ASP F 150 23.77 19.74 -20.94
C ASP F 150 22.44 20.36 -20.52
N THR F 151 21.43 20.26 -21.37
CA THR F 151 20.11 20.80 -21.06
C THR F 151 19.05 19.73 -21.27
N ARG F 152 18.07 19.70 -20.38
CA ARG F 152 16.97 18.74 -20.46
C ARG F 152 15.72 19.47 -20.02
N ASN F 153 14.64 19.31 -20.78
CA ASN F 153 13.36 19.94 -20.44
C ASN F 153 13.53 21.39 -20.03
N ASP F 154 14.31 22.12 -20.83
CA ASP F 154 14.56 23.53 -20.64
C ASP F 154 15.25 23.98 -19.35
N THR F 155 16.06 23.10 -18.78
CA THR F 155 16.79 23.47 -17.58
C THR F 155 18.19 22.86 -17.60
N LYS F 156 19.12 23.53 -16.92
CA LYS F 156 20.51 23.10 -16.80
C LYS F 156 20.70 22.36 -15.47
N TRP F 157 19.68 22.39 -14.61
CA TRP F 157 19.82 21.77 -13.28
C TRP F 157 19.06 20.47 -13.01
N SER F 158 18.67 19.73 -14.06
CA SER F 158 17.92 18.50 -13.83
C SER F 158 18.84 17.43 -13.25
N ASN F 159 18.38 16.33 -12.92
CA ASN F 159 19.19 15.25 -12.38
C ASN F 159 19.96 14.53 -13.49
N SER F 160 19.70 14.99 -14.59
CA SER F 160 20.40 14.41 -15.74
C SER F 160 21.66 15.21 -16.08
N SER F 161 21.92 16.29 -15.35
CA SER F 161 23.10 17.11 -15.65
C SER F 161 24.13 17.38 -14.54
N PRO F 162 23.99 16.76 -13.36
CA PRO F 162 24.97 17.05 -12.32
C PRO F 162 26.46 16.94 -12.64
N PHE F 163 26.88 15.89 -13.33
CA PHE F 163 28.30 15.76 -13.63
C PHE F 163 28.77 16.66 -14.76
N ARG F 164 27.84 17.05 -15.62
CA ARG F 164 28.15 17.96 -16.72
C ARG F 164 28.40 19.32 -16.06
N ARG F 165 27.50 19.70 -15.15
CA ARG F 165 27.60 20.96 -14.43
C ARG F 165 28.86 20.98 -13.54
N ALA F 166 29.18 19.85 -12.92
CA ALA F 166 30.35 19.75 -12.05
C ALA F 166 31.65 19.91 -12.83
N CYS F 167 31.74 19.21 -13.96
CA CYS F 167 32.94 19.29 -14.77
C CYS F 167 33.20 20.70 -15.30
N GLU F 168 32.16 21.45 -15.60
CA GLU F 168 32.40 22.80 -16.10
C GLU F 168 32.71 23.78 -14.97
N ALA F 169 32.40 23.40 -13.74
CA ALA F 169 32.68 24.27 -12.61
C ALA F 169 33.94 23.83 -11.84
N LEU F 170 34.40 22.62 -12.13
CA LEU F 170 35.56 22.06 -11.43
C LEU F 170 36.64 21.52 -12.37
N PRO F 171 37.60 22.38 -12.77
CA PRO F 171 38.65 21.91 -13.67
C PRO F 171 39.48 20.78 -13.06
N ASN F 172 39.43 20.66 -11.74
CA ASN F 172 40.18 19.60 -11.05
C ASN F 172 39.46 18.26 -11.15
N LEU F 173 38.22 18.25 -11.61
CA LEU F 173 37.50 16.98 -11.78
C LEU F 173 37.98 16.50 -13.14
N VAL F 174 39.06 15.73 -13.13
CA VAL F 174 39.66 15.26 -14.37
C VAL F 174 39.14 13.96 -14.96
N HIS F 175 38.41 13.17 -14.20
CA HIS F 175 37.92 11.91 -14.74
C HIS F 175 36.73 11.32 -14.01
N ILE F 176 35.85 10.67 -14.78
CA ILE F 176 34.68 10.01 -14.23
C ILE F 176 34.58 8.61 -14.81
N THR F 177 34.27 7.66 -13.94
CA THR F 177 34.10 6.27 -14.34
C THR F 177 32.67 5.93 -13.94
N THR F 178 31.83 5.65 -14.92
CA THR F 178 30.42 5.34 -14.67
C THR F 178 30.15 3.86 -14.97
N VAL F 179 29.58 3.16 -13.99
CA VAL F 179 29.33 1.73 -14.13
C VAL F 179 27.87 1.33 -13.97
N GLY F 180 27.36 0.54 -14.91
CA GLY F 180 25.98 0.07 -14.85
C GLY F 180 25.03 0.60 -15.90
N LEU F 181 25.54 1.42 -16.83
CA LEU F 181 24.69 1.99 -17.87
C LEU F 181 23.88 0.99 -18.66
N ARG F 182 22.60 1.29 -18.84
CA ARG F 182 21.69 0.43 -19.58
C ARG F 182 20.45 1.25 -19.93
N GLY F 183 19.61 0.71 -20.80
CA GLY F 183 18.42 1.43 -21.20
C GLY F 183 18.37 1.60 -22.70
N LEU F 184 17.19 1.88 -23.22
CA LEU F 184 17.00 2.04 -24.66
C LEU F 184 17.42 3.41 -25.18
N ARG F 185 17.51 4.39 -24.29
CA ARG F 185 17.83 5.74 -24.73
C ARG F 185 18.98 6.41 -23.98
N PHE F 186 19.87 7.02 -24.75
CA PHE F 186 20.99 7.78 -24.20
C PHE F 186 21.11 9.09 -24.97
N ASP F 187 21.56 10.14 -24.29
CA ASP F 187 21.74 11.45 -24.90
C ASP F 187 23.07 11.38 -25.67
N PRO F 188 23.00 11.40 -27.01
CA PRO F 188 24.23 11.33 -27.82
C PRO F 188 25.21 12.48 -27.58
N GLU F 189 24.69 13.66 -27.31
CA GLU F 189 25.55 14.81 -27.06
C GLU F 189 26.29 14.60 -25.74
N ALA F 190 25.61 14.03 -24.75
CA ALA F 190 26.23 13.77 -23.45
C ALA F 190 27.27 12.66 -23.54
N VAL F 191 26.95 11.61 -24.30
CA VAL F 191 27.89 10.50 -24.45
C VAL F 191 29.15 10.98 -25.16
N ALA F 192 28.97 11.80 -26.20
CA ALA F 192 30.09 12.32 -26.95
C ALA F 192 30.94 13.25 -26.07
N ALA F 193 30.27 14.11 -25.30
CA ALA F 193 30.97 15.05 -24.43
C ALA F 193 31.77 14.33 -23.35
N ALA F 194 31.22 13.22 -22.86
CA ALA F 194 31.89 12.43 -21.83
C ALA F 194 33.12 11.74 -22.41
N ARG F 195 32.96 11.06 -23.53
CA ARG F 195 34.07 10.37 -24.16
C ARG F 195 35.14 11.37 -24.57
N ALA F 196 34.71 12.53 -25.07
CA ALA F 196 35.63 13.57 -25.49
C ALA F 196 36.56 13.95 -24.34
N ARG F 197 36.05 13.85 -23.11
CA ARG F 197 36.84 14.19 -21.93
C ARG F 197 37.60 13.01 -21.36
N GLY F 198 37.51 11.86 -22.04
CA GLY F 198 38.22 10.67 -21.59
C GLY F 198 37.52 9.91 -20.49
N HIS F 199 36.27 10.26 -20.21
CA HIS F 199 35.50 9.57 -19.17
C HIS F 199 35.30 8.13 -19.58
N THR F 200 35.36 7.24 -18.60
CA THR F 200 35.20 5.81 -18.83
C THR F 200 33.73 5.41 -18.62
N ILE F 201 33.14 4.84 -19.66
CA ILE F 201 31.76 4.40 -19.59
C ILE F 201 31.71 2.88 -19.65
N ILE F 202 31.22 2.26 -18.58
CA ILE F 202 31.13 0.82 -18.47
C ILE F 202 29.68 0.36 -18.39
N PRO F 203 29.14 -0.11 -19.52
CA PRO F 203 27.75 -0.59 -19.59
C PRO F 203 27.57 -1.80 -18.69
N MET F 204 26.33 -2.01 -18.23
CA MET F 204 26.03 -3.14 -17.37
C MET F 204 26.41 -4.45 -18.08
N ASP F 205 26.41 -4.44 -19.41
CA ASP F 205 26.78 -5.63 -20.15
C ASP F 205 28.21 -6.05 -19.80
N ASP F 206 29.08 -5.07 -19.61
CA ASP F 206 30.48 -5.32 -19.26
C ASP F 206 30.58 -6.00 -17.89
N VAL F 207 29.75 -5.56 -16.95
CA VAL F 207 29.75 -6.11 -15.61
C VAL F 207 29.28 -7.56 -15.63
N THR F 208 28.18 -7.80 -16.34
CA THR F 208 27.62 -9.14 -16.43
C THR F 208 28.57 -10.11 -17.14
N ALA F 209 29.22 -9.63 -18.19
CA ALA F 209 30.15 -10.46 -18.96
C ALA F 209 31.45 -10.76 -18.21
N ASP F 210 32.05 -9.73 -17.63
CA ASP F 210 33.32 -9.89 -16.93
C ASP F 210 33.50 -8.86 -15.81
N LEU F 211 33.00 -9.19 -14.63
CA LEU F 211 33.10 -8.29 -13.47
C LEU F 211 34.56 -8.04 -13.12
N ALA F 212 35.40 -9.07 -13.25
CA ALA F 212 36.82 -8.93 -12.96
C ALA F 212 37.44 -7.85 -13.85
N GLY F 213 37.00 -7.81 -15.10
CA GLY F 213 37.49 -6.81 -16.04
C GLY F 213 37.06 -5.41 -15.68
N VAL F 214 35.84 -5.28 -15.15
CA VAL F 214 35.34 -3.98 -14.75
C VAL F 214 36.19 -3.44 -13.59
N LEU F 215 36.44 -4.29 -12.60
CA LEU F 215 37.23 -3.90 -11.45
C LEU F 215 38.62 -3.47 -11.91
N ALA F 216 39.09 -4.09 -12.99
CA ALA F 216 40.41 -3.78 -13.55
C ALA F 216 40.39 -2.39 -14.18
N GLN F 217 39.20 -1.94 -14.59
CA GLN F 217 39.05 -0.64 -15.22
C GLN F 217 38.89 0.51 -14.21
N LEU F 218 38.86 0.19 -12.92
CA LEU F 218 38.70 1.22 -11.90
C LEU F 218 40.00 1.99 -11.65
N PRO F 219 39.90 3.21 -11.09
CA PRO F 219 41.09 4.02 -10.82
C PRO F 219 42.02 3.41 -9.78
N ARG F 220 43.28 3.80 -9.84
CA ARG F 220 44.29 3.31 -8.90
C ARG F 220 45.13 4.46 -8.35
N GLY F 221 45.24 4.54 -7.04
CA GLY F 221 46.02 5.59 -6.42
C GLY F 221 45.53 7.00 -6.69
N GLN F 222 44.22 7.16 -6.86
CA GLN F 222 43.63 8.46 -7.15
C GLN F 222 42.72 8.94 -6.02
N ASN F 223 42.40 10.22 -6.04
CA ASN F 223 41.48 10.79 -5.05
C ASN F 223 40.12 10.49 -5.69
N VAL F 224 39.32 9.68 -5.02
CA VAL F 224 38.01 9.28 -5.56
C VAL F 224 36.78 9.65 -4.74
N TYR F 225 35.79 10.22 -5.43
CA TYR F 225 34.51 10.59 -4.83
C TYR F 225 33.53 9.57 -5.39
N PHE F 226 32.83 8.87 -4.50
CA PHE F 226 31.84 7.87 -4.90
C PHE F 226 30.47 8.50 -5.05
N SER F 227 29.76 8.16 -6.11
CA SER F 227 28.41 8.66 -6.31
C SER F 227 27.58 7.45 -6.64
N VAL F 228 26.75 7.03 -5.70
CA VAL F 228 25.92 5.86 -5.91
C VAL F 228 24.45 6.18 -6.14
N ASP F 229 24.01 6.00 -7.38
CA ASP F 229 22.61 6.23 -7.74
C ASP F 229 22.01 4.84 -7.53
N VAL F 230 21.01 4.74 -6.65
CA VAL F 230 20.41 3.45 -6.38
C VAL F 230 19.84 2.76 -7.60
N ASP F 231 19.54 3.50 -8.67
CA ASP F 231 18.98 2.83 -9.85
C ASP F 231 20.03 2.08 -10.66
N GLY F 232 21.28 2.15 -10.19
CA GLY F 232 22.33 1.38 -10.84
C GLY F 232 22.06 -0.08 -10.50
N PHE F 233 21.41 -0.31 -9.36
CA PHE F 233 21.10 -1.67 -8.93
C PHE F 233 19.83 -2.16 -9.63
N ASP F 234 19.72 -3.47 -9.77
CA ASP F 234 18.56 -4.08 -10.42
C ASP F 234 17.29 -3.73 -9.64
N PRO F 235 16.23 -3.32 -10.34
CA PRO F 235 14.94 -2.94 -9.74
C PRO F 235 14.34 -4.03 -8.85
N ALA F 236 14.69 -5.28 -9.12
CA ALA F 236 14.18 -6.39 -8.32
C ALA F 236 14.82 -6.30 -6.94
N VAL F 237 16.07 -5.84 -6.91
CA VAL F 237 16.80 -5.68 -5.65
C VAL F 237 16.41 -4.39 -4.93
N ILE F 238 16.50 -3.26 -5.65
CA ILE F 238 16.16 -1.94 -5.11
C ILE F 238 15.07 -1.29 -6.00
N PRO F 239 13.79 -1.66 -5.77
CA PRO F 239 12.70 -1.11 -6.57
C PRO F 239 12.35 0.34 -6.22
N GLY F 240 12.75 0.78 -5.04
CA GLY F 240 12.44 2.13 -4.59
C GLY F 240 13.28 3.22 -5.22
N THR F 241 12.94 3.57 -6.45
CA THR F 241 13.63 4.64 -7.17
C THR F 241 12.70 5.13 -8.29
N SER F 242 12.86 6.38 -8.71
CA SER F 242 12.00 6.95 -9.73
C SER F 242 11.98 6.28 -11.12
N SER F 243 13.15 6.14 -11.72
CA SER F 243 13.26 5.58 -13.06
C SER F 243 14.07 4.29 -13.15
N PRO F 244 13.46 3.16 -12.76
CA PRO F 244 14.14 1.87 -12.80
C PRO F 244 14.41 1.35 -14.22
N GLU F 245 15.52 0.62 -14.36
CA GLU F 245 15.89 0.03 -15.64
C GLU F 245 16.21 -1.43 -15.29
N PRO F 246 15.63 -2.38 -16.03
CA PRO F 246 15.88 -3.80 -15.74
C PRO F 246 17.31 -4.28 -15.96
N ASP F 247 17.63 -5.43 -15.35
CA ASP F 247 18.94 -6.06 -15.46
C ASP F 247 20.08 -5.19 -14.97
N GLY F 248 20.01 -4.82 -13.69
CA GLY F 248 21.04 -3.97 -13.11
C GLY F 248 21.96 -4.73 -12.19
N LEU F 249 22.73 -4.00 -11.41
CA LEU F 249 23.69 -4.58 -10.48
C LEU F 249 23.01 -5.30 -9.33
N THR F 250 23.61 -6.39 -8.88
CA THR F 250 23.09 -7.10 -7.71
C THR F 250 23.75 -6.30 -6.59
N TYR F 251 23.28 -6.46 -5.36
CA TYR F 251 23.89 -5.75 -4.26
C TYR F 251 25.38 -6.12 -4.25
N ALA F 252 25.66 -7.42 -4.33
CA ALA F 252 27.02 -7.93 -4.33
C ALA F 252 27.93 -7.32 -5.40
N GLN F 253 27.43 -7.19 -6.62
CA GLN F 253 28.25 -6.62 -7.69
C GLN F 253 28.58 -5.16 -7.42
N GLY F 254 27.56 -4.41 -7.02
CA GLY F 254 27.80 -3.00 -6.73
C GLY F 254 28.78 -2.83 -5.59
N MET F 255 28.62 -3.65 -4.56
CA MET F 255 29.51 -3.58 -3.41
C MET F 255 30.94 -3.99 -3.79
N LYS F 256 31.06 -5.03 -4.62
CA LYS F 256 32.37 -5.47 -5.06
C LYS F 256 33.12 -4.33 -5.75
N ILE F 257 32.39 -3.55 -6.55
CA ILE F 257 33.00 -2.42 -7.26
C ILE F 257 33.45 -1.37 -6.27
N LEU F 258 32.57 -1.00 -5.35
CA LEU F 258 32.90 0.00 -4.34
C LEU F 258 34.08 -0.48 -3.50
N ALA F 259 34.02 -1.74 -3.08
CA ALA F 259 35.07 -2.33 -2.26
C ALA F 259 36.43 -2.25 -2.96
N ALA F 260 36.45 -2.58 -4.24
CA ALA F 260 37.70 -2.54 -5.02
C ALA F 260 38.28 -1.14 -5.10
N ALA F 261 37.45 -0.16 -5.45
CA ALA F 261 37.92 1.20 -5.56
C ALA F 261 38.40 1.72 -4.21
N ALA F 262 37.69 1.37 -3.15
CA ALA F 262 38.05 1.81 -1.80
C ALA F 262 39.41 1.26 -1.36
N ALA F 263 39.77 0.08 -1.82
CA ALA F 263 41.03 -0.53 -1.43
C ALA F 263 42.23 0.00 -2.20
N ASN F 264 41.99 0.59 -3.36
CA ASN F 264 43.07 1.10 -4.18
C ASN F 264 43.12 2.62 -4.37
N ASN F 265 42.32 3.36 -3.62
CA ASN F 265 42.28 4.81 -3.79
C ASN F 265 42.02 5.57 -2.49
N THR F 266 42.17 6.88 -2.56
CA THR F 266 41.91 7.75 -1.41
C THR F 266 40.46 8.20 -1.59
N VAL F 267 39.56 7.67 -0.76
CA VAL F 267 38.14 8.03 -0.86
C VAL F 267 37.89 9.35 -0.13
N VAL F 268 37.49 10.37 -0.89
CA VAL F 268 37.25 11.68 -0.32
C VAL F 268 35.81 11.96 0.06
N GLY F 269 34.90 11.08 -0.34
CA GLY F 269 33.50 11.28 -0.01
C GLY F 269 32.59 10.35 -0.78
N LEU F 270 31.32 10.31 -0.39
CA LEU F 270 30.36 9.46 -1.06
C LEU F 270 28.95 10.02 -0.95
N ASP F 271 28.18 9.93 -2.03
CA ASP F 271 26.80 10.37 -1.96
C ASP F 271 25.95 9.16 -2.36
N LEU F 272 24.74 9.10 -1.82
CA LEU F 272 23.81 8.01 -2.07
C LEU F 272 22.54 8.74 -2.52
N VAL F 273 22.20 8.61 -3.80
CA VAL F 273 21.06 9.34 -4.37
C VAL F 273 19.97 8.51 -5.06
N GLU F 274 18.85 9.18 -5.32
CA GLU F 274 17.69 8.62 -6.00
C GLU F 274 16.88 7.54 -5.27
N LEU F 275 17.15 7.36 -3.98
CA LEU F 275 16.38 6.37 -3.22
C LEU F 275 14.99 7.00 -3.05
N ALA F 276 13.95 6.22 -3.30
CA ALA F 276 12.57 6.69 -3.16
C ALA F 276 11.81 5.69 -2.27
N PRO F 277 11.88 5.89 -0.94
CA PRO F 277 11.23 5.02 0.05
C PRO F 277 9.75 4.77 -0.21
N ASN F 278 9.06 5.83 -0.63
CA ASN F 278 7.64 5.78 -0.90
C ASN F 278 7.26 4.85 -2.04
N LEU F 279 8.26 4.44 -2.83
CA LEU F 279 8.01 3.56 -3.96
C LEU F 279 8.32 2.09 -3.66
N ASP F 280 8.74 1.81 -2.43
CA ASP F 280 9.04 0.44 -2.02
C ASP F 280 8.43 0.18 -0.65
N PRO F 281 7.17 -0.27 -0.61
CA PRO F 281 6.51 -0.55 0.66
C PRO F 281 7.11 -1.72 1.45
N THR F 282 7.99 -2.50 0.85
CA THR F 282 8.60 -3.61 1.58
C THR F 282 9.74 -3.08 2.44
N GLY F 283 10.18 -1.87 2.14
CA GLY F 283 11.26 -1.25 2.89
C GLY F 283 12.65 -1.81 2.64
N ARG F 284 12.79 -2.82 1.78
CA ARG F 284 14.11 -3.39 1.55
C ARG F 284 15.07 -2.42 0.86
N SER F 285 14.53 -1.50 0.08
CA SER F 285 15.38 -0.55 -0.63
C SER F 285 16.22 0.28 0.34
N GLU F 286 15.59 0.90 1.34
CA GLU F 286 16.36 1.70 2.28
C GLU F 286 17.24 0.86 3.20
N LEU F 287 16.79 -0.35 3.52
CA LEU F 287 17.60 -1.21 4.39
C LEU F 287 18.89 -1.64 3.68
N LEU F 288 18.76 -2.10 2.43
CA LEU F 288 19.96 -2.52 1.69
C LEU F 288 20.90 -1.36 1.36
N MET F 289 20.34 -0.21 1.02
CA MET F 289 21.19 0.93 0.68
C MET F 289 21.89 1.51 1.90
N ALA F 290 21.25 1.46 3.06
CA ALA F 290 21.86 1.96 4.28
C ALA F 290 23.03 1.02 4.60
N ARG F 291 22.80 -0.28 4.40
CA ARG F 291 23.86 -1.25 4.65
C ARG F 291 25.01 -1.05 3.66
N LEU F 292 24.67 -0.69 2.42
CA LEU F 292 25.68 -0.47 1.40
C LEU F 292 26.64 0.64 1.82
N VAL F 293 26.09 1.73 2.34
CA VAL F 293 26.90 2.85 2.79
C VAL F 293 27.83 2.41 3.91
N MET F 294 27.28 1.68 4.88
CA MET F 294 28.07 1.21 6.02
C MET F 294 29.15 0.24 5.59
N GLU F 295 28.81 -0.69 4.69
CA GLU F 295 29.79 -1.66 4.23
C GLU F 295 30.90 -0.96 3.44
N THR F 296 30.55 0.10 2.70
CA THR F 296 31.55 0.83 1.94
C THR F 296 32.54 1.47 2.90
N LEU F 297 32.02 2.04 3.98
CA LEU F 297 32.87 2.68 4.99
C LEU F 297 33.78 1.64 5.61
N CYS F 298 33.26 0.43 5.84
CA CYS F 298 34.06 -0.65 6.41
C CYS F 298 35.31 -0.85 5.56
N GLU F 299 35.08 -0.96 4.26
CA GLU F 299 36.15 -1.17 3.29
C GLU F 299 37.14 -0.01 3.28
N VAL F 300 36.61 1.21 3.28
CA VAL F 300 37.43 2.41 3.25
C VAL F 300 38.42 2.43 4.41
N PHE F 301 37.92 2.32 5.64
CA PHE F 301 38.79 2.36 6.79
C PHE F 301 39.61 1.09 7.04
N ASP F 302 39.23 -0.02 6.42
CA ASP F 302 39.97 -1.25 6.61
C ASP F 302 41.21 -1.31 5.70
N HIS F 303 41.35 -0.32 4.81
CA HIS F 303 42.48 -0.28 3.89
C HIS F 303 43.07 1.09 3.60
N VAL F 304 42.69 2.12 4.36
CA VAL F 304 43.21 3.46 4.10
C VAL F 304 44.71 3.62 4.37
N LEU F 305 45.34 4.43 3.53
CA LEU F 305 46.77 4.73 3.62
C LEU F 305 47.06 5.53 4.87
MN MN G . -4.47 26.05 -1.01
MN MN H . -4.71 24.14 1.30
MN MN I . -25.90 -2.46 -4.89
MN MN J . -24.32 -0.04 -4.55
MN MN K . -7.10 1.90 25.35
MN MN L . -8.82 1.60 23.04
MN MN M . 16.23 -17.28 11.90
MN MN N . 16.94 -15.07 9.91
MN MN O . -0.80 -17.52 -19.76
MN MN P . 0.73 -17.73 -17.21
MN MN Q . 21.90 9.32 -11.60
MN MN R . 20.10 7.04 -12.45
#